data_7FVF
# 
_entry.id   7FVF 
# 
_audit_conform.dict_name       mmcif_pdbx.dic 
_audit_conform.dict_version    5.392 
_audit_conform.dict_location   http://mmcif.pdb.org/dictionaries/ascii/mmcif_pdbx.dic 
# 
loop_
_database_2.database_id 
_database_2.database_code 
_database_2.pdbx_database_accession 
_database_2.pdbx_DOI 
PDB   7FVF         pdb_00007fvf 10.2210/pdb7fvf/pdb 
WWPDB D_1001405396 ?            ?                   
# 
loop_
_pdbx_audit_revision_history.ordinal 
_pdbx_audit_revision_history.data_content_type 
_pdbx_audit_revision_history.major_revision 
_pdbx_audit_revision_history.minor_revision 
_pdbx_audit_revision_history.revision_date 
1 'Structure model' 1 0 2023-03-29 
2 'Structure model' 1 1 2024-05-22 
# 
_pdbx_audit_revision_details.ordinal             1 
_pdbx_audit_revision_details.revision_ordinal    1 
_pdbx_audit_revision_details.data_content_type   'Structure model' 
_pdbx_audit_revision_details.provider            repository 
_pdbx_audit_revision_details.type                'Initial release' 
_pdbx_audit_revision_details.description         ? 
_pdbx_audit_revision_details.details             ? 
# 
_pdbx_audit_revision_group.ordinal             1 
_pdbx_audit_revision_group.revision_ordinal    2 
_pdbx_audit_revision_group.data_content_type   'Structure model' 
_pdbx_audit_revision_group.group               'Data collection' 
# 
loop_
_pdbx_audit_revision_category.ordinal 
_pdbx_audit_revision_category.revision_ordinal 
_pdbx_audit_revision_category.data_content_type 
_pdbx_audit_revision_category.category 
1 2 'Structure model' chem_comp_atom 
2 2 'Structure model' chem_comp_bond 
# 
_pdbx_database_status.entry_id                        7FVF 
_pdbx_database_status.status_code                     REL 
_pdbx_database_status.status_code_sf                  REL 
_pdbx_database_status.status_code_mr                  ? 
_pdbx_database_status.status_code_cs                  ? 
_pdbx_database_status.recvd_initial_deposition_date   2023-03-09 
_pdbx_database_status.status_code_nmr_data            ? 
_pdbx_database_status.deposit_site                    RCSB 
_pdbx_database_status.process_site                    RCSB 
_pdbx_database_status.SG_entry                        ? 
_pdbx_database_status.pdb_format_compatible           Y 
_pdbx_database_status.methods_development_category    ? 
# 
_pdbx_contact_author.id                 1 
_pdbx_contact_author.email              frank.von-delft@diamond.ac.uk 
_pdbx_contact_author.name_first         Frank 
_pdbx_contact_author.name_last          'von Delft' 
_pdbx_contact_author.role               'principal investigator/group leader' 
_pdbx_contact_author.identifier_ORCID   0000-0003-0378-0017 
_pdbx_contact_author.name_mi            ? 
# 
loop_
_audit_author.name 
_audit_author.pdbx_ordinal 
'Grosjean, H.'   1 
'Tomlinson, C.'  2 
'Bradshaw, W.J.' 3 
'Koekemoer, L.'  4 
'Krojer, T.'     5 
'Fearon, D.'     6 
'Biggin, P.C.'   7 
'von Delft, F.'  8 
# 
_citation.id                        primary 
_citation.title                     'PanDDA analysis group deposition' 
_citation.journal_abbrev            'To Be Published' 
_citation.journal_volume            ? 
_citation.page_first                ? 
_citation.page_last                 ? 
_citation.year                      ? 
_citation.journal_id_ASTM           ? 
_citation.country                   ? 
_citation.journal_id_ISSN           ? 
_citation.journal_id_CSD            0353 
_citation.book_publisher            ? 
_citation.pdbx_database_id_PubMed   ? 
_citation.pdbx_database_id_DOI      ? 
# 
loop_
_citation_author.citation_id 
_citation_author.name 
_citation_author.identifier_ORCID 
_citation_author.ordinal 
primary 'Grosjean, H.'   ? 1 
primary 'Tomlinson, C.'  ? 2 
primary 'Bradshaw, W.J.' ? 3 
primary 'Koekemoer, L.'  ? 4 
primary 'Krojer, T.'     ? 5 
primary 'Fearon, D.'     ? 6 
primary 'Biggin, P.C.'   ? 7 
primary 'von Delft, F.'  ? 8 
# 
loop_
_entity.id 
_entity.type 
_entity.src_method 
_entity.pdbx_description 
_entity.formula_weight 
_entity.pdbx_number_of_molecules 
_entity.pdbx_ec 
_entity.pdbx_mutation 
_entity.pdbx_fragment 
_entity.details 
1 polymer     man 'PH-interacting protein'                                17627.859 1   ? ? ? ? 
2 non-polymer syn 'N-benzyl-4-(furan-2-carbonyl)piperazine-1-carboxamide' 313.351   1   ? ? ? ? 
3 water       nat water                                                   18.015    188 ? ? ? ? 
# 
_entity_name_com.entity_id   1 
_entity_name_com.name        
'PHIP,DDB1- and CUL4-associated factor 14,IRS-1 PH domain-binding protein,WD repeat-containing protein 11' 
# 
_entity_poly.entity_id                      1 
_entity_poly.type                           'polypeptide(L)' 
_entity_poly.nstd_linkage                   no 
_entity_poly.nstd_monomer                   no 
_entity_poly.pdbx_seq_one_letter_code       
;MHHHHHHSSGVDLGTENLYFQSMSYDIQAWKKQCEELLNLIFQCEDSEPFRQPVDLLEYPDYRDIIDTPMDFATVRETLE
AGNYESPMELCKDVRLIFSNSKAYTPSKRSRIYSMSLRLSAFFEEHISSVLSDYKSALRFHKRNTITKR
;
_entity_poly.pdbx_seq_one_letter_code_can   
;MHHHHHHSSGVDLGTENLYFQSMSYDIQAWKKQCEELLNLIFQCEDSEPFRQPVDLLEYPDYRDIIDTPMDFATVRETLE
AGNYESPMELCKDVRLIFSNSKAYTPSKRSRIYSMSLRLSAFFEEHISSVLSDYKSALRFHKRNTITKR
;
_entity_poly.pdbx_strand_id                 A 
_entity_poly.pdbx_target_identifier         ? 
# 
loop_
_pdbx_entity_nonpoly.entity_id 
_pdbx_entity_nonpoly.name 
_pdbx_entity_nonpoly.comp_id 
2 'N-benzyl-4-(furan-2-carbonyl)piperazine-1-carboxamide' ZMW 
3 water                                                   HOH 
# 
loop_
_entity_poly_seq.entity_id 
_entity_poly_seq.num 
_entity_poly_seq.mon_id 
_entity_poly_seq.hetero 
1 1   MET n 
1 2   HIS n 
1 3   HIS n 
1 4   HIS n 
1 5   HIS n 
1 6   HIS n 
1 7   HIS n 
1 8   SER n 
1 9   SER n 
1 10  GLY n 
1 11  VAL n 
1 12  ASP n 
1 13  LEU n 
1 14  GLY n 
1 15  THR n 
1 16  GLU n 
1 17  ASN n 
1 18  LEU n 
1 19  TYR n 
1 20  PHE n 
1 21  GLN n 
1 22  SER n 
1 23  MET n 
1 24  SER n 
1 25  TYR n 
1 26  ASP n 
1 27  ILE n 
1 28  GLN n 
1 29  ALA n 
1 30  TRP n 
1 31  LYS n 
1 32  LYS n 
1 33  GLN n 
1 34  CYS n 
1 35  GLU n 
1 36  GLU n 
1 37  LEU n 
1 38  LEU n 
1 39  ASN n 
1 40  LEU n 
1 41  ILE n 
1 42  PHE n 
1 43  GLN n 
1 44  CYS n 
1 45  GLU n 
1 46  ASP n 
1 47  SER n 
1 48  GLU n 
1 49  PRO n 
1 50  PHE n 
1 51  ARG n 
1 52  GLN n 
1 53  PRO n 
1 54  VAL n 
1 55  ASP n 
1 56  LEU n 
1 57  LEU n 
1 58  GLU n 
1 59  TYR n 
1 60  PRO n 
1 61  ASP n 
1 62  TYR n 
1 63  ARG n 
1 64  ASP n 
1 65  ILE n 
1 66  ILE n 
1 67  ASP n 
1 68  THR n 
1 69  PRO n 
1 70  MET n 
1 71  ASP n 
1 72  PHE n 
1 73  ALA n 
1 74  THR n 
1 75  VAL n 
1 76  ARG n 
1 77  GLU n 
1 78  THR n 
1 79  LEU n 
1 80  GLU n 
1 81  ALA n 
1 82  GLY n 
1 83  ASN n 
1 84  TYR n 
1 85  GLU n 
1 86  SER n 
1 87  PRO n 
1 88  MET n 
1 89  GLU n 
1 90  LEU n 
1 91  CYS n 
1 92  LYS n 
1 93  ASP n 
1 94  VAL n 
1 95  ARG n 
1 96  LEU n 
1 97  ILE n 
1 98  PHE n 
1 99  SER n 
1 100 ASN n 
1 101 SER n 
1 102 LYS n 
1 103 ALA n 
1 104 TYR n 
1 105 THR n 
1 106 PRO n 
1 107 SER n 
1 108 LYS n 
1 109 ARG n 
1 110 SER n 
1 111 ARG n 
1 112 ILE n 
1 113 TYR n 
1 114 SER n 
1 115 MET n 
1 116 SER n 
1 117 LEU n 
1 118 ARG n 
1 119 LEU n 
1 120 SER n 
1 121 ALA n 
1 122 PHE n 
1 123 PHE n 
1 124 GLU n 
1 125 GLU n 
1 126 HIS n 
1 127 ILE n 
1 128 SER n 
1 129 SER n 
1 130 VAL n 
1 131 LEU n 
1 132 SER n 
1 133 ASP n 
1 134 TYR n 
1 135 LYS n 
1 136 SER n 
1 137 ALA n 
1 138 LEU n 
1 139 ARG n 
1 140 PHE n 
1 141 HIS n 
1 142 LYS n 
1 143 ARG n 
1 144 ASN n 
1 145 THR n 
1 146 ILE n 
1 147 THR n 
1 148 LYS n 
1 149 ARG n 
# 
_entity_src_gen.entity_id                          1 
_entity_src_gen.pdbx_src_id                        1 
_entity_src_gen.pdbx_alt_source_flag               sample 
_entity_src_gen.pdbx_seq_type                      'Biological sequence' 
_entity_src_gen.pdbx_beg_seq_num                   1 
_entity_src_gen.pdbx_end_seq_num                   149 
_entity_src_gen.gene_src_common_name               human 
_entity_src_gen.gene_src_genus                     ? 
_entity_src_gen.pdbx_gene_src_gene                 'PHIP, DCAF14, WDR11' 
_entity_src_gen.gene_src_species                   ? 
_entity_src_gen.gene_src_strain                    ? 
_entity_src_gen.gene_src_tissue                    ? 
_entity_src_gen.gene_src_tissue_fraction           ? 
_entity_src_gen.gene_src_details                   ? 
_entity_src_gen.pdbx_gene_src_fragment             ? 
_entity_src_gen.pdbx_gene_src_scientific_name      'Homo sapiens' 
_entity_src_gen.pdbx_gene_src_ncbi_taxonomy_id     9606 
_entity_src_gen.pdbx_gene_src_variant              ? 
_entity_src_gen.pdbx_gene_src_cell_line            ? 
_entity_src_gen.pdbx_gene_src_atcc                 ? 
_entity_src_gen.pdbx_gene_src_organ                ? 
_entity_src_gen.pdbx_gene_src_organelle            ? 
_entity_src_gen.pdbx_gene_src_cell                 ? 
_entity_src_gen.pdbx_gene_src_cellular_location    ? 
_entity_src_gen.host_org_common_name               ? 
_entity_src_gen.pdbx_host_org_scientific_name      'Escherichia coli' 
_entity_src_gen.pdbx_host_org_ncbi_taxonomy_id     562 
_entity_src_gen.host_org_genus                     ? 
_entity_src_gen.pdbx_host_org_gene                 ? 
_entity_src_gen.pdbx_host_org_organ                ? 
_entity_src_gen.host_org_species                   ? 
_entity_src_gen.pdbx_host_org_tissue               ? 
_entity_src_gen.pdbx_host_org_tissue_fraction      ? 
_entity_src_gen.pdbx_host_org_strain               ? 
_entity_src_gen.pdbx_host_org_variant              ? 
_entity_src_gen.pdbx_host_org_cell_line            ? 
_entity_src_gen.pdbx_host_org_atcc                 ? 
_entity_src_gen.pdbx_host_org_culture_collection   ? 
_entity_src_gen.pdbx_host_org_cell                 ? 
_entity_src_gen.pdbx_host_org_organelle            ? 
_entity_src_gen.pdbx_host_org_cellular_location    ? 
_entity_src_gen.pdbx_host_org_vector_type          ? 
_entity_src_gen.pdbx_host_org_vector               ? 
_entity_src_gen.host_org_details                   ? 
_entity_src_gen.expression_system_id               ? 
_entity_src_gen.plasmid_name                       ? 
_entity_src_gen.plasmid_details                    ? 
_entity_src_gen.pdbx_description                   ? 
# 
loop_
_chem_comp.id 
_chem_comp.type 
_chem_comp.mon_nstd_flag 
_chem_comp.name 
_chem_comp.pdbx_synonyms 
_chem_comp.formula 
_chem_comp.formula_weight 
ALA 'L-peptide linking' y ALANINE                                                 ? 'C3 H7 N O2'     89.093  
ARG 'L-peptide linking' y ARGININE                                                ? 'C6 H15 N4 O2 1' 175.209 
ASN 'L-peptide linking' y ASPARAGINE                                              ? 'C4 H8 N2 O3'    132.118 
ASP 'L-peptide linking' y 'ASPARTIC ACID'                                         ? 'C4 H7 N O4'     133.103 
CYS 'L-peptide linking' y CYSTEINE                                                ? 'C3 H7 N O2 S'   121.158 
GLN 'L-peptide linking' y GLUTAMINE                                               ? 'C5 H10 N2 O3'   146.144 
GLU 'L-peptide linking' y 'GLUTAMIC ACID'                                         ? 'C5 H9 N O4'     147.129 
GLY 'peptide linking'   y GLYCINE                                                 ? 'C2 H5 N O2'     75.067  
HIS 'L-peptide linking' y HISTIDINE                                               ? 'C6 H10 N3 O2 1' 156.162 
HOH non-polymer         . WATER                                                   ? 'H2 O'           18.015  
ILE 'L-peptide linking' y ISOLEUCINE                                              ? 'C6 H13 N O2'    131.173 
LEU 'L-peptide linking' y LEUCINE                                                 ? 'C6 H13 N O2'    131.173 
LYS 'L-peptide linking' y LYSINE                                                  ? 'C6 H15 N2 O2 1' 147.195 
MET 'L-peptide linking' y METHIONINE                                              ? 'C5 H11 N O2 S'  149.211 
PHE 'L-peptide linking' y PHENYLALANINE                                           ? 'C9 H11 N O2'    165.189 
PRO 'L-peptide linking' y PROLINE                                                 ? 'C5 H9 N O2'     115.130 
SER 'L-peptide linking' y SERINE                                                  ? 'C3 H7 N O3'     105.093 
THR 'L-peptide linking' y THREONINE                                               ? 'C4 H9 N O3'     119.119 
TRP 'L-peptide linking' y TRYPTOPHAN                                              ? 'C11 H12 N2 O2'  204.225 
TYR 'L-peptide linking' y TYROSINE                                                ? 'C9 H11 N O3'    181.189 
VAL 'L-peptide linking' y VALINE                                                  ? 'C5 H11 N O2'    117.146 
ZMW non-polymer         . 'N-benzyl-4-(furan-2-carbonyl)piperazine-1-carboxamide' ? 'C17 H19 N3 O3'  313.351 
# 
loop_
_pdbx_poly_seq_scheme.asym_id 
_pdbx_poly_seq_scheme.entity_id 
_pdbx_poly_seq_scheme.seq_id 
_pdbx_poly_seq_scheme.mon_id 
_pdbx_poly_seq_scheme.ndb_seq_num 
_pdbx_poly_seq_scheme.pdb_seq_num 
_pdbx_poly_seq_scheme.auth_seq_num 
_pdbx_poly_seq_scheme.pdb_mon_id 
_pdbx_poly_seq_scheme.auth_mon_id 
_pdbx_poly_seq_scheme.pdb_strand_id 
_pdbx_poly_seq_scheme.pdb_ins_code 
_pdbx_poly_seq_scheme.hetero 
A 1 1   MET 1   1292 ?    ?   ?   A . n 
A 1 2   HIS 2   1293 ?    ?   ?   A . n 
A 1 3   HIS 3   1294 ?    ?   ?   A . n 
A 1 4   HIS 4   1295 ?    ?   ?   A . n 
A 1 5   HIS 5   1296 ?    ?   ?   A . n 
A 1 6   HIS 6   1297 ?    ?   ?   A . n 
A 1 7   HIS 7   1298 ?    ?   ?   A . n 
A 1 8   SER 8   1299 ?    ?   ?   A . n 
A 1 9   SER 9   1300 ?    ?   ?   A . n 
A 1 10  GLY 10  1301 ?    ?   ?   A . n 
A 1 11  VAL 11  1302 ?    ?   ?   A . n 
A 1 12  ASP 12  1303 ?    ?   ?   A . n 
A 1 13  LEU 13  1304 ?    ?   ?   A . n 
A 1 14  GLY 14  1305 ?    ?   ?   A . n 
A 1 15  THR 15  1306 ?    ?   ?   A . n 
A 1 16  GLU 16  1307 ?    ?   ?   A . n 
A 1 17  ASN 17  1308 ?    ?   ?   A . n 
A 1 18  LEU 18  1309 ?    ?   ?   A . n 
A 1 19  TYR 19  1310 ?    ?   ?   A . n 
A 1 20  PHE 20  1311 ?    ?   ?   A . n 
A 1 21  GLN 21  1312 ?    ?   ?   A . n 
A 1 22  SER 22  1313 ?    ?   ?   A . n 
A 1 23  MET 23  1314 ?    ?   ?   A . n 
A 1 24  SER 24  1315 1315 SER SER A . n 
A 1 25  TYR 25  1316 1316 TYR TYR A . n 
A 1 26  ASP 26  1317 1317 ASP ASP A . n 
A 1 27  ILE 27  1318 1318 ILE ILE A . n 
A 1 28  GLN 28  1319 1319 GLN GLN A . n 
A 1 29  ALA 29  1320 1320 ALA ALA A . n 
A 1 30  TRP 30  1321 1321 TRP TRP A . n 
A 1 31  LYS 31  1322 1322 LYS LYS A . n 
A 1 32  LYS 32  1323 1323 LYS LYS A . n 
A 1 33  GLN 33  1324 1324 GLN GLN A . n 
A 1 34  CYS 34  1325 1325 CYS CYS A . n 
A 1 35  GLU 35  1326 1326 GLU GLU A . n 
A 1 36  GLU 36  1327 1327 GLU GLU A . n 
A 1 37  LEU 37  1328 1328 LEU LEU A . n 
A 1 38  LEU 38  1329 1329 LEU LEU A . n 
A 1 39  ASN 39  1330 1330 ASN ASN A . n 
A 1 40  LEU 40  1331 1331 LEU LEU A . n 
A 1 41  ILE 41  1332 1332 ILE ILE A . n 
A 1 42  PHE 42  1333 1333 PHE PHE A . n 
A 1 43  GLN 43  1334 1334 GLN GLN A . n 
A 1 44  CYS 44  1335 1335 CYS CYS A . n 
A 1 45  GLU 45  1336 1336 GLU GLU A . n 
A 1 46  ASP 46  1337 1337 ASP ASP A . n 
A 1 47  SER 47  1338 1338 SER SER A . n 
A 1 48  GLU 48  1339 1339 GLU GLU A . n 
A 1 49  PRO 49  1340 1340 PRO PRO A . n 
A 1 50  PHE 50  1341 1341 PHE PHE A . n 
A 1 51  ARG 51  1342 1342 ARG ARG A . n 
A 1 52  GLN 52  1343 1343 GLN GLN A . n 
A 1 53  PRO 53  1344 1344 PRO PRO A . n 
A 1 54  VAL 54  1345 1345 VAL VAL A . n 
A 1 55  ASP 55  1346 1346 ASP ASP A . n 
A 1 56  LEU 56  1347 1347 LEU LEU A . n 
A 1 57  LEU 57  1348 1348 LEU LEU A . n 
A 1 58  GLU 58  1349 1349 GLU GLU A . n 
A 1 59  TYR 59  1350 1350 TYR TYR A . n 
A 1 60  PRO 60  1351 1351 PRO PRO A . n 
A 1 61  ASP 61  1352 1352 ASP ASP A . n 
A 1 62  TYR 62  1353 1353 TYR TYR A . n 
A 1 63  ARG 63  1354 1354 ARG ARG A . n 
A 1 64  ASP 64  1355 1355 ASP ASP A . n 
A 1 65  ILE 65  1356 1356 ILE ILE A . n 
A 1 66  ILE 66  1357 1357 ILE ILE A . n 
A 1 67  ASP 67  1358 1358 ASP ASP A . n 
A 1 68  THR 68  1359 1359 THR THR A . n 
A 1 69  PRO 69  1360 1360 PRO PRO A . n 
A 1 70  MET 70  1361 1361 MET MET A . n 
A 1 71  ASP 71  1362 1362 ASP ASP A . n 
A 1 72  PHE 72  1363 1363 PHE PHE A . n 
A 1 73  ALA 73  1364 1364 ALA ALA A . n 
A 1 74  THR 74  1365 1365 THR THR A . n 
A 1 75  VAL 75  1366 1366 VAL VAL A . n 
A 1 76  ARG 76  1367 1367 ARG ARG A . n 
A 1 77  GLU 77  1368 1368 GLU GLU A . n 
A 1 78  THR 78  1369 1369 THR THR A . n 
A 1 79  LEU 79  1370 1370 LEU LEU A . n 
A 1 80  GLU 80  1371 1371 GLU GLU A . n 
A 1 81  ALA 81  1372 1372 ALA ALA A . n 
A 1 82  GLY 82  1373 1373 GLY GLY A . n 
A 1 83  ASN 83  1374 1374 ASN ASN A . n 
A 1 84  TYR 84  1375 1375 TYR TYR A . n 
A 1 85  GLU 85  1376 1376 GLU GLU A . n 
A 1 86  SER 86  1377 1377 SER SER A . n 
A 1 87  PRO 87  1378 1378 PRO PRO A . n 
A 1 88  MET 88  1379 1379 MET MET A . n 
A 1 89  GLU 89  1380 1380 GLU GLU A . n 
A 1 90  LEU 90  1381 1381 LEU LEU A . n 
A 1 91  CYS 91  1382 1382 CYS CYS A . n 
A 1 92  LYS 92  1383 1383 LYS LYS A . n 
A 1 93  ASP 93  1384 1384 ASP ASP A . n 
A 1 94  VAL 94  1385 1385 VAL VAL A . n 
A 1 95  ARG 95  1386 1386 ARG ARG A . n 
A 1 96  LEU 96  1387 1387 LEU LEU A . n 
A 1 97  ILE 97  1388 1388 ILE ILE A . n 
A 1 98  PHE 98  1389 1389 PHE PHE A . n 
A 1 99  SER 99  1390 1390 SER SER A . n 
A 1 100 ASN 100 1391 1391 ASN ASN A . n 
A 1 101 SER 101 1392 1392 SER SER A . n 
A 1 102 LYS 102 1393 1393 LYS LYS A . n 
A 1 103 ALA 103 1394 1394 ALA ALA A . n 
A 1 104 TYR 104 1395 1395 TYR TYR A . n 
A 1 105 THR 105 1396 1396 THR THR A . n 
A 1 106 PRO 106 1397 1397 PRO PRO A . n 
A 1 107 SER 107 1398 1398 SER SER A . n 
A 1 108 LYS 108 1399 1399 LYS LYS A . n 
A 1 109 ARG 109 1400 1400 ARG ARG A . n 
A 1 110 SER 110 1401 1401 SER SER A . n 
A 1 111 ARG 111 1402 1402 ARG ARG A . n 
A 1 112 ILE 112 1403 1403 ILE ILE A . n 
A 1 113 TYR 113 1404 1404 TYR TYR A . n 
A 1 114 SER 114 1405 1405 SER SER A . n 
A 1 115 MET 115 1406 1406 MET MET A . n 
A 1 116 SER 116 1407 1407 SER SER A . n 
A 1 117 LEU 117 1408 1408 LEU LEU A . n 
A 1 118 ARG 118 1409 1409 ARG ARG A . n 
A 1 119 LEU 119 1410 1410 LEU LEU A . n 
A 1 120 SER 120 1411 1411 SER SER A . n 
A 1 121 ALA 121 1412 1412 ALA ALA A . n 
A 1 122 PHE 122 1413 1413 PHE PHE A . n 
A 1 123 PHE 123 1414 1414 PHE PHE A . n 
A 1 124 GLU 124 1415 1415 GLU GLU A . n 
A 1 125 GLU 125 1416 1416 GLU GLU A . n 
A 1 126 HIS 126 1417 1417 HIS HIS A . n 
A 1 127 ILE 127 1418 1418 ILE ILE A . n 
A 1 128 SER 128 1419 1419 SER SER A . n 
A 1 129 SER 129 1420 1420 SER SER A . n 
A 1 130 VAL 130 1421 1421 VAL VAL A . n 
A 1 131 LEU 131 1422 1422 LEU LEU A . n 
A 1 132 SER 132 1423 1423 SER SER A . n 
A 1 133 ASP 133 1424 1424 ASP ASP A . n 
A 1 134 TYR 134 1425 1425 TYR TYR A . n 
A 1 135 LYS 135 1426 1426 LYS LYS A . n 
A 1 136 SER 136 1427 1427 SER SER A . n 
A 1 137 ALA 137 1428 1428 ALA ALA A . n 
A 1 138 LEU 138 1429 1429 LEU LEU A . n 
A 1 139 ARG 139 1430 1430 ARG ARG A . n 
A 1 140 PHE 140 1431 1431 PHE PHE A . n 
A 1 141 HIS 141 1432 1432 HIS HIS A . n 
A 1 142 LYS 142 1433 1433 LYS LYS A . n 
A 1 143 ARG 143 1434 1434 ARG ARG A . n 
A 1 144 ASN 144 1435 1435 ASN ASN A . n 
A 1 145 THR 145 1436 ?    ?   ?   A . n 
A 1 146 ILE 146 1437 ?    ?   ?   A . n 
A 1 147 THR 147 1438 ?    ?   ?   A . n 
A 1 148 LYS 148 1439 ?    ?   ?   A . n 
A 1 149 ARG 149 1440 ?    ?   ?   A . n 
# 
loop_
_pdbx_nonpoly_scheme.asym_id 
_pdbx_nonpoly_scheme.entity_id 
_pdbx_nonpoly_scheme.mon_id 
_pdbx_nonpoly_scheme.ndb_seq_num 
_pdbx_nonpoly_scheme.pdb_seq_num 
_pdbx_nonpoly_scheme.auth_seq_num 
_pdbx_nonpoly_scheme.pdb_mon_id 
_pdbx_nonpoly_scheme.auth_mon_id 
_pdbx_nonpoly_scheme.pdb_strand_id 
_pdbx_nonpoly_scheme.pdb_ins_code 
B 2 ZMW 1   1901 1901 ZMW LIG A . 
C 3 HOH 1   2001 1653 HOH HOH A . 
C 3 HOH 2   2002 1665 HOH HOH A . 
C 3 HOH 3   2003 1630 HOH HOH A . 
C 3 HOH 4   2004 1607 HOH HOH A . 
C 3 HOH 5   2005 6    HOH HOH A . 
C 3 HOH 6   2006 1610 HOH HOH A . 
C 3 HOH 7   2007 1604 HOH HOH A . 
C 3 HOH 8   2008 1757 HOH HOH A . 
C 3 HOH 9   2009 1616 HOH HOH A . 
C 3 HOH 10  2010 1603 HOH HOH A . 
C 3 HOH 11  2011 1622 HOH HOH A . 
C 3 HOH 12  2012 1609 HOH HOH A . 
C 3 HOH 13  2013 1612 HOH HOH A . 
C 3 HOH 14  2014 1602 HOH HOH A . 
C 3 HOH 15  2015 1621 HOH HOH A . 
C 3 HOH 16  2016 1642 HOH HOH A . 
C 3 HOH 17  2017 18   HOH HOH A . 
C 3 HOH 18  2018 1676 HOH HOH A . 
C 3 HOH 19  2019 25   HOH HOH A . 
C 3 HOH 20  2020 1629 HOH HOH A . 
C 3 HOH 21  2021 1613 HOH HOH A . 
C 3 HOH 22  2022 10   HOH HOH A . 
C 3 HOH 23  2023 1625 HOH HOH A . 
C 3 HOH 24  2024 1712 HOH HOH A . 
C 3 HOH 25  2025 1741 HOH HOH A . 
C 3 HOH 26  2026 2    HOH HOH A . 
C 3 HOH 27  2027 1773 HOH HOH A . 
C 3 HOH 28  2028 1605 HOH HOH A . 
C 3 HOH 29  2029 1655 HOH HOH A . 
C 3 HOH 30  2030 17   HOH HOH A . 
C 3 HOH 31  2031 8    HOH HOH A . 
C 3 HOH 32  2032 1645 HOH HOH A . 
C 3 HOH 33  2033 1658 HOH HOH A . 
C 3 HOH 34  2034 1623 HOH HOH A . 
C 3 HOH 35  2035 1626 HOH HOH A . 
C 3 HOH 36  2036 1632 HOH HOH A . 
C 3 HOH 37  2037 23   HOH HOH A . 
C 3 HOH 38  2038 1619 HOH HOH A . 
C 3 HOH 39  2039 1624 HOH HOH A . 
C 3 HOH 40  2040 1634 HOH HOH A . 
C 3 HOH 41  2041 1731 HOH HOH A . 
C 3 HOH 42  2042 1771 HOH HOH A . 
C 3 HOH 43  2043 1644 HOH HOH A . 
C 3 HOH 44  2044 1669 HOH HOH A . 
C 3 HOH 45  2045 1680 HOH HOH A . 
C 3 HOH 46  2046 1674 HOH HOH A . 
C 3 HOH 47  2047 1617 HOH HOH A . 
C 3 HOH 48  2048 1615 HOH HOH A . 
C 3 HOH 49  2049 1671 HOH HOH A . 
C 3 HOH 50  2050 1747 HOH HOH A . 
C 3 HOH 51  2051 1620 HOH HOH A . 
C 3 HOH 52  2052 1732 HOH HOH A . 
C 3 HOH 53  2053 1678 HOH HOH A . 
C 3 HOH 54  2054 19   HOH HOH A . 
C 3 HOH 55  2055 1718 HOH HOH A . 
C 3 HOH 56  2056 1677 HOH HOH A . 
C 3 HOH 57  2057 1673 HOH HOH A . 
C 3 HOH 58  2058 1663 HOH HOH A . 
C 3 HOH 59  2059 1672 HOH HOH A . 
C 3 HOH 60  2060 1701 HOH HOH A . 
C 3 HOH 61  2061 1687 HOH HOH A . 
C 3 HOH 62  2062 1693 HOH HOH A . 
C 3 HOH 63  2063 1646 HOH HOH A . 
C 3 HOH 64  2064 1699 HOH HOH A . 
C 3 HOH 65  2065 1711 HOH HOH A . 
C 3 HOH 66  2066 1689 HOH HOH A . 
C 3 HOH 67  2067 1675 HOH HOH A . 
C 3 HOH 68  2068 1628 HOH HOH A . 
C 3 HOH 69  2069 1668 HOH HOH A . 
C 3 HOH 70  2070 1637 HOH HOH A . 
C 3 HOH 71  2071 1643 HOH HOH A . 
C 3 HOH 72  2072 1682 HOH HOH A . 
C 3 HOH 73  2073 1723 HOH HOH A . 
C 3 HOH 74  2074 1666 HOH HOH A . 
C 3 HOH 75  2075 1652 HOH HOH A . 
C 3 HOH 76  2076 1688 HOH HOH A . 
C 3 HOH 77  2077 1664 HOH HOH A . 
C 3 HOH 78  2078 1681 HOH HOH A . 
C 3 HOH 79  2079 1709 HOH HOH A . 
C 3 HOH 80  2080 1721 HOH HOH A . 
C 3 HOH 81  2081 1650 HOH HOH A . 
C 3 HOH 82  2082 1686 HOH HOH A . 
C 3 HOH 83  2083 1740 HOH HOH A . 
C 3 HOH 84  2084 1692 HOH HOH A . 
C 3 HOH 85  2085 1720 HOH HOH A . 
C 3 HOH 86  2086 1714 HOH HOH A . 
C 3 HOH 87  2087 1601 HOH HOH A . 
C 3 HOH 88  2088 1685 HOH HOH A . 
C 3 HOH 89  2089 1661 HOH HOH A . 
C 3 HOH 90  2090 1725 HOH HOH A . 
C 3 HOH 91  2091 1690 HOH HOH A . 
C 3 HOH 92  2092 1684 HOH HOH A . 
C 3 HOH 93  2093 1733 HOH HOH A . 
C 3 HOH 94  2094 1608 HOH HOH A . 
C 3 HOH 95  2095 1651 HOH HOH A . 
C 3 HOH 96  2096 1694 HOH HOH A . 
C 3 HOH 97  2097 12   HOH HOH A . 
C 3 HOH 98  2098 1683 HOH HOH A . 
C 3 HOH 99  2099 4    HOH HOH A . 
C 3 HOH 100 2100 1738 HOH HOH A . 
C 3 HOH 101 2101 1700 HOH HOH A . 
C 3 HOH 102 2102 1697 HOH HOH A . 
C 3 HOH 103 2103 1719 HOH HOH A . 
C 3 HOH 104 2104 1716 HOH HOH A . 
C 3 HOH 105 2105 1759 HOH HOH A . 
C 3 HOH 106 2106 1734 HOH HOH A . 
C 3 HOH 107 2107 7    HOH HOH A . 
C 3 HOH 108 2108 1641 HOH HOH A . 
C 3 HOH 109 2109 1729 HOH HOH A . 
C 3 HOH 110 2110 1750 HOH HOH A . 
C 3 HOH 111 2111 1744 HOH HOH A . 
C 3 HOH 112 2112 11   HOH HOH A . 
C 3 HOH 113 2113 1704 HOH HOH A . 
C 3 HOH 114 2114 1728 HOH HOH A . 
C 3 HOH 115 2115 1715 HOH HOH A . 
C 3 HOH 116 2116 1649 HOH HOH A . 
C 3 HOH 117 2117 1706 HOH HOH A . 
C 3 HOH 118 2118 9    HOH HOH A . 
C 3 HOH 119 2119 1713 HOH HOH A . 
C 3 HOH 120 2120 24   HOH HOH A . 
C 3 HOH 121 2121 1724 HOH HOH A . 
C 3 HOH 122 2122 1737 HOH HOH A . 
C 3 HOH 123 2123 1730 HOH HOH A . 
C 3 HOH 124 2124 1736 HOH HOH A . 
C 3 HOH 125 2125 1710 HOH HOH A . 
C 3 HOH 126 2126 1611 HOH HOH A . 
C 3 HOH 127 2127 1801 HOH HOH A . 
C 3 HOH 128 2128 1703 HOH HOH A . 
C 3 HOH 129 2129 1640 HOH HOH A . 
C 3 HOH 130 2130 1708 HOH HOH A . 
C 3 HOH 131 2131 1726 HOH HOH A . 
C 3 HOH 132 2132 1667 HOH HOH A . 
C 3 HOH 133 2133 1695 HOH HOH A . 
C 3 HOH 134 2134 1727 HOH HOH A . 
C 3 HOH 135 2135 1679 HOH HOH A . 
C 3 HOH 136 2136 1767 HOH HOH A . 
C 3 HOH 137 2137 13   HOH HOH A . 
C 3 HOH 138 2138 1638 HOH HOH A . 
C 3 HOH 139 2139 1722 HOH HOH A . 
C 3 HOH 140 2140 1752 HOH HOH A . 
C 3 HOH 141 2141 1754 HOH HOH A . 
C 3 HOH 142 2142 1756 HOH HOH A . 
C 3 HOH 143 2143 1793 HOH HOH A . 
C 3 HOH 144 2144 1753 HOH HOH A . 
C 3 HOH 145 2145 21   HOH HOH A . 
C 3 HOH 146 2146 1751 HOH HOH A . 
C 3 HOH 147 2147 1656 HOH HOH A . 
C 3 HOH 148 2148 1763 HOH HOH A . 
C 3 HOH 149 2149 1766 HOH HOH A . 
C 3 HOH 150 2150 1742 HOH HOH A . 
C 3 HOH 151 2151 1762 HOH HOH A . 
C 3 HOH 152 2152 1769 HOH HOH A . 
C 3 HOH 153 2153 1748 HOH HOH A . 
C 3 HOH 154 2154 1768 HOH HOH A . 
C 3 HOH 155 2155 1758 HOH HOH A . 
C 3 HOH 156 2156 1795 HOH HOH A . 
C 3 HOH 157 2157 1743 HOH HOH A . 
C 3 HOH 158 2158 20   HOH HOH A . 
C 3 HOH 159 2159 1784 HOH HOH A . 
C 3 HOH 160 2160 1794 HOH HOH A . 
C 3 HOH 161 2161 1765 HOH HOH A . 
C 3 HOH 162 2162 1779 HOH HOH A . 
C 3 HOH 163 2163 1783 HOH HOH A . 
C 3 HOH 164 2164 1781 HOH HOH A . 
C 3 HOH 165 2165 1786 HOH HOH A . 
C 3 HOH 166 2166 1760 HOH HOH A . 
C 3 HOH 167 2167 14   HOH HOH A . 
C 3 HOH 168 2168 1764 HOH HOH A . 
C 3 HOH 169 2169 1796 HOH HOH A . 
C 3 HOH 170 2170 1777 HOH HOH A . 
C 3 HOH 171 2171 1775 HOH HOH A . 
C 3 HOH 172 2172 1778 HOH HOH A . 
C 3 HOH 173 2173 1780 HOH HOH A . 
C 3 HOH 174 2174 1774 HOH HOH A . 
C 3 HOH 175 2175 1789 HOH HOH A . 
C 3 HOH 176 2176 1782 HOH HOH A . 
C 3 HOH 177 2177 1791 HOH HOH A . 
C 3 HOH 178 2178 1    HOH HOH A . 
C 3 HOH 179 2179 1787 HOH HOH A . 
C 3 HOH 180 2180 1770 HOH HOH A . 
C 3 HOH 181 2181 15   HOH HOH A . 
C 3 HOH 182 2182 16   HOH HOH A . 
C 3 HOH 183 2183 1790 HOH HOH A . 
C 3 HOH 184 2184 1792 HOH HOH A . 
C 3 HOH 185 2185 1798 HOH HOH A . 
C 3 HOH 186 2186 1797 HOH HOH A . 
C 3 HOH 187 2187 22   HOH HOH A . 
C 3 HOH 188 2188 1800 HOH HOH A . 
# 
loop_
_pdbx_unobs_or_zero_occ_atoms.id 
_pdbx_unobs_or_zero_occ_atoms.PDB_model_num 
_pdbx_unobs_or_zero_occ_atoms.polymer_flag 
_pdbx_unobs_or_zero_occ_atoms.occupancy_flag 
_pdbx_unobs_or_zero_occ_atoms.auth_asym_id 
_pdbx_unobs_or_zero_occ_atoms.auth_comp_id 
_pdbx_unobs_or_zero_occ_atoms.auth_seq_id 
_pdbx_unobs_or_zero_occ_atoms.PDB_ins_code 
_pdbx_unobs_or_zero_occ_atoms.auth_atom_id 
_pdbx_unobs_or_zero_occ_atoms.label_alt_id 
_pdbx_unobs_or_zero_occ_atoms.label_asym_id 
_pdbx_unobs_or_zero_occ_atoms.label_comp_id 
_pdbx_unobs_or_zero_occ_atoms.label_seq_id 
_pdbx_unobs_or_zero_occ_atoms.label_atom_id 
1 1 Y 1 A GLN 1334 ? CD  ? A GLN 43 CD  
2 1 Y 1 A GLN 1334 ? OE1 ? A GLN 43 OE1 
3 1 Y 1 A GLN 1334 ? NE2 ? A GLN 43 NE2 
# 
loop_
_software.pdbx_ordinal 
_software.name 
_software.version 
_software.date 
_software.type 
_software.contact_author 
_software.contact_author_email 
_software.classification 
_software.location 
_software.language 
_software.citation_id 
1 REFMAC      5.8.0267 ?               program 'Garib N. Murshudov' garib@ysbl.york.ac.uk    refinement        
http://www.ccp4.ac.uk/dist/html/refmac5.html        Fortran_77 ? 
2 Aimless     0.7.7    23/04/21        program 'Phil Evans'         ?                        'data scaling'    
http://www.mrc-lmb.cam.ac.uk/harry/pre/aimless.html ?          ? 
3 PDB_EXTRACT 3.23     'SEP. 23, 2016' package PDB                  deposit@deposit.rcsb.org 'data extraction' 
http://sw-tools.pdb.org/apps/PDB_EXTRACT/           C++        ? 
4 XDS         .        ?               program ?                    ?                        'data reduction'  ? ?          ? 
5 REFMAC      .        ?               program ?                    ?                        phasing           ? ?          ? 
# 
_cell.entry_id           7FVF 
_cell.length_a           81.681 
_cell.length_b           27.489 
_cell.length_c           56.454 
_cell.angle_alpha        90.000 
_cell.angle_beta         99.830 
_cell.angle_gamma        90.000 
_cell.Z_PDB              4 
_cell.pdbx_unique_axis   ? 
# 
_symmetry.entry_id                         7FVF 
_symmetry.space_group_name_H-M             'C 1 2 1' 
_symmetry.pdbx_full_space_group_name_H-M   ? 
_symmetry.cell_setting                     ? 
_symmetry.Int_Tables_number                5 
# 
_exptl.crystals_number   1 
_exptl.entry_id          7FVF 
_exptl.method            'X-RAY DIFFRACTION' 
# 
_exptl_crystal.id                    1 
_exptl_crystal.pdbx_mosaicity        0.000 
_exptl_crystal.pdbx_mosaicity_esd    ? 
_exptl_crystal.density_Matthews      1.77 
_exptl_crystal.density_diffrn        ? 
_exptl_crystal.density_meas          ? 
_exptl_crystal.density_meas_temp     ? 
_exptl_crystal.density_percent_sol   30.56 
_exptl_crystal.size_max              ? 
_exptl_crystal.size_mid              ? 
_exptl_crystal.size_min              ? 
_exptl_crystal.size_rad              ? 
_exptl_crystal.description           ? 
# 
_exptl_crystal_grow.crystal_id      1 
_exptl_crystal_grow.method          'VAPOR DIFFUSION, SITTING DROP' 
_exptl_crystal_grow.pH              5.6 
_exptl_crystal_grow.temp            277 
_exptl_crystal_grow.pdbx_details    '20% PEG 8000, 0.04M potassium phosphate' 
_exptl_crystal_grow.temp_details    ? 
_exptl_crystal_grow.pdbx_pH_range   ? 
# 
_diffrn.id                     1 
_diffrn.ambient_temp           100 
_diffrn.crystal_id             1 
_diffrn.ambient_temp_details   ? 
# 
_diffrn_detector.detector               PIXEL 
_diffrn_detector.type                   'DECTRIS PILATUS 6M' 
_diffrn_detector.pdbx_collection_date   2022-09-24 
_diffrn_detector.diffrn_id              1 
_diffrn_detector.details                ? 
# 
_diffrn_radiation.diffrn_id                        1 
_diffrn_radiation.wavelength_id                    1 
_diffrn_radiation.pdbx_diffrn_protocol             'SINGLE WAVELENGTH' 
_diffrn_radiation.pdbx_monochromatic_or_laue_m_l   ? 
_diffrn_radiation.monochromator                    ? 
_diffrn_radiation.pdbx_scattering_type             x-ray 
# 
_diffrn_radiation_wavelength.id           1 
_diffrn_radiation_wavelength.wavelength   0.92124 
_diffrn_radiation_wavelength.wt           1.0 
# 
_diffrn_source.diffrn_id                   1 
_diffrn_source.source                      SYNCHROTRON 
_diffrn_source.type                        'DIAMOND BEAMLINE I04-1' 
_diffrn_source.pdbx_wavelength_list        0.92124 
_diffrn_source.pdbx_synchrotron_site       Diamond 
_diffrn_source.pdbx_synchrotron_beamline   I04-1 
_diffrn_source.pdbx_wavelength             ? 
# 
_reflns.entry_id                     7FVF 
_reflns.pdbx_diffrn_id               1 
_reflns.pdbx_ordinal                 1 
_reflns.observed_criterion_sigma_I   ? 
_reflns.observed_criterion_sigma_F   ? 
_reflns.d_resolution_low             55.610 
_reflns.d_resolution_high            1.150 
_reflns.number_obs                   34087 
_reflns.number_all                   ? 
_reflns.percent_possible_obs         76.800 
_reflns.pdbx_Rmerge_I_obs            0.107 
_reflns.pdbx_Rsym_value              ? 
_reflns.pdbx_netI_over_sigmaI        10.500 
_reflns.B_iso_Wilson_estimate        ? 
_reflns.pdbx_redundancy              5.000 
_reflns.pdbx_Rrim_I_all              0.119 
_reflns.pdbx_Rpim_I_all              0.051 
_reflns.pdbx_CC_half                 0.858 
_reflns.pdbx_netI_over_av_sigmaI     ? 
_reflns.pdbx_number_measured_all     171968 
_reflns.pdbx_scaling_rejects         0 
_reflns.pdbx_chi_squared             ? 
_reflns.Rmerge_F_all                 ? 
_reflns.Rmerge_F_obs                 ? 
_reflns.observed_criterion_F_max     ? 
_reflns.observed_criterion_F_min     ? 
_reflns.observed_criterion_I_max     ? 
_reflns.observed_criterion_I_min     ? 
_reflns.pdbx_d_res_high_opt          ? 
_reflns.pdbx_d_res_low_opt           ? 
_reflns.details                      ? 
# 
loop_
_reflns_shell.pdbx_diffrn_id 
_reflns_shell.pdbx_ordinal 
_reflns_shell.d_res_high 
_reflns_shell.d_res_low 
_reflns_shell.number_measured_obs 
_reflns_shell.number_measured_all 
_reflns_shell.number_unique_obs 
_reflns_shell.pdbx_rejects 
_reflns_shell.Rmerge_I_obs 
_reflns_shell.meanI_over_sigI_obs 
_reflns_shell.pdbx_Rsym_value 
_reflns_shell.pdbx_chi_squared 
_reflns_shell.pdbx_redundancy 
_reflns_shell.percent_possible_obs 
_reflns_shell.pdbx_netI_over_sigmaI_obs 
_reflns_shell.number_possible 
_reflns_shell.number_unique_all 
_reflns_shell.Rmerge_F_all 
_reflns_shell.Rmerge_F_obs 
_reflns_shell.Rmerge_I_all 
_reflns_shell.meanI_over_sigI_all 
_reflns_shell.percent_possible_all 
_reflns_shell.pdbx_Rrim_I_all 
_reflns_shell.pdbx_Rpim_I_all 
_reflns_shell.pdbx_CC_half 
1 1 1.150 1.170  ? 143  ? ? ?     ? ? ? 1.000 ? 0.100  ? 143 ? ? ? ? 6.400  ?     ?     ?     
1 2 6.200 55.610 ? 1887 ? ? 0.100 ? ? ? 5.800 ? 42.400 ? 325 ? ? ? ? 99.800 0.112 0.051 0.953 
# 
_refine.entry_id                                 7FVF 
_refine.pdbx_refine_id                           'X-RAY DIFFRACTION' 
_refine.ls_d_res_high                            1.1500 
_refine.ls_d_res_low                             55.6300 
_refine.pdbx_ls_sigma_F                          0.000 
_refine.pdbx_data_cutoff_high_absF               ? 
_refine.pdbx_data_cutoff_low_absF                ? 
_refine.ls_percent_reflns_obs                    73.7100 
_refine.ls_number_reflns_obs                     31063 
_refine.ls_number_reflns_all                     ? 
_refine.pdbx_ls_cross_valid_method               THROUGHOUT 
_refine.ls_matrix_type                           ? 
_refine.pdbx_R_Free_selection_details            RANDOM 
_refine.details                                  
'HYDROGENS HAVE BEEN ADDED IN THE RIDING POSITIONS U VALUES      : REFINED INDIVIDUALLY' 
_refine.ls_R_factor_all                          ? 
_refine.ls_R_factor_obs                          0.2045 
_refine.ls_R_factor_R_work                       0.2034 
_refine.ls_wR_factor_R_work                      ? 
_refine.ls_R_factor_R_free                       0.2256 
_refine.ls_wR_factor_R_free                      ? 
_refine.ls_percent_reflns_R_free                 5.0000 
_refine.ls_number_reflns_R_free                  1648 
_refine.ls_number_reflns_R_work                  ? 
_refine.ls_R_factor_R_free_error                 ? 
_refine.B_iso_mean                               22.4780 
_refine.solvent_model_param_bsol                 ? 
_refine.solvent_model_param_ksol                 ? 
_refine.pdbx_isotropic_thermal_model             ? 
_refine.aniso_B[1][1]                            -0.4300 
_refine.aniso_B[2][2]                            1.1800 
_refine.aniso_B[3][3]                            -0.8500 
_refine.aniso_B[1][2]                            -0.0000 
_refine.aniso_B[1][3]                            0.4200 
_refine.aniso_B[2][3]                            0.0000 
_refine.correlation_coeff_Fo_to_Fc               0.9550 
_refine.correlation_coeff_Fo_to_Fc_free          0.9470 
_refine.overall_SU_R_Cruickshank_DPI             ? 
_refine.pdbx_overall_SU_R_free_Cruickshank_DPI   ? 
_refine.pdbx_overall_SU_R_Blow_DPI               ? 
_refine.pdbx_overall_SU_R_free_Blow_DPI          ? 
_refine.overall_SU_R_free                        ? 
_refine.pdbx_overall_ESU_R                       0.1000 
_refine.pdbx_overall_ESU_R_Free                  0.0880 
_refine.overall_SU_ML                            0.1030 
_refine.overall_SU_B                             2.5790 
_refine.solvent_model_details                    MASK 
_refine.pdbx_solvent_vdw_probe_radii             1.2000 
_refine.pdbx_solvent_ion_probe_radii             0.8000 
_refine.pdbx_solvent_shrinkage_radii             0.8000 
_refine.ls_number_parameters                     ? 
_refine.ls_number_restraints                     ? 
_refine.pdbx_starting_model                      7av9 
_refine.pdbx_method_to_determine_struct          'FOURIER SYNTHESIS' 
_refine.pdbx_stereochemistry_target_values       'MAXIMUM LIKELIHOOD' 
_refine.pdbx_stereochem_target_val_spec_case     ? 
_refine.overall_FOM_work_R_set                   ? 
_refine.B_iso_max                                161.800 
_refine.B_iso_min                                7.620 
_refine.pdbx_overall_phase_error                 ? 
_refine.occupancy_max                            ? 
_refine.occupancy_min                            ? 
_refine.pdbx_diffrn_id                           1 
_refine.pdbx_TLS_residual_ADP_flag               ? 
_refine.pdbx_ls_sigma_I                          ? 
_refine.pdbx_data_cutoff_high_rms_absF           ? 
_refine.ls_R_factor_R_free_error_details         ? 
# 
_refine_hist.cycle_id                         final 
_refine_hist.pdbx_refine_id                   'X-RAY DIFFRACTION' 
_refine_hist.d_res_high                       1.1500 
_refine_hist.d_res_low                        55.6300 
_refine_hist.pdbx_number_atoms_ligand         23 
_refine_hist.number_atoms_solvent             188 
_refine_hist.number_atoms_total               1214 
_refine_hist.pdbx_number_residues_total       121 
_refine_hist.pdbx_B_iso_mean_ligand           26.27 
_refine_hist.pdbx_B_iso_mean_solvent          31.03 
_refine_hist.pdbx_number_atoms_protein        1003 
_refine_hist.pdbx_number_atoms_nucleic_acid   0 
# 
loop_
_refine_ls_restr.pdbx_refine_id 
_refine_ls_restr.type 
_refine_ls_restr.number 
_refine_ls_restr.dev_ideal 
_refine_ls_restr.dev_ideal_target 
_refine_ls_restr.weight 
_refine_ls_restr.pdbx_restraint_function 
'X-RAY DIFFRACTION' r_bond_refined_d       3672 0.007  0.015  ? ? 
'X-RAY DIFFRACTION' r_bond_other_d         2365 0.001  0.014  ? ? 
'X-RAY DIFFRACTION' r_angle_refined_deg    3604 1.511  1.670  ? ? 
'X-RAY DIFFRACTION' r_angle_other_deg      5535 1.344  1.583  ? ? 
'X-RAY DIFFRACTION' r_dihedral_angle_1_deg 336  5.542  5.000  ? ? 
'X-RAY DIFFRACTION' r_dihedral_angle_2_deg 152  26.469 21.184 ? ? 
'X-RAY DIFFRACTION' r_dihedral_angle_3_deg 452  13.413 15.000 ? ? 
'X-RAY DIFFRACTION' r_dihedral_angle_4_deg 21   11.694 15.000 ? ? 
'X-RAY DIFFRACTION' r_chiral_restr         335  0.081  0.200  ? ? 
'X-RAY DIFFRACTION' r_gen_planes_refined   3127 0.007  0.020  ? ? 
'X-RAY DIFFRACTION' r_gen_planes_other     633  0.002  0.020  ? ? 
'X-RAY DIFFRACTION' r_mcbond_it            1758 1.932  2.196  ? ? 
'X-RAY DIFFRACTION' r_mcbond_other         1682 1.972  2.115  ? ? 
'X-RAY DIFFRACTION' r_mcangle_it           1604 4.103  3.063  ? ? 
# 
_refine_ls_shell.d_res_high                       1.1500 
_refine_ls_shell.d_res_low                        1.1800 
_refine_ls_shell.pdbx_total_number_of_bins_used   20 
_refine_ls_shell.percent_reflns_obs               4.4500 
_refine_ls_shell.number_reflns_R_work             136 
_refine_ls_shell.R_factor_all                     ? 
_refine_ls_shell.R_factor_R_work                  0.5340 
_refine_ls_shell.R_factor_R_free                  0.2970 
_refine_ls_shell.percent_reflns_R_free            ? 
_refine_ls_shell.number_reflns_R_free             8 
_refine_ls_shell.R_factor_R_free_error            ? 
_refine_ls_shell.number_reflns_all                144 
_refine_ls_shell.number_reflns_obs                ? 
_refine_ls_shell.pdbx_refine_id                   'X-RAY DIFFRACTION' 
# 
_struct.entry_id                  7FVF 
_struct.title                     'PanDDA analysis group deposition -- PHIP in complex with Z123605878' 
_struct.pdbx_model_details        ? 
_struct.pdbx_CASP_flag            ? 
_struct.pdbx_model_type_details   ? 
# 
_struct_keywords.entry_id        7FVF 
_struct_keywords.text            
'False negatives, ligand features, rescreening, catalogue, fragment follow-ups, automated chemistry, SIGNALING PROTEIN' 
_struct_keywords.pdbx_keywords   'SIGNALING PROTEIN' 
# 
loop_
_struct_asym.id 
_struct_asym.pdbx_blank_PDB_chainid_flag 
_struct_asym.pdbx_modified 
_struct_asym.entity_id 
_struct_asym.details 
A N N 1 ? 
B N N 2 ? 
C N N 3 ? 
# 
_struct_ref.id                         1 
_struct_ref.db_name                    UNP 
_struct_ref.db_code                    PHIP_HUMAN 
_struct_ref.pdbx_db_accession          Q8WWQ0 
_struct_ref.pdbx_db_isoform            ? 
_struct_ref.entity_id                  1 
_struct_ref.pdbx_seq_one_letter_code   
;SYDIQAWKKQCEELLNLIFQCEDSEPFRQPVDLLEYPDYRDIIDTPMDFATVRETLEAGNYESPMELCKDVRLIFSNSKA
YTPSKRSRIYSMSLRLSAFFEEHISSVLSDYKSALRFHKRNTITKR
;
_struct_ref.pdbx_align_begin           1315 
# 
_struct_ref_seq.align_id                      1 
_struct_ref_seq.ref_id                        1 
_struct_ref_seq.pdbx_PDB_id_code              7FVF 
_struct_ref_seq.pdbx_strand_id                A 
_struct_ref_seq.seq_align_beg                 24 
_struct_ref_seq.pdbx_seq_align_beg_ins_code   ? 
_struct_ref_seq.seq_align_end                 149 
_struct_ref_seq.pdbx_seq_align_end_ins_code   ? 
_struct_ref_seq.pdbx_db_accession             Q8WWQ0 
_struct_ref_seq.db_align_beg                  1315 
_struct_ref_seq.pdbx_db_align_beg_ins_code    ? 
_struct_ref_seq.db_align_end                  1440 
_struct_ref_seq.pdbx_db_align_end_ins_code    ? 
_struct_ref_seq.pdbx_auth_seq_align_beg       1315 
_struct_ref_seq.pdbx_auth_seq_align_end       1440 
# 
loop_
_struct_ref_seq_dif.align_id 
_struct_ref_seq_dif.pdbx_pdb_id_code 
_struct_ref_seq_dif.mon_id 
_struct_ref_seq_dif.pdbx_pdb_strand_id 
_struct_ref_seq_dif.seq_num 
_struct_ref_seq_dif.pdbx_pdb_ins_code 
_struct_ref_seq_dif.pdbx_seq_db_name 
_struct_ref_seq_dif.pdbx_seq_db_accession_code 
_struct_ref_seq_dif.db_mon_id 
_struct_ref_seq_dif.pdbx_seq_db_seq_num 
_struct_ref_seq_dif.details 
_struct_ref_seq_dif.pdbx_auth_seq_num 
_struct_ref_seq_dif.pdbx_ordinal 
1 7FVF MET A 1  ? UNP Q8WWQ0 ? ? 'initiating methionine' 1292 1  
1 7FVF HIS A 2  ? UNP Q8WWQ0 ? ? 'expression tag'        1293 2  
1 7FVF HIS A 3  ? UNP Q8WWQ0 ? ? 'expression tag'        1294 3  
1 7FVF HIS A 4  ? UNP Q8WWQ0 ? ? 'expression tag'        1295 4  
1 7FVF HIS A 5  ? UNP Q8WWQ0 ? ? 'expression tag'        1296 5  
1 7FVF HIS A 6  ? UNP Q8WWQ0 ? ? 'expression tag'        1297 6  
1 7FVF HIS A 7  ? UNP Q8WWQ0 ? ? 'expression tag'        1298 7  
1 7FVF SER A 8  ? UNP Q8WWQ0 ? ? 'expression tag'        1299 8  
1 7FVF SER A 9  ? UNP Q8WWQ0 ? ? 'expression tag'        1300 9  
1 7FVF GLY A 10 ? UNP Q8WWQ0 ? ? 'expression tag'        1301 10 
1 7FVF VAL A 11 ? UNP Q8WWQ0 ? ? 'expression tag'        1302 11 
1 7FVF ASP A 12 ? UNP Q8WWQ0 ? ? 'expression tag'        1303 12 
1 7FVF LEU A 13 ? UNP Q8WWQ0 ? ? 'expression tag'        1304 13 
1 7FVF GLY A 14 ? UNP Q8WWQ0 ? ? 'expression tag'        1305 14 
1 7FVF THR A 15 ? UNP Q8WWQ0 ? ? 'expression tag'        1306 15 
1 7FVF GLU A 16 ? UNP Q8WWQ0 ? ? 'expression tag'        1307 16 
1 7FVF ASN A 17 ? UNP Q8WWQ0 ? ? 'expression tag'        1308 17 
1 7FVF LEU A 18 ? UNP Q8WWQ0 ? ? 'expression tag'        1309 18 
1 7FVF TYR A 19 ? UNP Q8WWQ0 ? ? 'expression tag'        1310 19 
1 7FVF PHE A 20 ? UNP Q8WWQ0 ? ? 'expression tag'        1311 20 
1 7FVF GLN A 21 ? UNP Q8WWQ0 ? ? 'expression tag'        1312 21 
1 7FVF SER A 22 ? UNP Q8WWQ0 ? ? 'expression tag'        1313 22 
1 7FVF MET A 23 ? UNP Q8WWQ0 ? ? 'expression tag'        1314 23 
# 
_pdbx_struct_assembly.id                   1 
_pdbx_struct_assembly.details              author_and_software_defined_assembly 
_pdbx_struct_assembly.method_details       PISA 
_pdbx_struct_assembly.oligomeric_details   monomeric 
_pdbx_struct_assembly.oligomeric_count     1 
# 
_pdbx_struct_assembly_gen.assembly_id       1 
_pdbx_struct_assembly_gen.oper_expression   1 
_pdbx_struct_assembly_gen.asym_id_list      A,B,C 
# 
_pdbx_struct_oper_list.id                   1 
_pdbx_struct_oper_list.type                 'identity operation' 
_pdbx_struct_oper_list.name                 1_555 
_pdbx_struct_oper_list.symmetry_operation   x,y,z 
_pdbx_struct_oper_list.matrix[1][1]         1.0000000000 
_pdbx_struct_oper_list.matrix[1][2]         0.0000000000 
_pdbx_struct_oper_list.matrix[1][3]         0.0000000000 
_pdbx_struct_oper_list.vector[1]            0.0000000000 
_pdbx_struct_oper_list.matrix[2][1]         0.0000000000 
_pdbx_struct_oper_list.matrix[2][2]         1.0000000000 
_pdbx_struct_oper_list.matrix[2][3]         0.0000000000 
_pdbx_struct_oper_list.vector[2]            0.0000000000 
_pdbx_struct_oper_list.matrix[3][1]         0.0000000000 
_pdbx_struct_oper_list.matrix[3][2]         0.0000000000 
_pdbx_struct_oper_list.matrix[3][3]         1.0000000000 
_pdbx_struct_oper_list.vector[3]            0.0000000000 
# 
loop_
_struct_conf.conf_type_id 
_struct_conf.id 
_struct_conf.pdbx_PDB_helix_id 
_struct_conf.beg_label_comp_id 
_struct_conf.beg_label_asym_id 
_struct_conf.beg_label_seq_id 
_struct_conf.pdbx_beg_PDB_ins_code 
_struct_conf.end_label_comp_id 
_struct_conf.end_label_asym_id 
_struct_conf.end_label_seq_id 
_struct_conf.pdbx_end_PDB_ins_code 
_struct_conf.beg_auth_comp_id 
_struct_conf.beg_auth_asym_id 
_struct_conf.beg_auth_seq_id 
_struct_conf.end_auth_comp_id 
_struct_conf.end_auth_asym_id 
_struct_conf.end_auth_seq_id 
_struct_conf.pdbx_PDB_helix_class 
_struct_conf.details 
_struct_conf.pdbx_PDB_helix_length 
HELX_P HELX_P1 AA1 ALA A 29  ? CYS A 44  ? ALA A 1320 CYS A 1335 1 ? 16 
HELX_P HELX_P2 AA2 GLU A 45  ? ARG A 51  ? GLU A 1336 ARG A 1342 5 ? 7  
HELX_P HELX_P3 AA3 ASP A 61  ? ILE A 66  ? ASP A 1352 ILE A 1357 1 ? 6  
HELX_P HELX_P4 AA4 ASP A 71  ? ALA A 81  ? ASP A 1362 ALA A 1372 1 ? 11 
HELX_P HELX_P5 AA5 SER A 86  ? THR A 105 ? SER A 1377 THR A 1396 1 ? 20 
HELX_P HELX_P6 AA6 SER A 110 ? LYS A 142 ? SER A 1401 LYS A 1433 1 ? 33 
# 
_struct_conf_type.id          HELX_P 
_struct_conf_type.criteria    ? 
_struct_conf_type.reference   ? 
# 
loop_
_pdbx_validate_close_contact.id 
_pdbx_validate_close_contact.PDB_model_num 
_pdbx_validate_close_contact.auth_atom_id_1 
_pdbx_validate_close_contact.auth_asym_id_1 
_pdbx_validate_close_contact.auth_comp_id_1 
_pdbx_validate_close_contact.auth_seq_id_1 
_pdbx_validate_close_contact.PDB_ins_code_1 
_pdbx_validate_close_contact.label_alt_id_1 
_pdbx_validate_close_contact.auth_atom_id_2 
_pdbx_validate_close_contact.auth_asym_id_2 
_pdbx_validate_close_contact.auth_comp_id_2 
_pdbx_validate_close_contact.auth_seq_id_2 
_pdbx_validate_close_contact.PDB_ins_code_2 
_pdbx_validate_close_contact.label_alt_id_2 
_pdbx_validate_close_contact.dist 
1 1 O A PRO 1397 ? ? O A HOH 2001 ? ? 2.10 
2 1 O A HOH 2100 ? ? O A HOH 2101 ? ? 2.11 
# 
_pdbx_validate_symm_contact.id                1 
_pdbx_validate_symm_contact.PDB_model_num     1 
_pdbx_validate_symm_contact.auth_atom_id_1    C8 
_pdbx_validate_symm_contact.auth_asym_id_1    A 
_pdbx_validate_symm_contact.auth_comp_id_1    ZMW 
_pdbx_validate_symm_contact.auth_seq_id_1     1901 
_pdbx_validate_symm_contact.PDB_ins_code_1    ? 
_pdbx_validate_symm_contact.label_alt_id_1    ? 
_pdbx_validate_symm_contact.site_symmetry_1   1_555 
_pdbx_validate_symm_contact.auth_atom_id_2    O 
_pdbx_validate_symm_contact.auth_asym_id_2    A 
_pdbx_validate_symm_contact.auth_comp_id_2    HOH 
_pdbx_validate_symm_contact.auth_seq_id_2     2001 
_pdbx_validate_symm_contact.PDB_ins_code_2    ? 
_pdbx_validate_symm_contact.label_alt_id_2    ? 
_pdbx_validate_symm_contact.site_symmetry_2   4_456 
_pdbx_validate_symm_contact.dist              2.18 
# 
_pdbx_struct_special_symmetry.id              1 
_pdbx_struct_special_symmetry.PDB_model_num   1 
_pdbx_struct_special_symmetry.auth_asym_id    A 
_pdbx_struct_special_symmetry.auth_comp_id    HOH 
_pdbx_struct_special_symmetry.auth_seq_id     2183 
_pdbx_struct_special_symmetry.PDB_ins_code    ? 
_pdbx_struct_special_symmetry.label_asym_id   C 
_pdbx_struct_special_symmetry.label_comp_id   HOH 
_pdbx_struct_special_symmetry.label_seq_id    . 
# 
_phasing.method   MR 
# 
_pdbx_entry_details.entry_id                 7FVF 
_pdbx_entry_details.compound_details         ? 
_pdbx_entry_details.source_details           ? 
_pdbx_entry_details.nonpolymer_details       ? 
_pdbx_entry_details.sequence_details         ? 
_pdbx_entry_details.has_ligand_of_interest   Y 
# 
loop_
_pdbx_unobs_or_zero_occ_residues.id 
_pdbx_unobs_or_zero_occ_residues.PDB_model_num 
_pdbx_unobs_or_zero_occ_residues.polymer_flag 
_pdbx_unobs_or_zero_occ_residues.occupancy_flag 
_pdbx_unobs_or_zero_occ_residues.auth_asym_id 
_pdbx_unobs_or_zero_occ_residues.auth_comp_id 
_pdbx_unobs_or_zero_occ_residues.auth_seq_id 
_pdbx_unobs_or_zero_occ_residues.PDB_ins_code 
_pdbx_unobs_or_zero_occ_residues.label_asym_id 
_pdbx_unobs_or_zero_occ_residues.label_comp_id 
_pdbx_unobs_or_zero_occ_residues.label_seq_id 
1  1 Y 1 A MET 1292 ? A MET 1   
2  1 Y 1 A HIS 1293 ? A HIS 2   
3  1 Y 1 A HIS 1294 ? A HIS 3   
4  1 Y 1 A HIS 1295 ? A HIS 4   
5  1 Y 1 A HIS 1296 ? A HIS 5   
6  1 Y 1 A HIS 1297 ? A HIS 6   
7  1 Y 1 A HIS 1298 ? A HIS 7   
8  1 Y 1 A SER 1299 ? A SER 8   
9  1 Y 1 A SER 1300 ? A SER 9   
10 1 Y 1 A GLY 1301 ? A GLY 10  
11 1 Y 1 A VAL 1302 ? A VAL 11  
12 1 Y 1 A ASP 1303 ? A ASP 12  
13 1 Y 1 A LEU 1304 ? A LEU 13  
14 1 Y 1 A GLY 1305 ? A GLY 14  
15 1 Y 1 A THR 1306 ? A THR 15  
16 1 Y 1 A GLU 1307 ? A GLU 16  
17 1 Y 1 A ASN 1308 ? A ASN 17  
18 1 Y 1 A LEU 1309 ? A LEU 18  
19 1 Y 1 A TYR 1310 ? A TYR 19  
20 1 Y 1 A PHE 1311 ? A PHE 20  
21 1 Y 1 A GLN 1312 ? A GLN 21  
22 1 Y 1 A SER 1313 ? A SER 22  
23 1 Y 1 A MET 1314 ? A MET 23  
24 1 Y 1 A THR 1436 ? A THR 145 
25 1 Y 1 A ILE 1437 ? A ILE 146 
26 1 Y 1 A THR 1438 ? A THR 147 
27 1 Y 1 A LYS 1439 ? A LYS 148 
28 1 Y 1 A ARG 1440 ? A ARG 149 
# 
loop_
_chem_comp_atom.comp_id 
_chem_comp_atom.atom_id 
_chem_comp_atom.type_symbol 
_chem_comp_atom.pdbx_aromatic_flag 
_chem_comp_atom.pdbx_stereo_config 
_chem_comp_atom.pdbx_ordinal 
ALA N    N N N 1   
ALA CA   C N S 2   
ALA C    C N N 3   
ALA O    O N N 4   
ALA CB   C N N 5   
ALA OXT  O N N 6   
ALA H    H N N 7   
ALA H2   H N N 8   
ALA HA   H N N 9   
ALA HB1  H N N 10  
ALA HB2  H N N 11  
ALA HB3  H N N 12  
ALA HXT  H N N 13  
ARG N    N N N 14  
ARG CA   C N S 15  
ARG C    C N N 16  
ARG O    O N N 17  
ARG CB   C N N 18  
ARG CG   C N N 19  
ARG CD   C N N 20  
ARG NE   N N N 21  
ARG CZ   C N N 22  
ARG NH1  N N N 23  
ARG NH2  N N N 24  
ARG OXT  O N N 25  
ARG H    H N N 26  
ARG H2   H N N 27  
ARG HA   H N N 28  
ARG HB2  H N N 29  
ARG HB3  H N N 30  
ARG HG2  H N N 31  
ARG HG3  H N N 32  
ARG HD2  H N N 33  
ARG HD3  H N N 34  
ARG HE   H N N 35  
ARG HH11 H N N 36  
ARG HH12 H N N 37  
ARG HH21 H N N 38  
ARG HH22 H N N 39  
ARG HXT  H N N 40  
ASN N    N N N 41  
ASN CA   C N S 42  
ASN C    C N N 43  
ASN O    O N N 44  
ASN CB   C N N 45  
ASN CG   C N N 46  
ASN OD1  O N N 47  
ASN ND2  N N N 48  
ASN OXT  O N N 49  
ASN H    H N N 50  
ASN H2   H N N 51  
ASN HA   H N N 52  
ASN HB2  H N N 53  
ASN HB3  H N N 54  
ASN HD21 H N N 55  
ASN HD22 H N N 56  
ASN HXT  H N N 57  
ASP N    N N N 58  
ASP CA   C N S 59  
ASP C    C N N 60  
ASP O    O N N 61  
ASP CB   C N N 62  
ASP CG   C N N 63  
ASP OD1  O N N 64  
ASP OD2  O N N 65  
ASP OXT  O N N 66  
ASP H    H N N 67  
ASP H2   H N N 68  
ASP HA   H N N 69  
ASP HB2  H N N 70  
ASP HB3  H N N 71  
ASP HD2  H N N 72  
ASP HXT  H N N 73  
CYS N    N N N 74  
CYS CA   C N R 75  
CYS C    C N N 76  
CYS O    O N N 77  
CYS CB   C N N 78  
CYS SG   S N N 79  
CYS OXT  O N N 80  
CYS H    H N N 81  
CYS H2   H N N 82  
CYS HA   H N N 83  
CYS HB2  H N N 84  
CYS HB3  H N N 85  
CYS HG   H N N 86  
CYS HXT  H N N 87  
GLN N    N N N 88  
GLN CA   C N S 89  
GLN C    C N N 90  
GLN O    O N N 91  
GLN CB   C N N 92  
GLN CG   C N N 93  
GLN CD   C N N 94  
GLN OE1  O N N 95  
GLN NE2  N N N 96  
GLN OXT  O N N 97  
GLN H    H N N 98  
GLN H2   H N N 99  
GLN HA   H N N 100 
GLN HB2  H N N 101 
GLN HB3  H N N 102 
GLN HG2  H N N 103 
GLN HG3  H N N 104 
GLN HE21 H N N 105 
GLN HE22 H N N 106 
GLN HXT  H N N 107 
GLU N    N N N 108 
GLU CA   C N S 109 
GLU C    C N N 110 
GLU O    O N N 111 
GLU CB   C N N 112 
GLU CG   C N N 113 
GLU CD   C N N 114 
GLU OE1  O N N 115 
GLU OE2  O N N 116 
GLU OXT  O N N 117 
GLU H    H N N 118 
GLU H2   H N N 119 
GLU HA   H N N 120 
GLU HB2  H N N 121 
GLU HB3  H N N 122 
GLU HG2  H N N 123 
GLU HG3  H N N 124 
GLU HE2  H N N 125 
GLU HXT  H N N 126 
GLY N    N N N 127 
GLY CA   C N N 128 
GLY C    C N N 129 
GLY O    O N N 130 
GLY OXT  O N N 131 
GLY H    H N N 132 
GLY H2   H N N 133 
GLY HA2  H N N 134 
GLY HA3  H N N 135 
GLY HXT  H N N 136 
HIS N    N N N 137 
HIS CA   C N S 138 
HIS C    C N N 139 
HIS O    O N N 140 
HIS CB   C N N 141 
HIS CG   C Y N 142 
HIS ND1  N Y N 143 
HIS CD2  C Y N 144 
HIS CE1  C Y N 145 
HIS NE2  N Y N 146 
HIS OXT  O N N 147 
HIS H    H N N 148 
HIS H2   H N N 149 
HIS HA   H N N 150 
HIS HB2  H N N 151 
HIS HB3  H N N 152 
HIS HD1  H N N 153 
HIS HD2  H N N 154 
HIS HE1  H N N 155 
HIS HE2  H N N 156 
HIS HXT  H N N 157 
HOH O    O N N 158 
HOH H1   H N N 159 
HOH H2   H N N 160 
ILE N    N N N 161 
ILE CA   C N S 162 
ILE C    C N N 163 
ILE O    O N N 164 
ILE CB   C N S 165 
ILE CG1  C N N 166 
ILE CG2  C N N 167 
ILE CD1  C N N 168 
ILE OXT  O N N 169 
ILE H    H N N 170 
ILE H2   H N N 171 
ILE HA   H N N 172 
ILE HB   H N N 173 
ILE HG12 H N N 174 
ILE HG13 H N N 175 
ILE HG21 H N N 176 
ILE HG22 H N N 177 
ILE HG23 H N N 178 
ILE HD11 H N N 179 
ILE HD12 H N N 180 
ILE HD13 H N N 181 
ILE HXT  H N N 182 
LEU N    N N N 183 
LEU CA   C N S 184 
LEU C    C N N 185 
LEU O    O N N 186 
LEU CB   C N N 187 
LEU CG   C N N 188 
LEU CD1  C N N 189 
LEU CD2  C N N 190 
LEU OXT  O N N 191 
LEU H    H N N 192 
LEU H2   H N N 193 
LEU HA   H N N 194 
LEU HB2  H N N 195 
LEU HB3  H N N 196 
LEU HG   H N N 197 
LEU HD11 H N N 198 
LEU HD12 H N N 199 
LEU HD13 H N N 200 
LEU HD21 H N N 201 
LEU HD22 H N N 202 
LEU HD23 H N N 203 
LEU HXT  H N N 204 
LYS N    N N N 205 
LYS CA   C N S 206 
LYS C    C N N 207 
LYS O    O N N 208 
LYS CB   C N N 209 
LYS CG   C N N 210 
LYS CD   C N N 211 
LYS CE   C N N 212 
LYS NZ   N N N 213 
LYS OXT  O N N 214 
LYS H    H N N 215 
LYS H2   H N N 216 
LYS HA   H N N 217 
LYS HB2  H N N 218 
LYS HB3  H N N 219 
LYS HG2  H N N 220 
LYS HG3  H N N 221 
LYS HD2  H N N 222 
LYS HD3  H N N 223 
LYS HE2  H N N 224 
LYS HE3  H N N 225 
LYS HZ1  H N N 226 
LYS HZ2  H N N 227 
LYS HZ3  H N N 228 
LYS HXT  H N N 229 
MET N    N N N 230 
MET CA   C N S 231 
MET C    C N N 232 
MET O    O N N 233 
MET CB   C N N 234 
MET CG   C N N 235 
MET SD   S N N 236 
MET CE   C N N 237 
MET OXT  O N N 238 
MET H    H N N 239 
MET H2   H N N 240 
MET HA   H N N 241 
MET HB2  H N N 242 
MET HB3  H N N 243 
MET HG2  H N N 244 
MET HG3  H N N 245 
MET HE1  H N N 246 
MET HE2  H N N 247 
MET HE3  H N N 248 
MET HXT  H N N 249 
PHE N    N N N 250 
PHE CA   C N S 251 
PHE C    C N N 252 
PHE O    O N N 253 
PHE CB   C N N 254 
PHE CG   C Y N 255 
PHE CD1  C Y N 256 
PHE CD2  C Y N 257 
PHE CE1  C Y N 258 
PHE CE2  C Y N 259 
PHE CZ   C Y N 260 
PHE OXT  O N N 261 
PHE H    H N N 262 
PHE H2   H N N 263 
PHE HA   H N N 264 
PHE HB2  H N N 265 
PHE HB3  H N N 266 
PHE HD1  H N N 267 
PHE HD2  H N N 268 
PHE HE1  H N N 269 
PHE HE2  H N N 270 
PHE HZ   H N N 271 
PHE HXT  H N N 272 
PRO N    N N N 273 
PRO CA   C N S 274 
PRO C    C N N 275 
PRO O    O N N 276 
PRO CB   C N N 277 
PRO CG   C N N 278 
PRO CD   C N N 279 
PRO OXT  O N N 280 
PRO H    H N N 281 
PRO HA   H N N 282 
PRO HB2  H N N 283 
PRO HB3  H N N 284 
PRO HG2  H N N 285 
PRO HG3  H N N 286 
PRO HD2  H N N 287 
PRO HD3  H N N 288 
PRO HXT  H N N 289 
SER N    N N N 290 
SER CA   C N S 291 
SER C    C N N 292 
SER O    O N N 293 
SER CB   C N N 294 
SER OG   O N N 295 
SER OXT  O N N 296 
SER H    H N N 297 
SER H2   H N N 298 
SER HA   H N N 299 
SER HB2  H N N 300 
SER HB3  H N N 301 
SER HG   H N N 302 
SER HXT  H N N 303 
THR N    N N N 304 
THR CA   C N S 305 
THR C    C N N 306 
THR O    O N N 307 
THR CB   C N R 308 
THR OG1  O N N 309 
THR CG2  C N N 310 
THR OXT  O N N 311 
THR H    H N N 312 
THR H2   H N N 313 
THR HA   H N N 314 
THR HB   H N N 315 
THR HG1  H N N 316 
THR HG21 H N N 317 
THR HG22 H N N 318 
THR HG23 H N N 319 
THR HXT  H N N 320 
TRP N    N N N 321 
TRP CA   C N S 322 
TRP C    C N N 323 
TRP O    O N N 324 
TRP CB   C N N 325 
TRP CG   C Y N 326 
TRP CD1  C Y N 327 
TRP CD2  C Y N 328 
TRP NE1  N Y N 329 
TRP CE2  C Y N 330 
TRP CE3  C Y N 331 
TRP CZ2  C Y N 332 
TRP CZ3  C Y N 333 
TRP CH2  C Y N 334 
TRP OXT  O N N 335 
TRP H    H N N 336 
TRP H2   H N N 337 
TRP HA   H N N 338 
TRP HB2  H N N 339 
TRP HB3  H N N 340 
TRP HD1  H N N 341 
TRP HE1  H N N 342 
TRP HE3  H N N 343 
TRP HZ2  H N N 344 
TRP HZ3  H N N 345 
TRP HH2  H N N 346 
TRP HXT  H N N 347 
TYR N    N N N 348 
TYR CA   C N S 349 
TYR C    C N N 350 
TYR O    O N N 351 
TYR CB   C N N 352 
TYR CG   C Y N 353 
TYR CD1  C Y N 354 
TYR CD2  C Y N 355 
TYR CE1  C Y N 356 
TYR CE2  C Y N 357 
TYR CZ   C Y N 358 
TYR OH   O N N 359 
TYR OXT  O N N 360 
TYR H    H N N 361 
TYR H2   H N N 362 
TYR HA   H N N 363 
TYR HB2  H N N 364 
TYR HB3  H N N 365 
TYR HD1  H N N 366 
TYR HD2  H N N 367 
TYR HE1  H N N 368 
TYR HE2  H N N 369 
TYR HH   H N N 370 
TYR HXT  H N N 371 
VAL N    N N N 372 
VAL CA   C N S 373 
VAL C    C N N 374 
VAL O    O N N 375 
VAL CB   C N N 376 
VAL CG1  C N N 377 
VAL CG2  C N N 378 
VAL OXT  O N N 379 
VAL H    H N N 380 
VAL H2   H N N 381 
VAL HA   H N N 382 
VAL HB   H N N 383 
VAL HG11 H N N 384 
VAL HG12 H N N 385 
VAL HG13 H N N 386 
VAL HG21 H N N 387 
VAL HG22 H N N 388 
VAL HG23 H N N 389 
VAL HXT  H N N 390 
ZMW N1   N N N 391 
ZMW N3   N N N 392 
ZMW C4   C Y N 393 
ZMW C5   C Y N 394 
ZMW C6   C Y N 395 
ZMW C7   C Y N 396 
ZMW C8   C Y N 397 
ZMW C10  C N N 398 
ZMW C13  C N N 399 
ZMW C15  C Y N 400 
ZMW C17  C Y N 401 
ZMW C1   C N N 402 
ZMW C11  C N N 403 
ZMW C12  C N N 404 
ZMW C14  C Y N 405 
ZMW C16  C Y N 406 
ZMW C2   C N N 407 
ZMW C3   C Y N 408 
ZMW C9   C N N 409 
ZMW N2   N N N 410 
ZMW O1   O N N 411 
ZMW O2   O N N 412 
ZMW O3   O Y N 413 
ZMW H1   H N N 414 
ZMW H4   H N N 415 
ZMW H5   H N N 416 
ZMW H6   H N N 417 
ZMW H7   H N N 418 
ZMW H8   H N N 419 
ZMW H12  H N N 420 
ZMW H11  H N N 421 
ZMW H17  H N N 422 
ZMW H19  H N N 423 
ZMW H13  H N N 424 
ZMW H14  H N N 425 
ZMW H16  H N N 426 
ZMW H15  H N N 427 
ZMW H18  H N N 428 
ZMW H2   H N N 429 
ZMW H3   H N N 430 
ZMW H9   H N N 431 
ZMW H10  H N N 432 
# 
loop_
_chem_comp_bond.comp_id 
_chem_comp_bond.atom_id_1 
_chem_comp_bond.atom_id_2 
_chem_comp_bond.value_order 
_chem_comp_bond.pdbx_aromatic_flag 
_chem_comp_bond.pdbx_stereo_config 
_chem_comp_bond.pdbx_ordinal 
ALA N   CA   sing N N 1   
ALA N   H    sing N N 2   
ALA N   H2   sing N N 3   
ALA CA  C    sing N N 4   
ALA CA  CB   sing N N 5   
ALA CA  HA   sing N N 6   
ALA C   O    doub N N 7   
ALA C   OXT  sing N N 8   
ALA CB  HB1  sing N N 9   
ALA CB  HB2  sing N N 10  
ALA CB  HB3  sing N N 11  
ALA OXT HXT  sing N N 12  
ARG N   CA   sing N N 13  
ARG N   H    sing N N 14  
ARG N   H2   sing N N 15  
ARG CA  C    sing N N 16  
ARG CA  CB   sing N N 17  
ARG CA  HA   sing N N 18  
ARG C   O    doub N N 19  
ARG C   OXT  sing N N 20  
ARG CB  CG   sing N N 21  
ARG CB  HB2  sing N N 22  
ARG CB  HB3  sing N N 23  
ARG CG  CD   sing N N 24  
ARG CG  HG2  sing N N 25  
ARG CG  HG3  sing N N 26  
ARG CD  NE   sing N N 27  
ARG CD  HD2  sing N N 28  
ARG CD  HD3  sing N N 29  
ARG NE  CZ   sing N N 30  
ARG NE  HE   sing N N 31  
ARG CZ  NH1  sing N N 32  
ARG CZ  NH2  doub N N 33  
ARG NH1 HH11 sing N N 34  
ARG NH1 HH12 sing N N 35  
ARG NH2 HH21 sing N N 36  
ARG NH2 HH22 sing N N 37  
ARG OXT HXT  sing N N 38  
ASN N   CA   sing N N 39  
ASN N   H    sing N N 40  
ASN N   H2   sing N N 41  
ASN CA  C    sing N N 42  
ASN CA  CB   sing N N 43  
ASN CA  HA   sing N N 44  
ASN C   O    doub N N 45  
ASN C   OXT  sing N N 46  
ASN CB  CG   sing N N 47  
ASN CB  HB2  sing N N 48  
ASN CB  HB3  sing N N 49  
ASN CG  OD1  doub N N 50  
ASN CG  ND2  sing N N 51  
ASN ND2 HD21 sing N N 52  
ASN ND2 HD22 sing N N 53  
ASN OXT HXT  sing N N 54  
ASP N   CA   sing N N 55  
ASP N   H    sing N N 56  
ASP N   H2   sing N N 57  
ASP CA  C    sing N N 58  
ASP CA  CB   sing N N 59  
ASP CA  HA   sing N N 60  
ASP C   O    doub N N 61  
ASP C   OXT  sing N N 62  
ASP CB  CG   sing N N 63  
ASP CB  HB2  sing N N 64  
ASP CB  HB3  sing N N 65  
ASP CG  OD1  doub N N 66  
ASP CG  OD2  sing N N 67  
ASP OD2 HD2  sing N N 68  
ASP OXT HXT  sing N N 69  
CYS N   CA   sing N N 70  
CYS N   H    sing N N 71  
CYS N   H2   sing N N 72  
CYS CA  C    sing N N 73  
CYS CA  CB   sing N N 74  
CYS CA  HA   sing N N 75  
CYS C   O    doub N N 76  
CYS C   OXT  sing N N 77  
CYS CB  SG   sing N N 78  
CYS CB  HB2  sing N N 79  
CYS CB  HB3  sing N N 80  
CYS SG  HG   sing N N 81  
CYS OXT HXT  sing N N 82  
GLN N   CA   sing N N 83  
GLN N   H    sing N N 84  
GLN N   H2   sing N N 85  
GLN CA  C    sing N N 86  
GLN CA  CB   sing N N 87  
GLN CA  HA   sing N N 88  
GLN C   O    doub N N 89  
GLN C   OXT  sing N N 90  
GLN CB  CG   sing N N 91  
GLN CB  HB2  sing N N 92  
GLN CB  HB3  sing N N 93  
GLN CG  CD   sing N N 94  
GLN CG  HG2  sing N N 95  
GLN CG  HG3  sing N N 96  
GLN CD  OE1  doub N N 97  
GLN CD  NE2  sing N N 98  
GLN NE2 HE21 sing N N 99  
GLN NE2 HE22 sing N N 100 
GLN OXT HXT  sing N N 101 
GLU N   CA   sing N N 102 
GLU N   H    sing N N 103 
GLU N   H2   sing N N 104 
GLU CA  C    sing N N 105 
GLU CA  CB   sing N N 106 
GLU CA  HA   sing N N 107 
GLU C   O    doub N N 108 
GLU C   OXT  sing N N 109 
GLU CB  CG   sing N N 110 
GLU CB  HB2  sing N N 111 
GLU CB  HB3  sing N N 112 
GLU CG  CD   sing N N 113 
GLU CG  HG2  sing N N 114 
GLU CG  HG3  sing N N 115 
GLU CD  OE1  doub N N 116 
GLU CD  OE2  sing N N 117 
GLU OE2 HE2  sing N N 118 
GLU OXT HXT  sing N N 119 
GLY N   CA   sing N N 120 
GLY N   H    sing N N 121 
GLY N   H2   sing N N 122 
GLY CA  C    sing N N 123 
GLY CA  HA2  sing N N 124 
GLY CA  HA3  sing N N 125 
GLY C   O    doub N N 126 
GLY C   OXT  sing N N 127 
GLY OXT HXT  sing N N 128 
HIS N   CA   sing N N 129 
HIS N   H    sing N N 130 
HIS N   H2   sing N N 131 
HIS CA  C    sing N N 132 
HIS CA  CB   sing N N 133 
HIS CA  HA   sing N N 134 
HIS C   O    doub N N 135 
HIS C   OXT  sing N N 136 
HIS CB  CG   sing N N 137 
HIS CB  HB2  sing N N 138 
HIS CB  HB3  sing N N 139 
HIS CG  ND1  sing Y N 140 
HIS CG  CD2  doub Y N 141 
HIS ND1 CE1  doub Y N 142 
HIS ND1 HD1  sing N N 143 
HIS CD2 NE2  sing Y N 144 
HIS CD2 HD2  sing N N 145 
HIS CE1 NE2  sing Y N 146 
HIS CE1 HE1  sing N N 147 
HIS NE2 HE2  sing N N 148 
HIS OXT HXT  sing N N 149 
HOH O   H1   sing N N 150 
HOH O   H2   sing N N 151 
ILE N   CA   sing N N 152 
ILE N   H    sing N N 153 
ILE N   H2   sing N N 154 
ILE CA  C    sing N N 155 
ILE CA  CB   sing N N 156 
ILE CA  HA   sing N N 157 
ILE C   O    doub N N 158 
ILE C   OXT  sing N N 159 
ILE CB  CG1  sing N N 160 
ILE CB  CG2  sing N N 161 
ILE CB  HB   sing N N 162 
ILE CG1 CD1  sing N N 163 
ILE CG1 HG12 sing N N 164 
ILE CG1 HG13 sing N N 165 
ILE CG2 HG21 sing N N 166 
ILE CG2 HG22 sing N N 167 
ILE CG2 HG23 sing N N 168 
ILE CD1 HD11 sing N N 169 
ILE CD1 HD12 sing N N 170 
ILE CD1 HD13 sing N N 171 
ILE OXT HXT  sing N N 172 
LEU N   CA   sing N N 173 
LEU N   H    sing N N 174 
LEU N   H2   sing N N 175 
LEU CA  C    sing N N 176 
LEU CA  CB   sing N N 177 
LEU CA  HA   sing N N 178 
LEU C   O    doub N N 179 
LEU C   OXT  sing N N 180 
LEU CB  CG   sing N N 181 
LEU CB  HB2  sing N N 182 
LEU CB  HB3  sing N N 183 
LEU CG  CD1  sing N N 184 
LEU CG  CD2  sing N N 185 
LEU CG  HG   sing N N 186 
LEU CD1 HD11 sing N N 187 
LEU CD1 HD12 sing N N 188 
LEU CD1 HD13 sing N N 189 
LEU CD2 HD21 sing N N 190 
LEU CD2 HD22 sing N N 191 
LEU CD2 HD23 sing N N 192 
LEU OXT HXT  sing N N 193 
LYS N   CA   sing N N 194 
LYS N   H    sing N N 195 
LYS N   H2   sing N N 196 
LYS CA  C    sing N N 197 
LYS CA  CB   sing N N 198 
LYS CA  HA   sing N N 199 
LYS C   O    doub N N 200 
LYS C   OXT  sing N N 201 
LYS CB  CG   sing N N 202 
LYS CB  HB2  sing N N 203 
LYS CB  HB3  sing N N 204 
LYS CG  CD   sing N N 205 
LYS CG  HG2  sing N N 206 
LYS CG  HG3  sing N N 207 
LYS CD  CE   sing N N 208 
LYS CD  HD2  sing N N 209 
LYS CD  HD3  sing N N 210 
LYS CE  NZ   sing N N 211 
LYS CE  HE2  sing N N 212 
LYS CE  HE3  sing N N 213 
LYS NZ  HZ1  sing N N 214 
LYS NZ  HZ2  sing N N 215 
LYS NZ  HZ3  sing N N 216 
LYS OXT HXT  sing N N 217 
MET N   CA   sing N N 218 
MET N   H    sing N N 219 
MET N   H2   sing N N 220 
MET CA  C    sing N N 221 
MET CA  CB   sing N N 222 
MET CA  HA   sing N N 223 
MET C   O    doub N N 224 
MET C   OXT  sing N N 225 
MET CB  CG   sing N N 226 
MET CB  HB2  sing N N 227 
MET CB  HB3  sing N N 228 
MET CG  SD   sing N N 229 
MET CG  HG2  sing N N 230 
MET CG  HG3  sing N N 231 
MET SD  CE   sing N N 232 
MET CE  HE1  sing N N 233 
MET CE  HE2  sing N N 234 
MET CE  HE3  sing N N 235 
MET OXT HXT  sing N N 236 
PHE N   CA   sing N N 237 
PHE N   H    sing N N 238 
PHE N   H2   sing N N 239 
PHE CA  C    sing N N 240 
PHE CA  CB   sing N N 241 
PHE CA  HA   sing N N 242 
PHE C   O    doub N N 243 
PHE C   OXT  sing N N 244 
PHE CB  CG   sing N N 245 
PHE CB  HB2  sing N N 246 
PHE CB  HB3  sing N N 247 
PHE CG  CD1  doub Y N 248 
PHE CG  CD2  sing Y N 249 
PHE CD1 CE1  sing Y N 250 
PHE CD1 HD1  sing N N 251 
PHE CD2 CE2  doub Y N 252 
PHE CD2 HD2  sing N N 253 
PHE CE1 CZ   doub Y N 254 
PHE CE1 HE1  sing N N 255 
PHE CE2 CZ   sing Y N 256 
PHE CE2 HE2  sing N N 257 
PHE CZ  HZ   sing N N 258 
PHE OXT HXT  sing N N 259 
PRO N   CA   sing N N 260 
PRO N   CD   sing N N 261 
PRO N   H    sing N N 262 
PRO CA  C    sing N N 263 
PRO CA  CB   sing N N 264 
PRO CA  HA   sing N N 265 
PRO C   O    doub N N 266 
PRO C   OXT  sing N N 267 
PRO CB  CG   sing N N 268 
PRO CB  HB2  sing N N 269 
PRO CB  HB3  sing N N 270 
PRO CG  CD   sing N N 271 
PRO CG  HG2  sing N N 272 
PRO CG  HG3  sing N N 273 
PRO CD  HD2  sing N N 274 
PRO CD  HD3  sing N N 275 
PRO OXT HXT  sing N N 276 
SER N   CA   sing N N 277 
SER N   H    sing N N 278 
SER N   H2   sing N N 279 
SER CA  C    sing N N 280 
SER CA  CB   sing N N 281 
SER CA  HA   sing N N 282 
SER C   O    doub N N 283 
SER C   OXT  sing N N 284 
SER CB  OG   sing N N 285 
SER CB  HB2  sing N N 286 
SER CB  HB3  sing N N 287 
SER OG  HG   sing N N 288 
SER OXT HXT  sing N N 289 
THR N   CA   sing N N 290 
THR N   H    sing N N 291 
THR N   H2   sing N N 292 
THR CA  C    sing N N 293 
THR CA  CB   sing N N 294 
THR CA  HA   sing N N 295 
THR C   O    doub N N 296 
THR C   OXT  sing N N 297 
THR CB  OG1  sing N N 298 
THR CB  CG2  sing N N 299 
THR CB  HB   sing N N 300 
THR OG1 HG1  sing N N 301 
THR CG2 HG21 sing N N 302 
THR CG2 HG22 sing N N 303 
THR CG2 HG23 sing N N 304 
THR OXT HXT  sing N N 305 
TRP N   CA   sing N N 306 
TRP N   H    sing N N 307 
TRP N   H2   sing N N 308 
TRP CA  C    sing N N 309 
TRP CA  CB   sing N N 310 
TRP CA  HA   sing N N 311 
TRP C   O    doub N N 312 
TRP C   OXT  sing N N 313 
TRP CB  CG   sing N N 314 
TRP CB  HB2  sing N N 315 
TRP CB  HB3  sing N N 316 
TRP CG  CD1  doub Y N 317 
TRP CG  CD2  sing Y N 318 
TRP CD1 NE1  sing Y N 319 
TRP CD1 HD1  sing N N 320 
TRP CD2 CE2  doub Y N 321 
TRP CD2 CE3  sing Y N 322 
TRP NE1 CE2  sing Y N 323 
TRP NE1 HE1  sing N N 324 
TRP CE2 CZ2  sing Y N 325 
TRP CE3 CZ3  doub Y N 326 
TRP CE3 HE3  sing N N 327 
TRP CZ2 CH2  doub Y N 328 
TRP CZ2 HZ2  sing N N 329 
TRP CZ3 CH2  sing Y N 330 
TRP CZ3 HZ3  sing N N 331 
TRP CH2 HH2  sing N N 332 
TRP OXT HXT  sing N N 333 
TYR N   CA   sing N N 334 
TYR N   H    sing N N 335 
TYR N   H2   sing N N 336 
TYR CA  C    sing N N 337 
TYR CA  CB   sing N N 338 
TYR CA  HA   sing N N 339 
TYR C   O    doub N N 340 
TYR C   OXT  sing N N 341 
TYR CB  CG   sing N N 342 
TYR CB  HB2  sing N N 343 
TYR CB  HB3  sing N N 344 
TYR CG  CD1  doub Y N 345 
TYR CG  CD2  sing Y N 346 
TYR CD1 CE1  sing Y N 347 
TYR CD1 HD1  sing N N 348 
TYR CD2 CE2  doub Y N 349 
TYR CD2 HD2  sing N N 350 
TYR CE1 CZ   doub Y N 351 
TYR CE1 HE1  sing N N 352 
TYR CE2 CZ   sing Y N 353 
TYR CE2 HE2  sing N N 354 
TYR CZ  OH   sing N N 355 
TYR OH  HH   sing N N 356 
TYR OXT HXT  sing N N 357 
VAL N   CA   sing N N 358 
VAL N   H    sing N N 359 
VAL N   H2   sing N N 360 
VAL CA  C    sing N N 361 
VAL CA  CB   sing N N 362 
VAL CA  HA   sing N N 363 
VAL C   O    doub N N 364 
VAL C   OXT  sing N N 365 
VAL CB  CG1  sing N N 366 
VAL CB  CG2  sing N N 367 
VAL CB  HB   sing N N 368 
VAL CG1 HG11 sing N N 369 
VAL CG1 HG12 sing N N 370 
VAL CG1 HG13 sing N N 371 
VAL CG2 HG21 sing N N 372 
VAL CG2 HG22 sing N N 373 
VAL CG2 HG23 sing N N 374 
VAL OXT HXT  sing N N 375 
ZMW O1  C1   doub N N 376 
ZMW C1  N1   sing N N 377 
ZMW N1  C2   sing N N 378 
ZMW C2  C3   sing N N 379 
ZMW C3  C4   doub Y N 380 
ZMW C4  C5   sing Y N 381 
ZMW C5  C6   doub Y N 382 
ZMW C6  C7   sing Y N 383 
ZMW C7  C8   doub Y N 384 
ZMW C1  N2   sing N N 385 
ZMW N2  C9   sing N N 386 
ZMW C9  C10  sing N N 387 
ZMW C10 N3   sing N N 388 
ZMW N3  C11  sing N N 389 
ZMW C11 C12  sing N N 390 
ZMW N3  C13  sing N N 391 
ZMW C13 O2   doub N N 392 
ZMW C13 C14  sing N N 393 
ZMW C14 C15  doub Y N 394 
ZMW C15 C16  sing Y N 395 
ZMW C16 C17  doub Y N 396 
ZMW C17 O3   sing Y N 397 
ZMW C3  C8   sing Y N 398 
ZMW N2  C12  sing N N 399 
ZMW C14 O3   sing Y N 400 
ZMW N1  H1   sing N N 401 
ZMW C4  H4   sing N N 402 
ZMW C5  H5   sing N N 403 
ZMW C6  H6   sing N N 404 
ZMW C7  H7   sing N N 405 
ZMW C8  H8   sing N N 406 
ZMW C10 H12  sing N N 407 
ZMW C10 H11  sing N N 408 
ZMW C15 H17  sing N N 409 
ZMW C17 H19  sing N N 410 
ZMW C11 H13  sing N N 411 
ZMW C11 H14  sing N N 412 
ZMW C12 H16  sing N N 413 
ZMW C12 H15  sing N N 414 
ZMW C16 H18  sing N N 415 
ZMW C2  H2   sing N N 416 
ZMW C2  H3   sing N N 417 
ZMW C9  H9   sing N N 418 
ZMW C9  H10  sing N N 419 
# 
_pdbx_audit_support.ordinal                1 
_pdbx_audit_support.funding_organization   'Wellcome Trust' 
_pdbx_audit_support.grant_number           None 
_pdbx_audit_support.country                'United Kingdom' 
# 
_pdbx_deposit_group.group_id            G_1002265 
_pdbx_deposit_group.group_description   
;XDomainX of XOrganismX PHIP screened against predicted false negatives and catalogue compounds by X-ray Crystallography at the XChem facility of Diamond Light Source beamline I04-1
;
_pdbx_deposit_group.group_title         'PanDDA analysis group deposition' 
_pdbx_deposit_group.group_type          'changed state' 
# 
_pdbx_entity_instance_feature.ordinal        1 
_pdbx_entity_instance_feature.comp_id        ZMW 
_pdbx_entity_instance_feature.asym_id        ? 
_pdbx_entity_instance_feature.seq_num        ? 
_pdbx_entity_instance_feature.auth_comp_id   ZMW 
_pdbx_entity_instance_feature.auth_asym_id   ? 
_pdbx_entity_instance_feature.auth_seq_num   ? 
_pdbx_entity_instance_feature.feature_type   'SUBJECT OF INVESTIGATION' 
_pdbx_entity_instance_feature.details        ? 
# 
_atom_sites.entry_id                    7FVF 
_atom_sites.fract_transf_matrix[1][1]   -0.00623927 
_atom_sites.fract_transf_matrix[1][2]   -0.00401450 
_atom_sites.fract_transf_matrix[1][3]   -0.00996719 
_atom_sites.fract_transf_matrix[2][1]   -0.03133220 
_atom_sites.fract_transf_matrix[2][2]   0.00376807 
_atom_sites.fract_transf_matrix[2][3]   0.01809569 
_atom_sites.fract_transf_matrix[3][1]   -0.00291591 
_atom_sites.fract_transf_matrix[3][2]   0.01567101 
_atom_sites.fract_transf_matrix[3][3]   -0.00831200 
_atom_sites.fract_transf_vector[1]      -0.145521 
_atom_sites.fract_transf_vector[2]      0.450231 
_atom_sites.fract_transf_vector[3]      0.218827 
# 
loop_
_atom_type.symbol 
C 
N 
O 
S 
# 
loop_
_atom_site.group_PDB 
_atom_site.id 
_atom_site.type_symbol 
_atom_site.label_atom_id 
_atom_site.label_alt_id 
_atom_site.label_comp_id 
_atom_site.label_asym_id 
_atom_site.label_entity_id 
_atom_site.label_seq_id 
_atom_site.pdbx_PDB_ins_code 
_atom_site.Cartn_x 
_atom_site.Cartn_y 
_atom_site.Cartn_z 
_atom_site.occupancy 
_atom_site.B_iso_or_equiv 
_atom_site.pdbx_formal_charge 
_atom_site.auth_seq_id 
_atom_site.auth_comp_id 
_atom_site.auth_asym_id 
_atom_site.auth_atom_id 
_atom_site.pdbx_PDB_model_num 
ATOM   1    N N   . SER A 1 24  ? 2.338   -22.962 9.067   1.00 23.51  ? 1315 SER A N   1 
ATOM   2    C CA  . SER A 1 24  ? 1.231   -22.070 8.572   1.00 23.02  ? 1315 SER A CA  1 
ATOM   3    C C   . SER A 1 24  ? 1.398   -21.823 7.069   1.00 20.54  ? 1315 SER A C   1 
ATOM   4    O O   . SER A 1 24  ? 1.801   -20.674 6.694   1.00 20.60  ? 1315 SER A O   1 
ATOM   5    C CB  . SER A 1 24  ? 1.216   -20.782 9.355   1.00 23.87  ? 1315 SER A CB  1 
ATOM   6    O OG  . SER A 1 24  ? 0.754   -21.002 10.678  1.00 27.43  ? 1315 SER A OG  1 
ATOM   7    N N   . TYR A 1 25  ? 1.102   -22.832 6.226   1.00 17.33  ? 1316 TYR A N   1 
ATOM   8    C CA  . TYR A 1 25  ? 1.640   -22.897 4.841   1.00 15.89  ? 1316 TYR A CA  1 
ATOM   9    C C   . TYR A 1 25  ? 0.522   -22.654 3.810   1.00 15.13  ? 1316 TYR A C   1 
ATOM   10   O O   . TYR A 1 25  ? 0.663   -23.155 2.700   1.00 14.22  ? 1316 TYR A O   1 
ATOM   11   C CB  . TYR A 1 25  ? 2.380   -24.219 4.597   1.00 15.11  ? 1316 TYR A CB  1 
ATOM   12   C CG  . TYR A 1 25  ? 3.458   -24.589 5.592   1.00 15.16  ? 1316 TYR A CG  1 
ATOM   13   C CD1 . TYR A 1 25  ? 4.544   -23.760 5.847   1.00 14.63  ? 1316 TYR A CD1 1 
ATOM   14   C CD2 . TYR A 1 25  ? 3.428   -25.817 6.226   1.00 15.37  ? 1316 TYR A CD2 1 
ATOM   15   C CE1 . TYR A 1 25  ? 5.533   -24.123 6.752   1.00 14.44  ? 1316 TYR A CE1 1 
ATOM   16   C CE2 . TYR A 1 25  ? 4.419   -26.201 7.116   1.00 15.58  ? 1316 TYR A CE2 1 
ATOM   17   C CZ  . TYR A 1 25  ? 5.474   -25.353 7.381   1.00 15.42  ? 1316 TYR A CZ  1 
ATOM   18   O OH  . TYR A 1 25  ? 6.465   -25.718 8.259   1.00 15.17  ? 1316 TYR A OH  1 
ATOM   19   N N   . ASP A 1 26  ? -0.502  -21.863 4.148   1.00 15.61  ? 1317 ASP A N   1 
ATOM   20   C CA  . ASP A 1 26  ? -1.619  -21.514 3.206   1.00 14.89  ? 1317 ASP A CA  1 
ATOM   21   C C   . ASP A 1 26  ? -1.095  -20.453 2.231   1.00 14.31  ? 1317 ASP A C   1 
ATOM   22   O O   . ASP A 1 26  ? -0.898  -19.276 2.650   1.00 15.22  ? 1317 ASP A O   1 
ATOM   23   C CB  . ASP A 1 26  ? -2.871  -21.090 3.970   1.00 15.51  ? 1317 ASP A CB  1 
ATOM   24   C CG  . ASP A 1 26  ? -4.056  -20.698 3.129   1.00 14.39  ? 1317 ASP A CG  1 
ATOM   25   O OD1 . ASP A 1 26  ? -3.880  -20.511 1.921   1.00 15.67  ? 1317 ASP A OD1 1 
ATOM   26   O OD2 . ASP A 1 26  ? -5.128  -20.667 3.669   1.00 18.92  ? 1317 ASP A OD2 1 
ATOM   27   N N   . ILE A 1 27  ? -0.879  -20.850 0.973   1.00 13.39  ? 1318 ILE A N   1 
ATOM   28   C CA  . ILE A 1 27  ? -0.341  -19.995 -0.127  1.00 13.34  ? 1318 ILE A CA  1 
ATOM   29   C C   . ILE A 1 27  ? -1.332  -18.864 -0.428  1.00 13.14  ? 1318 ILE A C   1 
ATOM   30   O O   . ILE A 1 27  ? -0.873  -17.812 -0.901  1.00 13.59  ? 1318 ILE A O   1 
ATOM   31   C CB  . ILE A 1 27  ? -0.035  -20.842 -1.382  1.00 13.12  ? 1318 ILE A CB  1 
ATOM   32   C CG1 . ILE A 1 27  ? 1.055   -21.882 -1.109  1.00 13.88  ? 1318 ILE A CG1 1 
ATOM   33   C CG2 . ILE A 1 27  ? 0.330   -19.959 -2.576  1.00 13.91  ? 1318 ILE A CG2 1 
ATOM   34   C CD1 . ILE A 1 27  ? 1.209   -22.934 -2.194  1.00 14.09  ? 1318 ILE A CD1 1 
ATOM   35   N N   . GLN A 1 28  ? -2.625  -19.037 -0.123  1.00 12.63  ? 1319 GLN A N   1 
ATOM   36   C CA  . GLN A 1 28  ? -3.675  -18.028 -0.488  1.00 12.52  ? 1319 GLN A CA  1 
ATOM   37   C C   . GLN A 1 28  ? -3.976  -17.040 0.634   1.00 13.56  ? 1319 GLN A C   1 
ATOM   38   O O   . GLN A 1 28  ? -4.719  -16.066 0.391   1.00 14.24  ? 1319 GLN A O   1 
ATOM   39   C CB  . GLN A 1 28  ? -4.952  -18.722 -0.971  1.00 13.07  ? 1319 GLN A CB  1 
ATOM   40   C CG  . GLN A 1 28  ? -4.842  -19.272 -2.403  1.00 15.01  ? 1319 GLN A CG  1 
ATOM   41   C CD  . GLN A 1 28  ? -4.379  -20.713 -2.462  1.00 13.65  ? 1319 GLN A CD  1 
ATOM   42   O OE1 . GLN A 1 28  ? -4.908  -21.594 -1.823  1.00 14.47  ? 1319 GLN A OE1 1 
ATOM   43   N NE2 . GLN A 1 28  ? -3.489  -21.002 -3.337  1.00 14.76  ? 1319 GLN A NE2 1 
ATOM   44   N N   . ALA A 1 29  ? -3.471  -17.281 1.862   1.00 13.63  ? 1320 ALA A N   1 
ATOM   45   C CA  . ALA A 1 29  ? -3.943  -16.558 3.054   1.00 13.47  ? 1320 ALA A CA  1 
ATOM   46   C C   . ALA A 1 29  ? -3.619  -15.047 2.980   1.00 12.15  ? 1320 ALA A C   1 
ATOM   47   O O   . ALA A 1 29  ? -4.359  -14.268 3.592   1.00 14.06  ? 1320 ALA A O   1 
ATOM   48   C CB  . ALA A 1 29  ? -3.381  -17.216 4.328   1.00 13.80  ? 1320 ALA A CB  1 
ATOM   49   N N   . TRP A 1 30  ? -2.591  -14.669 2.212   1.00 12.52  ? 1321 TRP A N   1 
ATOM   50   C CA  . TRP A 1 30  ? -2.208  -13.243 2.122   1.00 13.04  ? 1321 TRP A CA  1 
ATOM   51   C C   . TRP A 1 30  ? -3.387  -12.366 1.689   1.00 13.15  ? 1321 TRP A C   1 
ATOM   52   O O   . TRP A 1 30  ? -3.426  -11.227 2.056   1.00 12.26  ? 1321 TRP A O   1 
ATOM   53   C CB  . TRP A 1 30  ? -1.003  -13.079 1.180   1.00 13.05  ? 1321 TRP A CB  1 
ATOM   54   C CG  . TRP A 1 30  ? -1.334  -13.461 -0.229  1.00 13.72  ? 1321 TRP A CG  1 
ATOM   55   C CD1 . TRP A 1 30  ? -1.274  -14.711 -0.767  1.00 13.25  ? 1321 TRP A CD1 1 
ATOM   56   C CD2 . TRP A 1 30  ? -1.768  -12.577 -1.300  1.00 12.65  ? 1321 TRP A CD2 1 
ATOM   57   N NE1 . TRP A 1 30  ? -1.658  -14.688 -2.099  1.00 14.35  ? 1321 TRP A NE1 1 
ATOM   58   C CE2 . TRP A 1 30  ? -1.973  -13.410 -2.423  1.00 12.66  ? 1321 TRP A CE2 1 
ATOM   59   C CE3 . TRP A 1 30  ? -1.987  -11.207 -1.421  1.00 13.91  ? 1321 TRP A CE3 1 
ATOM   60   C CZ2 . TRP A 1 30  ? -2.417  -12.917 -3.649  1.00 14.65  ? 1321 TRP A CZ2 1 
ATOM   61   C CZ3 . TRP A 1 30  ? -2.437  -10.716 -2.622  1.00 14.41  ? 1321 TRP A CZ3 1 
ATOM   62   C CH2 . TRP A 1 30  ? -2.635  -11.560 -3.720  1.00 16.02  ? 1321 TRP A CH2 1 
ATOM   63   N N   . LYS A 1 31  ? -4.308  -12.875 0.874   1.00 13.19  ? 1322 LYS A N   1 
ATOM   64   C CA  . LYS A 1 31  ? -5.281  -12.000 0.210   1.00 12.87  ? 1322 LYS A CA  1 
ATOM   65   C C   . LYS A 1 31  ? -6.247  -11.462 1.265   1.00 13.07  ? 1322 LYS A C   1 
ATOM   66   O O   . LYS A 1 31  ? -6.447  -10.212 1.357   1.00 13.99  ? 1322 LYS A O   1 
ATOM   67   C CB  . LYS A 1 31  ? -5.895  -12.717 -1.001  1.00 13.25  ? 1322 LYS A CB  1 
ATOM   68   C CG  . LYS A 1 31  ? -6.943  -11.867 -1.708  1.00 14.39  ? 1322 LYS A CG  1 
ATOM   69   C CD  . LYS A 1 31  ? -7.465  -12.520 -2.917  1.00 14.08  ? 1322 LYS A CD  1 
ATOM   70   C CE  . LYS A 1 31  ? -8.431  -11.680 -3.723  1.00 14.32  ? 1322 LYS A CE  1 
ATOM   71   N NZ  . LYS A 1 31  ? -8.922  -12.466 -4.885  1.00 15.04  ? 1322 LYS A NZ  1 
ATOM   72   N N   . LYS A 1 32  ? -6.792  -12.324 2.121   1.00 13.88  ? 1323 LYS A N   1 
ATOM   73   C CA  . LYS A 1 32  ? -7.723  -11.837 3.162   1.00 15.28  ? 1323 LYS A CA  1 
ATOM   74   C C   . LYS A 1 32  ? -6.936  -10.968 4.186   1.00 13.86  ? 1323 LYS A C   1 
ATOM   75   O O   . LYS A 1 32  ? -7.485  -9.994  4.713   1.00 14.74  ? 1323 LYS A O   1 
ATOM   76   C CB  . LYS A 1 32  ? -8.394  -13.017 3.857   1.00 18.99  ? 1323 LYS A CB  1 
ATOM   77   C CG  . LYS A 1 32  ? -9.468  -12.600 4.843   1.00 25.94  ? 1323 LYS A CG  1 
ATOM   78   C CD  . LYS A 1 32  ? -10.663 -13.573 5.013   1.00 36.99  ? 1323 LYS A CD  1 
ATOM   79   C CE  . LYS A 1 32  ? -11.937 -12.824 5.405   1.00 45.79  ? 1323 LYS A CE  1 
ATOM   80   N NZ  . LYS A 1 32  ? -13.001 -13.703 5.961   1.00 50.71  ? 1323 LYS A NZ  1 
ATOM   81   N N   . GLN A 1 33  ? -5.679  -11.327 4.453   1.00 14.03  ? 1324 GLN A N   1 
ATOM   82   C CA  . GLN A 1 33  ? -4.816  -10.569 5.417   1.00 14.10  ? 1324 GLN A CA  1 
ATOM   83   C C   . GLN A 1 33  ? -4.669  -9.143  4.846   1.00 13.75  ? 1324 GLN A C   1 
ATOM   84   O O   . GLN A 1 33  ? -4.716  -8.175  5.579   1.00 14.70  ? 1324 GLN A O   1 
ATOM   85   C CB  . GLN A 1 33  ? -3.449  -11.236 5.575   1.00 14.63  ? 1324 GLN A CB  1 
ATOM   86   C CG  . GLN A 1 33  ? -3.540  -12.492 6.439   1.00 15.19  ? 1324 GLN A CG  1 
ATOM   87   C CD  . GLN A 1 33  ? -2.369  -13.403 6.336   1.00 16.43  ? 1324 GLN A CD  1 
ATOM   88   O OE1 . GLN A 1 33  ? -1.404  -13.164 5.627   1.00 17.11  ? 1324 GLN A OE1 1 
ATOM   89   N NE2 . GLN A 1 33  ? -2.502  -14.533 7.011   1.00 17.72  ? 1324 GLN A NE2 1 
ATOM   90   N N   . CYS A 1 34  ? -4.459  -9.018  3.542   1.00 13.85  ? 1325 CYS A N   1 
ATOM   91   C CA  . CYS A 1 34  ? -4.310  -7.689  2.913   1.00 12.86  ? 1325 CYS A CA  1 
ATOM   92   C C   . CYS A 1 34  ? -5.646  -6.929  2.873   1.00 14.51  ? 1325 CYS A C   1 
ATOM   93   O O   . CYS A 1 34  ? -5.645  -5.717  3.087   1.00 13.17  ? 1325 CYS A O   1 
ATOM   94   C CB  . CYS A 1 34  ? -3.712  -7.799  1.525   1.00 11.74  ? 1325 CYS A CB  1 
ATOM   95   S SG  . CYS A 1 34  ? -1.957  -8.213  1.475   1.00 13.65  ? 1325 CYS A SG  1 
ATOM   96   N N   . GLU A 1 35  ? -6.773  -7.611  2.659   1.00 13.61  ? 1326 GLU A N   1 
ATOM   97   C CA  . GLU A 1 35  ? -8.119  -6.966  2.744   1.00 14.43  ? 1326 GLU A CA  1 
ATOM   98   C C   . GLU A 1 35  ? -8.336  -6.350  4.136   1.00 15.12  ? 1326 GLU A C   1 
ATOM   99   O O   . GLU A 1 35  ? -8.775  -5.184  4.255   1.00 17.03  ? 1326 GLU A O   1 
ATOM   100  C CB  . GLU A 1 35  ? -9.184  -8.019  2.455   1.00 17.98  ? 1326 GLU A CB  1 
ATOM   101  C CG  . GLU A 1 35  ? -9.268  -8.469  0.998   1.00 20.65  ? 1326 GLU A CG  1 
ATOM   102  C CD  . GLU A 1 35  ? -10.164 -9.690  0.755   1.00 24.66  ? 1326 GLU A CD  1 
ATOM   103  O OE1 . GLU A 1 35  ? -10.824 -10.198 1.711   1.00 26.21  ? 1326 GLU A OE1 1 
ATOM   104  O OE2 . GLU A 1 35  ? -10.183 -10.147 -0.384  1.00 26.28  ? 1326 GLU A OE2 1 
ATOM   105  N N   . GLU A 1 36  ? -8.032  -7.145  5.167   1.00 16.55  ? 1327 GLU A N   1 
ATOM   106  C CA  . GLU A 1 36  ? -8.114  -6.754  6.598   1.00 17.80  ? 1327 GLU A CA  1 
ATOM   107  C C   . GLU A 1 36  ? -7.230  -5.520  6.829   1.00 16.91  ? 1327 GLU A C   1 
ATOM   108  O O   . GLU A 1 36  ? -7.727  -4.532  7.436   1.00 18.47  ? 1327 GLU A O   1 
ATOM   109  C CB  . GLU A 1 36  ? -7.704  -7.920  7.506   1.00 19.81  ? 1327 GLU A CB  1 
ATOM   110  C CG  . GLU A 1 36  ? -8.727  -9.052  7.545   1.00 22.95  ? 1327 GLU A CG  1 
ATOM   111  C CD  . GLU A 1 36  ? -8.422  -10.237 8.456   1.00 25.59  ? 1327 GLU A CD  1 
ATOM   112  O OE1 . GLU A 1 36  ? -7.580  -10.097 9.372   1.00 27.73  ? 1327 GLU A OE1 1 
ATOM   113  O OE2 . GLU A 1 36  ? -9.026  -11.316 8.234   1.00 29.13  ? 1327 GLU A OE2 1 
ATOM   114  N N   . LEU A 1 37  ? -5.967  -5.574  6.399   1.00 16.72  ? 1328 LEU A N   1 
ATOM   115  C CA  . LEU A 1 37  ? -5.037  -4.442  6.625   1.00 13.70  ? 1328 LEU A CA  1 
ATOM   116  C C   . LEU A 1 37  ? -5.546  -3.189  5.874   1.00 13.23  ? 1328 LEU A C   1 
ATOM   117  O O   . LEU A 1 37  ? -5.481  -2.065  6.431   1.00 14.83  ? 1328 LEU A O   1 
ATOM   118  C CB  . LEU A 1 37  ? -3.618  -4.831  6.241   1.00 14.90  ? 1328 LEU A CB  1 
ATOM   119  C CG  . LEU A 1 37  ? -2.551  -3.733  6.278   1.00 14.82  ? 1328 LEU A CG  1 
ATOM   120  C CD1 . LEU A 1 37  ? -2.489  -3.078  7.650   1.00 16.96  ? 1328 LEU A CD1 1 
ATOM   121  C CD2 . LEU A 1 37  ? -1.190  -4.277  5.933   1.00 15.76  ? 1328 LEU A CD2 1 
ATOM   122  N N   . LEU A 1 38  ? -6.024  -3.313  4.641   1.00 14.30  ? 1329 LEU A N   1 
ATOM   123  C CA  . LEU A 1 38  ? -6.600  -2.167  3.928   1.00 13.75  ? 1329 LEU A CA  1 
ATOM   124  C C   . LEU A 1 38  ? -7.806  -1.628  4.701   1.00 14.85  ? 1329 LEU A C   1 
ATOM   125  O O   . LEU A 1 38  ? -7.921  -0.400  4.766   1.00 17.70  ? 1329 LEU A O   1 
ATOM   126  C CB  . LEU A 1 38  ? -7.018  -2.552  2.506   1.00 15.00  ? 1329 LEU A CB  1 
ATOM   127  C CG  . LEU A 1 38  ? -5.844  -2.781  1.558   1.00 14.84  ? 1329 LEU A CG  1 
ATOM   128  C CD1 . LEU A 1 38  ? -6.346  -3.461  0.307   1.00 15.88  ? 1329 LEU A CD1 1 
ATOM   129  C CD2 . LEU A 1 38  ? -5.081  -1.498  1.194   1.00 17.44  ? 1329 LEU A CD2 1 
ATOM   130  N N   . ASN A 1 39  ? -8.660  -2.449  5.280   1.00 17.55  ? 1330 ASN A N   1 
ATOM   131  C CA  . ASN A 1 39  ? -9.765  -1.964  6.140   1.00 19.55  ? 1330 ASN A CA  1 
ATOM   132  C C   . ASN A 1 39  ? -9.197  -1.109  7.295   1.00 17.24  ? 1330 ASN A C   1 
ATOM   133  O O   . ASN A 1 39  ? -9.769  0.017   7.560   1.00 21.65  ? 1330 ASN A O   1 
ATOM   134  C CB  . ASN A 1 39  ? -10.591 -3.136  6.640   1.00 21.73  ? 1330 ASN A CB  1 
ATOM   135  C CG  . ASN A 1 39  ? -11.525 -3.733  5.614   1.00 24.26  ? 1330 ASN A CG  1 
ATOM   136  O OD1 . ASN A 1 39  ? -11.889 -3.103  4.624   1.00 30.35  ? 1330 ASN A OD1 1 
ATOM   137  N ND2 . ASN A 1 39  ? -11.943 -4.963  5.877   1.00 26.47  ? 1330 ASN A ND2 1 
ATOM   138  N N   . LEU A 1 40  ? -8.165  -1.596  7.977   1.00 17.30  ? 1331 LEU A N   1 
ATOM   139  C CA  . LEU A 1 40  ? -7.521  -0.853  9.097   1.00 18.53  ? 1331 LEU A CA  1 
ATOM   140  C C   . LEU A 1 40  ? -7.051  0.509   8.560   1.00 18.76  ? 1331 LEU A C   1 
ATOM   141  O O   . LEU A 1 40  ? -7.274  1.576   9.222   1.00 21.68  ? 1331 LEU A O   1 
ATOM   142  C CB  . LEU A 1 40  ? -6.360  -1.662  9.670   1.00 18.46  ? 1331 LEU A CB  1 
ATOM   143  C CG  . LEU A 1 40  ? -6.721  -2.877  10.525  1.00 18.46  ? 1331 LEU A CG  1 
ATOM   144  C CD1 . LEU A 1 40  ? -5.446  -3.535  11.010  1.00 21.21  ? 1331 LEU A CD1 1 
ATOM   145  C CD2 . LEU A 1 40  ? -7.636  -2.544  11.704  1.00 23.31  ? 1331 LEU A CD2 1 
ATOM   146  N N   . ILE A 1 41  ? -6.370  0.510   7.409   1.00 17.24  ? 1332 ILE A N   1 
ATOM   147  C CA  . ILE A 1 41  ? -5.819  1.751   6.822   1.00 16.13  ? 1332 ILE A CA  1 
ATOM   148  C C   . ILE A 1 41  ? -6.963  2.708   6.486   1.00 17.44  ? 1332 ILE A C   1 
ATOM   149  O O   . ILE A 1 41  ? -6.853  3.894   6.815   1.00 16.30  ? 1332 ILE A O   1 
ATOM   150  C CB  . ILE A 1 41  ? -4.969  1.411   5.583   1.00 15.17  ? 1332 ILE A CB  1 
ATOM   151  C CG1 . ILE A 1 41  ? -3.640  0.797   6.022   1.00 15.22  ? 1332 ILE A CG1 1 
ATOM   152  C CG2 . ILE A 1 41  ? -4.806  2.633   4.695   1.00 15.18  ? 1332 ILE A CG2 1 
ATOM   153  C CD1 . ILE A 1 41  ? -2.878  0.229   4.923   1.00 16.70  ? 1332 ILE A CD1 1 
ATOM   154  N N   . PHE A 1 42  ? -8.063  2.255   5.887   1.00 17.99  ? 1333 PHE A N   1 
ATOM   155  C CA  . PHE A 1 42  ? -9.252  3.131   5.649   1.00 20.33  ? 1333 PHE A CA  1 
ATOM   156  C C   . PHE A 1 42  ? -9.856  3.662   6.977   1.00 21.98  ? 1333 PHE A C   1 
ATOM   157  O O   . PHE A 1 42  ? -10.469 4.768   6.921   1.00 28.98  ? 1333 PHE A O   1 
ATOM   158  C CB  . PHE A 1 42  ? -10.251 2.405   4.754   1.00 19.70  ? 1333 PHE A CB  1 
ATOM   159  C CG  . PHE A 1 42  ? -9.997  2.511   3.273   1.00 19.30  ? 1333 PHE A CG  1 
ATOM   160  C CD1 . PHE A 1 42  ? -10.597 3.527   2.547   1.00 21.32  ? 1333 PHE A CD1 1 
ATOM   161  C CD2 . PHE A 1 42  ? -9.149  1.645   2.600   1.00 21.16  ? 1333 PHE A CD2 1 
ATOM   162  C CE1 . PHE A 1 42  ? -10.379 3.663   1.184   1.00 24.91  ? 1333 PHE A CE1 1 
ATOM   163  C CE2 . PHE A 1 42  ? -8.998  1.750   1.221   1.00 20.93  ? 1333 PHE A CE2 1 
ATOM   164  C CZ  . PHE A 1 42  ? -9.574  2.783   0.527   1.00 22.91  ? 1333 PHE A CZ  1 
ATOM   165  N N   . GLN A 1 43  ? -9.673  3.002   8.131   1.00 22.12  ? 1334 GLN A N   1 
ATOM   166  C CA  . GLN A 1 43  ? -10.180 3.507   9.453   1.00 23.15  ? 1334 GLN A CA  1 
ATOM   167  C C   . GLN A 1 43  ? -9.228  4.560   10.073  1.00 24.31  ? 1334 GLN A C   1 
ATOM   168  O O   . GLN A 1 43  ? -9.644  5.314   10.998  1.00 25.16  ? 1334 GLN A O   1 
ATOM   169  C CB  . GLN A 1 43  ? -10.384 2.348   10.435  1.00 24.58  ? 1334 GLN A CB  1 
ATOM   170  C CG  . GLN A 1 43  ? -11.448 1.339   9.985   1.00 28.34  ? 1334 GLN A CG  1 
ATOM   171  N N   A CYS A 1 44  ? -7.975  4.600   9.609   0.29 22.42  ? 1335 CYS A N   1 
ATOM   172  N N   B CYS A 1 44  ? -7.968  4.596   9.619   0.28 22.48  ? 1335 CYS A N   1 
ATOM   173  C CA  A CYS A 1 44  ? -6.955  5.570   10.070  0.29 21.07  ? 1335 CYS A CA  1 
ATOM   174  C CA  B CYS A 1 44  ? -6.940  5.563   10.081  0.28 21.18  ? 1335 CYS A CA  1 
ATOM   175  C C   A CYS A 1 44  ? -7.296  6.956   9.503   0.29 20.99  ? 1335 CYS A C   1 
ATOM   176  C C   B CYS A 1 44  ? -7.281  6.950   9.509   0.28 21.08  ? 1335 CYS A C   1 
ATOM   177  O O   A CYS A 1 44  ? -7.478  7.082   8.271   0.29 19.81  ? 1335 CYS A O   1 
ATOM   178  O O   B CYS A 1 44  ? -7.443  7.071   8.276   0.28 20.10  ? 1335 CYS A O   1 
ATOM   179  C CB  A CYS A 1 44  ? -5.551  5.130   9.669   0.29 20.92  ? 1335 CYS A CB  1 
ATOM   180  C CB  B CYS A 1 44  ? -5.530  5.139   9.674   0.28 21.00  ? 1335 CYS A CB  1 
ATOM   181  S SG  A CYS A 1 44  ? -5.045  3.602   10.500  0.29 22.89  ? 1335 CYS A SG  1 
ATOM   182  S SG  B CYS A 1 44  ? -4.220  5.930   10.650  0.28 22.63  ? 1335 CYS A SG  1 
ATOM   183  N N   . GLU A 1 45  ? -7.413  7.978   10.362  1.00 20.93  ? 1336 GLU A N   1 
ATOM   184  C CA  . GLU A 1 45  ? -7.584  9.378   9.841   1.00 19.59  ? 1336 GLU A CA  1 
ATOM   185  C C   . GLU A 1 45  ? -6.398  9.756   8.922   1.00 17.84  ? 1336 GLU A C   1 
ATOM   186  O O   . GLU A 1 45  ? -6.593  10.504  7.917   1.00 17.23  ? 1336 GLU A O   1 
ATOM   187  C CB  . GLU A 1 45  ? -7.740  10.354  10.999  1.00 21.66  ? 1336 GLU A CB  1 
ATOM   188  C CG  . GLU A 1 45  ? -9.069  10.213  11.696  1.00 23.70  ? 1336 GLU A CG  1 
ATOM   189  C CD  . GLU A 1 45  ? -9.266  11.139  12.895  1.00 28.89  ? 1336 GLU A CD  1 
ATOM   190  O OE1 . GLU A 1 45  ? -8.327  11.917  13.210  1.00 29.05  ? 1336 GLU A OE1 1 
ATOM   191  O OE2 . GLU A 1 45  ? -10.381 11.098  13.501  1.00 26.42  ? 1336 GLU A OE2 1 
ATOM   192  N N   . ASP A 1 46  ? -5.241  9.191   9.165   1.00 16.36  ? 1337 ASP A N   1 
ATOM   193  C CA  . ASP A 1 46  ? -4.039  9.489   8.358   1.00 16.69  ? 1337 ASP A CA  1 
ATOM   194  C C   . ASP A 1 46  ? -4.139  9.033   6.909   1.00 16.49  ? 1337 ASP A C   1 
ATOM   195  O O   . ASP A 1 46  ? -3.319  9.478   6.127   1.00 17.66  ? 1337 ASP A O   1 
ATOM   196  C CB  . ASP A 1 46  ? -2.809  8.883   9.006   1.00 16.92  ? 1337 ASP A CB  1 
ATOM   197  C CG  . ASP A 1 46  ? -2.326  9.650   10.248  1.00 19.89  ? 1337 ASP A CG  1 
ATOM   198  O OD1 . ASP A 1 46  ? -2.752  10.834  10.392  1.00 21.95  ? 1337 ASP A OD1 1 
ATOM   199  O OD2 . ASP A 1 46  ? -1.455  9.098   10.982  1.00 19.83  ? 1337 ASP A OD2 1 
ATOM   200  N N   . SER A 1 47  ? -5.085  8.151   6.563   1.00 16.51  ? 1338 SER A N   1 
ATOM   201  C CA  . SER A 1 47  ? -5.230  7.703   5.154   1.00 16.05  ? 1338 SER A CA  1 
ATOM   202  C C   . SER A 1 47  ? -6.066  8.690   4.332   1.00 16.79  ? 1338 SER A C   1 
ATOM   203  O O   . SER A 1 47  ? -6.030  8.565   3.114   1.00 16.14  ? 1338 SER A O   1 
ATOM   204  C CB  . SER A 1 47  ? -5.761  6.305   5.032   1.00 15.13  ? 1338 SER A CB  1 
ATOM   205  O OG  . SER A 1 47  ? -7.044  6.182   5.609   1.00 14.53  ? 1338 SER A OG  1 
ATOM   206  N N   . GLU A 1 48  ? -6.746  9.660   4.957   1.00 17.74  ? 1339 GLU A N   1 
ATOM   207  C CA  . GLU A 1 48  ? -7.724  10.533  4.248   1.00 19.70  ? 1339 GLU A CA  1 
ATOM   208  C C   . GLU A 1 48  ? -7.153  11.037  2.924   1.00 17.86  ? 1339 GLU A C   1 
ATOM   209  O O   . GLU A 1 48  ? -7.817  10.911  1.895   1.00 18.40  ? 1339 GLU A O   1 
ATOM   210  C CB  . GLU A 1 48  ? -8.187  11.712  5.105   1.00 22.75  ? 1339 GLU A CB  1 
ATOM   211  C CG  . GLU A 1 48  ? -9.408  12.373  4.489   1.00 24.73  ? 1339 GLU A CG  1 
ATOM   212  C CD  . GLU A 1 48  ? -9.732  13.779  4.961   1.00 26.37  ? 1339 GLU A CD  1 
ATOM   213  O OE1 . GLU A 1 48  ? -9.016  14.301  5.842   1.00 24.98  ? 1339 GLU A OE1 1 
ATOM   214  O OE2 . GLU A 1 48  ? -10.713 14.339  4.432   1.00 29.49  ? 1339 GLU A OE2 1 
ATOM   215  N N   . PRO A 1 49  ? -5.923  11.605  2.876   1.00 17.66  ? 1340 PRO A N   1 
ATOM   216  C CA  . PRO A 1 49  ? -5.422  12.203  1.639   1.00 18.29  ? 1340 PRO A CA  1 
ATOM   217  C C   . PRO A 1 49  ? -4.985  11.214  0.547   1.00 16.43  ? 1340 PRO A C   1 
ATOM   218  O O   . PRO A 1 49  ? -4.658  11.676  -0.533  1.00 16.50  ? 1340 PRO A O   1 
ATOM   219  C CB  . PRO A 1 49  ? -4.209  13.051  2.056   1.00 18.91  ? 1340 PRO A CB  1 
ATOM   220  C CG  . PRO A 1 49  ? -3.948  12.770  3.527   1.00 19.79  ? 1340 PRO A CG  1 
ATOM   221  C CD  . PRO A 1 49  ? -4.984  11.768  3.995   1.00 18.03  ? 1340 PRO A CD  1 
ATOM   222  N N   . PHE A 1 50  ? -5.021  9.908   0.852   1.00 17.06  ? 1341 PHE A N   1 
ATOM   223  C CA  . PHE A 1 50  ? -4.524  8.813   -0.026  1.00 16.51  ? 1341 PHE A CA  1 
ATOM   224  C C   . PHE A 1 50  ? -5.627  7.783   -0.335  1.00 18.50  ? 1341 PHE A C   1 
ATOM   225  O O   . PHE A 1 50  ? -5.301  6.717   -0.907  1.00 18.19  ? 1341 PHE A O   1 
ATOM   226  C CB  . PHE A 1 50  ? -3.327  8.109   0.627   1.00 16.14  ? 1341 PHE A CB  1 
ATOM   227  C CG  . PHE A 1 50  ? -2.350  9.025   1.324   1.00 15.46  ? 1341 PHE A CG  1 
ATOM   228  C CD1 . PHE A 1 50  ? -1.440  9.783   0.600   1.00 16.93  ? 1341 PHE A CD1 1 
ATOM   229  C CD2 . PHE A 1 50  ? -2.370  9.162   2.702   1.00 16.26  ? 1341 PHE A CD2 1 
ATOM   230  C CE1 . PHE A 1 50  ? -0.572  10.654  1.239   1.00 17.06  ? 1341 PHE A CE1 1 
ATOM   231  C CE2 . PHE A 1 50  ? -1.495  10.025  3.339   1.00 16.46  ? 1341 PHE A CE2 1 
ATOM   232  C CZ  . PHE A 1 50  ? -0.606  10.775  2.608   1.00 17.02  ? 1341 PHE A CZ  1 
ATOM   233  N N   . ARG A 1 51  ? -6.892  8.073   -0.007  1.00 18.96  ? 1342 ARG A N   1 
ATOM   234  C CA  . ARG A 1 51  ? -8.018  7.105   -0.106  1.00 20.11  ? 1342 ARG A CA  1 
ATOM   235  C C   . ARG A 1 51  ? -8.598  7.069   -1.521  1.00 19.65  ? 1342 ARG A C   1 
ATOM   236  O O   . ARG A 1 51  ? -9.413  6.154   -1.799  1.00 19.33  ? 1342 ARG A O   1 
ATOM   237  C CB  . ARG A 1 51  ? -9.128  7.473   0.885   1.00 21.77  ? 1342 ARG A CB  1 
ATOM   238  C CG  . ARG A 1 51  ? -8.860  7.016   2.309   1.00 22.70  ? 1342 ARG A CG  1 
ATOM   239  C CD  . ARG A 1 51  ? -9.882  7.570   3.286   1.00 23.24  ? 1342 ARG A CD  1 
ATOM   240  N NE  . ARG A 1 51  ? -9.371  7.610   4.648   1.00 24.57  ? 1342 ARG A NE  1 
ATOM   241  C CZ  . ARG A 1 51  ? -9.973  8.198   5.677   1.00 26.24  ? 1342 ARG A CZ  1 
ATOM   242  N NH1 . ARG A 1 51  ? -11.137 8.804   5.511   1.00 29.83  ? 1342 ARG A NH1 1 
ATOM   243  N NH2 . ARG A 1 51  ? -9.408  8.180   6.870   1.00 26.86  ? 1342 ARG A NH2 1 
ATOM   244  N N   . GLN A 1 52  ? -8.245  8.037   -2.373  1.00 21.23  ? 1343 GLN A N   1 
ATOM   245  C CA  . GLN A 1 52  ? -8.846  8.198   -3.718  1.00 22.76  ? 1343 GLN A CA  1 
ATOM   246  C C   . GLN A 1 52  ? -7.811  8.815   -4.648  1.00 23.82  ? 1343 GLN A C   1 
ATOM   247  O O   . GLN A 1 52  ? -6.876  9.475   -4.188  1.00 24.72  ? 1343 GLN A O   1 
ATOM   248  C CB  . GLN A 1 52  ? -10.119 9.048   -3.644  1.00 23.81  ? 1343 GLN A CB  1 
ATOM   249  C CG  . GLN A 1 52  ? -11.131 8.551   -2.616  1.00 26.03  ? 1343 GLN A CG  1 
ATOM   250  C CD  . GLN A 1 52  ? -11.648 7.164   -2.911  1.00 28.85  ? 1343 GLN A CD  1 
ATOM   251  O OE1 . GLN A 1 52  ? -11.539 6.659   -4.034  1.00 30.67  ? 1343 GLN A OE1 1 
ATOM   252  N NE2 . GLN A 1 52  ? -12.220 6.528   -1.898  1.00 29.59  ? 1343 GLN A NE2 1 
ATOM   253  N N   . PRO A 1 53  ? -7.914  8.583   -5.974  1.00 25.12  ? 1344 PRO A N   1 
ATOM   254  C CA  . PRO A 1 53  ? -6.948  9.147   -6.908  1.00 25.71  ? 1344 PRO A CA  1 
ATOM   255  C C   . PRO A 1 53  ? -6.911  10.670  -6.736  1.00 25.24  ? 1344 PRO A C   1 
ATOM   256  O O   . PRO A 1 53  ? -7.962  11.269  -6.557  1.00 27.16  ? 1344 PRO A O   1 
ATOM   257  C CB  . PRO A 1 53  ? -7.453  8.740   -8.300  1.00 24.24  ? 1344 PRO A CB  1 
ATOM   258  C CG  . PRO A 1 53  ? -8.376  7.568   -8.044  1.00 24.69  ? 1344 PRO A CG  1 
ATOM   259  C CD  . PRO A 1 53  ? -8.938  7.773   -6.652  1.00 24.58  ? 1344 PRO A CD  1 
ATOM   260  N N   . VAL A 1 54  ? -5.707  11.244  -6.745  1.00 25.60  ? 1345 VAL A N   1 
ATOM   261  C CA  . VAL A 1 54  ? -5.504  12.718  -6.687  1.00 24.28  ? 1345 VAL A CA  1 
ATOM   262  C C   . VAL A 1 54  ? -6.283  13.321  -7.858  1.00 24.74  ? 1345 VAL A C   1 
ATOM   263  O O   . VAL A 1 54  ? -6.280  12.720  -8.956  1.00 21.91  ? 1345 VAL A O   1 
ATOM   264  C CB  . VAL A 1 54  ? -4.013  13.112  -6.715  1.00 24.90  ? 1345 VAL A CB  1 
ATOM   265  C CG1 . VAL A 1 54  ? -3.835  14.613  -6.889  1.00 25.21  ? 1345 VAL A CG1 1 
ATOM   266  C CG2 . VAL A 1 54  ? -3.275  12.632  -5.475  1.00 25.18  ? 1345 VAL A CG2 1 
ATOM   267  N N   . ASP A 1 55  ? -6.941  14.457  -7.615  1.00 25.20  ? 1346 ASP A N   1 
ATOM   268  C CA  . ASP A 1 55  ? -7.721  15.209  -8.629  1.00 25.37  ? 1346 ASP A CA  1 
ATOM   269  C C   . ASP A 1 55  ? -6.734  15.911  -9.568  1.00 25.55  ? 1346 ASP A C   1 
ATOM   270  O O   . ASP A 1 55  ? -6.017  16.823  -9.120  1.00 24.39  ? 1346 ASP A O   1 
ATOM   271  C CB  . ASP A 1 55  ? -8.722  16.163  -7.962  1.00 27.17  ? 1346 ASP A CB  1 
ATOM   272  C CG  . ASP A 1 55  ? -9.651  16.876  -8.936  1.00 28.23  ? 1346 ASP A CG  1 
ATOM   273  O OD1 . ASP A 1 55  ? -9.238  17.084  -10.081 1.00 28.20  ? 1346 ASP A OD1 1 
ATOM   274  O OD2 . ASP A 1 55  ? -10.782 17.230  -8.531  1.00 29.38  ? 1346 ASP A OD2 1 
ATOM   275  N N   . LEU A 1 56  ? -6.745  15.508  -10.841 1.00 25.74  ? 1347 LEU A N   1 
ATOM   276  C CA  . LEU A 1 56  ? -5.819  15.984  -11.900 1.00 27.29  ? 1347 LEU A CA  1 
ATOM   277  C C   . LEU A 1 56  ? -6.192  17.397  -12.377 1.00 26.63  ? 1347 LEU A C   1 
ATOM   278  O O   . LEU A 1 56  ? -5.299  18.081  -12.896 1.00 24.89  ? 1347 LEU A O   1 
ATOM   279  C CB  . LEU A 1 56  ? -5.841  14.970  -13.051 1.00 29.43  ? 1347 LEU A CB  1 
ATOM   280  C CG  . LEU A 1 56  ? -4.750  13.899  -13.017 1.00 30.95  ? 1347 LEU A CG  1 
ATOM   281  C CD1 . LEU A 1 56  ? -4.608  13.272  -11.638 1.00 32.10  ? 1347 LEU A CD1 1 
ATOM   282  C CD2 . LEU A 1 56  ? -5.016  12.827  -14.058 1.00 31.86  ? 1347 LEU A CD2 1 
ATOM   283  N N   . LEU A 1 57  ? -7.443  17.836  -12.205 1.00 27.73  ? 1348 LEU A N   1 
ATOM   284  C CA  . LEU A 1 57  ? -7.847  19.232  -12.539 1.00 28.26  ? 1348 LEU A CA  1 
ATOM   285  C C   . LEU A 1 57  ? -7.458  20.162  -11.374 1.00 28.30  ? 1348 LEU A C   1 
ATOM   286  O O   . LEU A 1 57  ? -7.056  21.323  -11.651 1.00 29.30  ? 1348 LEU A O   1 
ATOM   287  C CB  . LEU A 1 57  ? -9.350  19.289  -12.845 1.00 28.60  ? 1348 LEU A CB  1 
ATOM   288  C CG  . LEU A 1 57  ? -9.813  18.741  -14.203 1.00 27.92  ? 1348 LEU A CG  1 
ATOM   289  C CD1 . LEU A 1 57  ? -9.078  19.388  -15.369 1.00 29.50  ? 1348 LEU A CD1 1 
ATOM   290  C CD2 . LEU A 1 57  ? -9.678  17.229  -14.265 1.00 28.85  ? 1348 LEU A CD2 1 
ATOM   291  N N   . GLU A 1 58  ? -7.537  19.666  -10.130 1.00 27.44  ? 1349 GLU A N   1 
ATOM   292  C CA  . GLU A 1 58  ? -7.169  20.406  -8.889  1.00 27.94  ? 1349 GLU A CA  1 
ATOM   293  C C   . GLU A 1 58  ? -5.652  20.643  -8.867  1.00 27.54  ? 1349 GLU A C   1 
ATOM   294  O O   . GLU A 1 58  ? -5.234  21.750  -8.475  1.00 30.48  ? 1349 GLU A O   1 
ATOM   295  C CB  . GLU A 1 58  ? -7.640  19.628  -7.658  1.00 29.33  ? 1349 GLU A CB  1 
ATOM   296  C CG  . GLU A 1 58  ? -7.358  20.326  -6.338  1.00 31.50  ? 1349 GLU A CG  1 
ATOM   297  C CD  . GLU A 1 58  ? -7.697  19.503  -5.104  1.00 34.17  ? 1349 GLU A CD  1 
ATOM   298  O OE1 . GLU A 1 58  ? -8.357  18.446  -5.252  1.00 34.75  ? 1349 GLU A OE1 1 
ATOM   299  O OE2 . GLU A 1 58  ? -7.279  19.911  -3.990  1.00 35.97  ? 1349 GLU A OE2 1 
ATOM   300  N N   . TYR A 1 59  ? -4.865  19.638  -9.269  1.00 26.60  ? 1350 TYR A N   1 
ATOM   301  C CA  . TYR A 1 59  ? -3.380  19.676  -9.373  1.00 28.01  ? 1350 TYR A CA  1 
ATOM   302  C C   . TYR A 1 59  ? -2.968  19.380  -10.818 1.00 28.29  ? 1350 TYR A C   1 
ATOM   303  O O   . TYR A 1 59  ? -2.571  18.256  -11.138 1.00 26.28  ? 1350 TYR A O   1 
ATOM   304  C CB  . TYR A 1 59  ? -2.762  18.702  -8.367  1.00 29.14  ? 1350 TYR A CB  1 
ATOM   305  C CG  . TYR A 1 59  ? -3.283  18.828  -6.957  1.00 30.91  ? 1350 TYR A CG  1 
ATOM   306  C CD1 . TYR A 1 59  ? -2.707  19.698  -6.047  1.00 32.80  ? 1350 TYR A CD1 1 
ATOM   307  C CD2 . TYR A 1 59  ? -4.362  18.077  -6.529  1.00 32.84  ? 1350 TYR A CD2 1 
ATOM   308  C CE1 . TYR A 1 59  ? -3.184  19.815  -4.750  1.00 33.19  ? 1350 TYR A CE1 1 
ATOM   309  C CE2 . TYR A 1 59  ? -4.860  18.186  -5.240  1.00 33.96  ? 1350 TYR A CE2 1 
ATOM   310  C CZ  . TYR A 1 59  ? -4.265  19.054  -4.344  1.00 33.58  ? 1350 TYR A CZ  1 
ATOM   311  O OH  . TYR A 1 59  ? -4.753  19.156  -3.073  1.00 34.80  ? 1350 TYR A OH  1 
ATOM   312  N N   . PRO A 1 60  ? -3.039  20.382  -11.734 1.00 28.07  ? 1351 PRO A N   1 
ATOM   313  C CA  . PRO A 1 60  ? -2.684  20.186  -13.140 1.00 27.41  ? 1351 PRO A CA  1 
ATOM   314  C C   . PRO A 1 60  ? -1.204  19.877  -13.394 1.00 27.67  ? 1351 PRO A C   1 
ATOM   315  O O   . PRO A 1 60  ? -0.926  19.317  -14.426 1.00 28.57  ? 1351 PRO A O   1 
ATOM   316  C CB  . PRO A 1 60  ? -3.016  21.523  -13.836 1.00 28.16  ? 1351 PRO A CB  1 
ATOM   317  C CG  . PRO A 1 60  ? -3.889  22.264  -12.851 1.00 27.84  ? 1351 PRO A CG  1 
ATOM   318  C CD  . PRO A 1 60  ? -3.506  21.753  -11.478 1.00 28.28  ? 1351 PRO A CD  1 
ATOM   319  N N   . ASP A 1 61  ? -0.315  20.235  -12.464 1.00 26.48  ? 1352 ASP A N   1 
ATOM   320  C CA  . ASP A 1 61  ? 1.139   19.934  -12.560 1.00 27.52  ? 1352 ASP A CA  1 
ATOM   321  C C   . ASP A 1 61  ? 1.451   18.566  -11.932 1.00 28.97  ? 1352 ASP A C   1 
ATOM   322  O O   . ASP A 1 61  ? 2.553   18.048  -12.183 1.00 26.27  ? 1352 ASP A O   1 
ATOM   323  C CB  . ASP A 1 61  ? 1.969   21.049  -11.923 1.00 28.09  ? 1352 ASP A CB  1 
ATOM   324  C CG  . ASP A 1 61  ? 1.872   21.133  -10.412 1.00 28.93  ? 1352 ASP A CG  1 
ATOM   325  O OD1 . ASP A 1 61  ? 0.966   20.478  -9.819  1.00 28.47  ? 1352 ASP A OD1 1 
ATOM   326  O OD2 . ASP A 1 61  ? 2.707   21.852  -9.841  1.00 28.87  ? 1352 ASP A OD2 1 
ATOM   327  N N   . TYR A 1 62  ? 0.543   18.008  -11.125 1.00 32.32  ? 1353 TYR A N   1 
ATOM   328  C CA  . TYR A 1 62  ? 0.713   16.663  -10.506 1.00 34.23  ? 1353 TYR A CA  1 
ATOM   329  C C   . TYR A 1 62  ? 1.230   15.698  -11.582 1.00 35.50  ? 1353 TYR A C   1 
ATOM   330  O O   . TYR A 1 62  ? 2.269   15.022  -11.364 1.00 30.26  ? 1353 TYR A O   1 
ATOM   331  C CB  . TYR A 1 62  ? -0.603  16.188  -9.882  1.00 37.33  ? 1353 TYR A CB  1 
ATOM   332  C CG  . TYR A 1 62  ? -0.530  14.833  -9.227  1.00 38.29  ? 1353 TYR A CG  1 
ATOM   333  C CD1 . TYR A 1 62  ? -0.007  14.678  -7.954  1.00 38.83  ? 1353 TYR A CD1 1 
ATOM   334  C CD2 . TYR A 1 62  ? -0.984  13.703  -9.885  1.00 40.15  ? 1353 TYR A CD2 1 
ATOM   335  C CE1 . TYR A 1 62  ? 0.066   13.431  -7.351  1.00 39.70  ? 1353 TYR A CE1 1 
ATOM   336  C CE2 . TYR A 1 62  ? -0.921  12.453  -9.297  1.00 40.55  ? 1353 TYR A CE2 1 
ATOM   337  C CZ  . TYR A 1 62  ? -0.392  12.316  -8.027  1.00 39.82  ? 1353 TYR A CZ  1 
ATOM   338  O OH  . TYR A 1 62  ? -0.328  11.082  -7.451  1.00 44.93  ? 1353 TYR A OH  1 
ATOM   339  N N   . ARG A 1 63  ? 0.530   15.697  -12.723 1.00 37.15  ? 1354 ARG A N   1 
ATOM   340  C CA  . ARG A 1 63  ? 0.821   14.930  -13.962 1.00 40.02  ? 1354 ARG A CA  1 
ATOM   341  C C   . ARG A 1 63  ? 2.330   14.935  -14.259 1.00 37.37  ? 1354 ARG A C   1 
ATOM   342  O O   . ARG A 1 63  ? 2.854   13.860  -14.583 1.00 42.30  ? 1354 ARG A O   1 
ATOM   343  C CB  . ARG A 1 63  ? 0.022   15.510  -15.140 1.00 43.39  ? 1354 ARG A CB  1 
ATOM   344  C CG  . ARG A 1 63  ? -1.484  15.254  -15.101 1.00 46.37  ? 1354 ARG A CG  1 
ATOM   345  C CD  . ARG A 1 63  ? -2.158  15.630  -16.413 1.00 47.66  ? 1354 ARG A CD  1 
ATOM   346  N NE  . ARG A 1 63  ? -3.595  15.362  -16.488 1.00 50.56  ? 1354 ARG A NE  1 
ATOM   347  C CZ  . ARG A 1 63  ? -4.565  16.193  -16.089 1.00 53.67  ? 1354 ARG A CZ  1 
ATOM   348  N NH1 . ARG A 1 63  ? -4.273  17.359  -15.531 1.00 54.98  ? 1354 ARG A NH1 1 
ATOM   349  N NH2 . ARG A 1 63  ? -5.835  15.846  -16.241 1.00 52.46  ? 1354 ARG A NH2 1 
ATOM   350  N N   . ASP A 1 64  ? 3.009   16.086  -14.168 1.00 36.66  ? 1355 ASP A N   1 
ATOM   351  C CA  . ASP A 1 64  ? 4.417   16.230  -14.642 1.00 34.82  ? 1355 ASP A CA  1 
ATOM   352  C C   . ASP A 1 64  ? 5.419   15.925  -13.518 1.00 31.66  ? 1355 ASP A C   1 
ATOM   353  O O   . ASP A 1 64  ? 6.593   15.713  -13.860 1.00 29.94  ? 1355 ASP A O   1 
ATOM   354  C CB  . ASP A 1 64  ? 4.668   17.581  -15.323 1.00 38.59  ? 1355 ASP A CB  1 
ATOM   355  C CG  . ASP A 1 64  ? 4.227   18.804  -14.545 1.00 40.30  ? 1355 ASP A CG  1 
ATOM   356  O OD1 . ASP A 1 64  ? 4.528   18.865  -13.337 1.00 42.11  ? 1355 ASP A OD1 1 
ATOM   357  O OD2 . ASP A 1 64  ? 3.590   19.686  -15.157 1.00 41.99  ? 1355 ASP A OD2 1 
ATOM   358  N N   . ILE A 1 65  ? 4.995   15.882  -12.245 1.00 29.44  ? 1356 ILE A N   1 
ATOM   359  C CA  . ILE A 1 65  ? 5.847   15.463  -11.085 1.00 27.03  ? 1356 ILE A CA  1 
ATOM   360  C C   . ILE A 1 65  ? 5.736   13.933  -10.946 1.00 26.07  ? 1356 ILE A C   1 
ATOM   361  O O   . ILE A 1 65  ? 6.782   13.240  -10.891 1.00 27.11  ? 1356 ILE A O   1 
ATOM   362  C CB  . ILE A 1 65  ? 5.442   16.170  -9.767  1.00 28.02  ? 1356 ILE A CB  1 
ATOM   363  C CG1 . ILE A 1 65  ? 5.129   17.664  -9.926  1.00 28.15  ? 1356 ILE A CG1 1 
ATOM   364  C CG2 . ILE A 1 65  ? 6.492   15.947  -8.691  1.00 26.67  ? 1356 ILE A CG2 1 
ATOM   365  C CD1 . ILE A 1 65  ? 6.245   18.474  -10.513 1.00 27.93  ? 1356 ILE A CD1 1 
ATOM   366  N N   . ILE A 1 66  ? 4.506   13.417  -10.942 1.00 24.93  ? 1357 ILE A N   1 
ATOM   367  C CA  . ILE A 1 66  ? 4.171   11.991  -10.655 1.00 24.87  ? 1357 ILE A CA  1 
ATOM   368  C C   . ILE A 1 66  ? 3.789   11.278  -11.954 1.00 24.65  ? 1357 ILE A C   1 
ATOM   369  O O   . ILE A 1 66  ? 2.699   11.581  -12.494 1.00 25.67  ? 1357 ILE A O   1 
ATOM   370  C CB  . ILE A 1 66  ? 3.029   11.924  -9.623  1.00 24.30  ? 1357 ILE A CB  1 
ATOM   371  C CG1 . ILE A 1 66  ? 3.332   12.760  -8.376  1.00 24.62  ? 1357 ILE A CG1 1 
ATOM   372  C CG2 . ILE A 1 66  ? 2.697   10.478  -9.277  1.00 24.59  ? 1357 ILE A CG2 1 
ATOM   373  C CD1 . ILE A 1 66  ? 4.563   12.325  -7.627  1.00 23.65  ? 1357 ILE A CD1 1 
ATOM   374  N N   . ASP A 1 67  ? 4.604   10.311  -12.382 1.00 25.41  ? 1358 ASP A N   1 
ATOM   375  C CA  . ASP A 1 67  ? 4.354   9.497   -13.603 1.00 24.50  ? 1358 ASP A CA  1 
ATOM   376  C C   . ASP A 1 67  ? 3.246   8.468   -13.349 1.00 23.55  ? 1358 ASP A C   1 
ATOM   377  O O   . ASP A 1 67  ? 2.463   8.217   -14.274 1.00 23.86  ? 1358 ASP A O   1 
ATOM   378  C CB  . ASP A 1 67  ? 5.577   8.708   -14.082 1.00 25.75  ? 1358 ASP A CB  1 
ATOM   379  C CG  . ASP A 1 67  ? 6.938   9.315   -13.808 1.00 28.95  ? 1358 ASP A CG  1 
ATOM   380  O OD1 . ASP A 1 67  ? 7.104   10.540  -14.027 1.00 30.46  ? 1358 ASP A OD1 1 
ATOM   381  O OD2 . ASP A 1 67  ? 7.838   8.545   -13.403 1.00 29.14  ? 1358 ASP A OD2 1 
ATOM   382  N N   . THR A 1 68  ? 3.227   7.834   -12.169 1.00 21.93  ? 1359 THR A N   1 
ATOM   383  C CA  . THR A 1 68  ? 2.291   6.728   -11.845 1.00 21.90  ? 1359 THR A CA  1 
ATOM   384  C C   . THR A 1 68  ? 1.534   7.071   -10.572 1.00 19.62  ? 1359 THR A C   1 
ATOM   385  O O   . THR A 1 68  ? 2.002   6.777   -9.465  1.00 20.76  ? 1359 THR A O   1 
ATOM   386  C CB  . THR A 1 68  ? 3.005   5.379   -11.707 1.00 22.38  ? 1359 THR A CB  1 
ATOM   387  O OG1 . THR A 1 68  ? 3.742   5.139   -12.906 1.00 24.96  ? 1359 THR A OG1 1 
ATOM   388  C CG2 . THR A 1 68  ? 2.046   4.232   -11.450 1.00 23.71  ? 1359 THR A CG2 1 
ATOM   389  N N   . PRO A 1 69  ? 0.337   7.681   -10.695 1.00 17.96  ? 1360 PRO A N   1 
ATOM   390  C CA  . PRO A 1 69  ? -0.511  7.951   -9.544  1.00 17.68  ? 1360 PRO A CA  1 
ATOM   391  C C   . PRO A 1 69  ? -0.812  6.620   -8.859  1.00 17.10  ? 1360 PRO A C   1 
ATOM   392  O O   . PRO A 1 69  ? -0.817  5.590   -9.502  1.00 16.75  ? 1360 PRO A O   1 
ATOM   393  C CB  . PRO A 1 69  ? -1.804  8.569   -10.084 1.00 18.21  ? 1360 PRO A CB  1 
ATOM   394  C CG  . PRO A 1 69  ? -1.496  8.935   -11.522 1.00 18.67  ? 1360 PRO A CG  1 
ATOM   395  C CD  . PRO A 1 69  ? -0.275  8.150   -11.950 1.00 18.42  ? 1360 PRO A CD  1 
ATOM   396  N N   . MET A 1 70  ? -1.056  6.667   -7.556  1.00 15.47  ? 1361 MET A N   1 
ATOM   397  C CA  . MET A 1 70  ? -1.483  5.465   -6.813  1.00 14.15  ? 1361 MET A CA  1 
ATOM   398  C C   . MET A 1 70  ? -2.221  5.914   -5.550  1.00 13.35  ? 1361 MET A C   1 
ATOM   399  O O   . MET A 1 70  ? -1.838  6.905   -4.948  1.00 12.65  ? 1361 MET A O   1 
ATOM   400  C CB  . MET A 1 70  ? -0.274  4.599   -6.454  1.00 13.78  ? 1361 MET A CB  1 
ATOM   401  C CG  . MET A 1 70  ? -0.637  3.191   -6.028  1.00 13.75  ? 1361 MET A CG  1 
ATOM   402  S SD  . MET A 1 70  ? -1.823  2.317   -7.080  1.00 13.44  ? 1361 MET A SD  1 
ATOM   403  C CE  . MET A 1 70  ? -0.918  2.218   -8.621  1.00 13.91  ? 1361 MET A CE  1 
ATOM   404  N N   . ASP A 1 71  ? -3.264  5.189   -5.192  1.00 13.27  ? 1362 ASP A N   1 
ATOM   405  C CA  . ASP A 1 71  ? -4.089  5.472   -3.998  1.00 13.52  ? 1362 ASP A CA  1 
ATOM   406  C C   . ASP A 1 71  ? -4.630  4.145   -3.461  1.00 13.33  ? 1362 ASP A C   1 
ATOM   407  O O   . ASP A 1 71  ? -4.611  3.119   -4.187  1.00 13.37  ? 1362 ASP A O   1 
ATOM   408  C CB  . ASP A 1 71  ? -5.215  6.442   -4.362  1.00 14.90  ? 1362 ASP A CB  1 
ATOM   409  C CG  . ASP A 1 71  ? -6.290  5.798   -5.216  1.00 15.54  ? 1362 ASP A CG  1 
ATOM   410  O OD1 . ASP A 1 71  ? -6.178  5.864   -6.451  1.00 18.27  ? 1362 ASP A OD1 1 
ATOM   411  O OD2 . ASP A 1 71  ? -7.191  5.189   -4.642  1.00 15.83  ? 1362 ASP A OD2 1 
ATOM   412  N N   . PHE A 1 72  ? -5.160  4.168   -2.240  1.00 13.15  ? 1363 PHE A N   1 
ATOM   413  C CA  . PHE A 1 72  ? -5.664  2.949   -1.578  1.00 13.90  ? 1363 PHE A CA  1 
ATOM   414  C C   . PHE A 1 72  ? -6.940  2.372   -2.185  1.00 15.50  ? 1363 PHE A C   1 
ATOM   415  O O   . PHE A 1 72  ? -7.071  1.143   -2.129  1.00 14.61  ? 1363 PHE A O   1 
ATOM   416  C CB  . PHE A 1 72  ? -5.812  3.172   -0.084  1.00 13.04  ? 1363 PHE A CB  1 
ATOM   417  C CG  . PHE A 1 72  ? -4.473  3.215   0.587   1.00 12.50  ? 1363 PHE A CG  1 
ATOM   418  C CD1 . PHE A 1 72  ? -3.745  2.064   0.797   1.00 13.49  ? 1363 PHE A CD1 1 
ATOM   419  C CD2 . PHE A 1 72  ? -3.964  4.396   1.098   1.00 13.62  ? 1363 PHE A CD2 1 
ATOM   420  C CE1 . PHE A 1 72  ? -2.509  2.110   1.419   1.00 14.92  ? 1363 PHE A CE1 1 
ATOM   421  C CE2 . PHE A 1 72  ? -2.756  4.438   1.768   1.00 13.08  ? 1363 PHE A CE2 1 
ATOM   422  C CZ  . PHE A 1 72  ? -2.014  3.286   1.907   1.00 14.11  ? 1363 PHE A CZ  1 
ATOM   423  N N   . ALA A 1 73  ? -7.782  3.180   -2.833  1.00 13.70  ? 1364 ALA A N   1 
ATOM   424  C CA  . ALA A 1 73  ? -8.945  2.605   -3.534  1.00 15.36  ? 1364 ALA A CA  1 
ATOM   425  C C   . ALA A 1 73  ? -8.487  1.790   -4.746  1.00 15.84  ? 1364 ALA A C   1 
ATOM   426  O O   . ALA A 1 73  ? -9.000  0.698   -4.977  1.00 15.43  ? 1364 ALA A O   1 
ATOM   427  C CB  . ALA A 1 73  ? -9.935  3.689   -3.917  1.00 15.65  ? 1364 ALA A CB  1 
ATOM   428  N N   . THR A 1 74  ? -7.507  2.291   -5.471  1.00 14.36  ? 1365 THR A N   1 
ATOM   429  C CA  . THR A 1 74  ? -6.967  1.569   -6.638  1.00 13.93  ? 1365 THR A CA  1 
ATOM   430  C C   . THR A 1 74  ? -6.368  0.246   -6.135  1.00 13.02  ? 1365 THR A C   1 
ATOM   431  O O   . THR A 1 74  ? -6.604  -0.795  -6.726  1.00 12.56  ? 1365 THR A O   1 
ATOM   432  C CB  . THR A 1 74  ? -5.993  2.418   -7.410  1.00 13.62  ? 1365 THR A CB  1 
ATOM   433  O OG1 . THR A 1 74  ? -6.695  3.564   -7.962  1.00 16.37  ? 1365 THR A OG1 1 
ATOM   434  C CG2 . THR A 1 74  ? -5.306  1.636   -8.516  1.00 14.28  ? 1365 THR A CG2 1 
ATOM   435  N N   . VAL A 1 75  ? -5.622  0.273   -5.036  1.00 12.80  ? 1366 VAL A N   1 
ATOM   436  C CA  . VAL A 1 75  ? -4.994  -0.977  -4.519  1.00 12.38  ? 1366 VAL A CA  1 
ATOM   437  C C   . VAL A 1 75  ? -6.096  -1.970  -4.146  1.00 12.90  ? 1366 VAL A C   1 
ATOM   438  O O   . VAL A 1 75  ? -6.017  -3.172  -4.480  1.00 12.80  ? 1366 VAL A O   1 
ATOM   439  C CB  . VAL A 1 75  ? -4.057  -0.686  -3.333  1.00 13.58  ? 1366 VAL A CB  1 
ATOM   440  C CG1 . VAL A 1 75  ? -3.572  -1.978  -2.694  1.00 14.51  ? 1366 VAL A CG1 1 
ATOM   441  C CG2 . VAL A 1 75  ? -2.876  0.155   -3.721  1.00 14.54  ? 1366 VAL A CG2 1 
ATOM   442  N N   . ARG A 1 76  ? -7.125  -1.518  -3.419  1.00 12.41  ? 1367 ARG A N   1 
ATOM   443  C CA  . ARG A 1 76  ? -8.240  -2.394  -2.984  1.00 14.68  ? 1367 ARG A CA  1 
ATOM   444  C C   . ARG A 1 76  ? -8.962  -2.995  -4.216  1.00 13.98  ? 1367 ARG A C   1 
ATOM   445  O O   . ARG A 1 76  ? -9.263  -4.198  -4.234  1.00 13.89  ? 1367 ARG A O   1 
ATOM   446  C CB  . ARG A 1 76  ? -9.239  -1.597  -2.139  1.00 16.91  ? 1367 ARG A CB  1 
ATOM   447  C CG  . ARG A 1 76  ? -10.406 -2.416  -1.616  1.00 20.81  ? 1367 ARG A CG  1 
ATOM   448  C CD  . ARG A 1 76  ? -11.209 -1.467  -0.733  1.00 25.45  ? 1367 ARG A CD  1 
ATOM   449  N NE  . ARG A 1 76  ? -11.009 -1.632  0.677   1.00 28.19  ? 1367 ARG A NE  1 
ATOM   450  C CZ  . ARG A 1 76  ? -11.505 -0.824  1.618   1.00 28.93  ? 1367 ARG A CZ  1 
ATOM   451  N NH1 . ARG A 1 76  ? -12.157 0.275   1.279   1.00 29.04  ? 1367 ARG A NH1 1 
ATOM   452  N NH2 . ARG A 1 76  ? -11.352 -1.143  2.886   1.00 30.15  ? 1367 ARG A NH2 1 
ATOM   453  N N   . GLU A 1 77  ? -9.254  -2.178  -5.227  1.00 14.38  ? 1368 GLU A N   1 
ATOM   454  C CA  . GLU A 1 77  ? -9.967  -2.666  -6.431  1.00 16.00  ? 1368 GLU A CA  1 
ATOM   455  C C   . GLU A 1 77  ? -9.065  -3.621  -7.219  1.00 14.53  ? 1368 GLU A C   1 
ATOM   456  O O   . GLU A 1 77  ? -9.605  -4.581  -7.817  1.00 13.95  ? 1368 GLU A O   1 
ATOM   457  C CB  . GLU A 1 77  ? -10.467 -1.460  -7.226  1.00 17.92  ? 1368 GLU A CB  1 
ATOM   458  C CG  . GLU A 1 77  ? -11.536 -0.644  -6.497  1.00 21.38  ? 1368 GLU A CG  1 
ATOM   459  C CD  . GLU A 1 77  ? -11.580 0.873   -6.712  1.00 24.05  ? 1368 GLU A CD  1 
ATOM   460  O OE1 . GLU A 1 77  ? -10.643 1.432   -7.323  1.00 30.09  ? 1368 GLU A OE1 1 
ATOM   461  O OE2 . GLU A 1 77  ? -12.562 1.511   -6.256  1.00 29.04  ? 1368 GLU A OE2 1 
ATOM   462  N N   . THR A 1 78  ? -7.755  -3.386  -7.263  1.00 13.68  ? 1369 THR A N   1 
ATOM   463  C CA  . THR A 1 78  ? -6.828  -4.313  -7.973  1.00 13.48  ? 1369 THR A CA  1 
ATOM   464  C C   . THR A 1 78  ? -6.817  -5.674  -7.256  1.00 14.54  ? 1369 THR A C   1 
ATOM   465  O O   . THR A 1 78  ? -6.875  -6.781  -7.903  1.00 14.23  ? 1369 THR A O   1 
ATOM   466  C CB  . THR A 1 78  ? -5.430  -3.695  -8.050  1.00 13.69  ? 1369 THR A CB  1 
ATOM   467  O OG1 . THR A 1 78  ? -5.424  -2.446  -8.741  1.00 14.15  ? 1369 THR A OG1 1 
ATOM   468  C CG2 . THR A 1 78  ? -4.445  -4.597  -8.733  1.00 14.35  ? 1369 THR A CG2 1 
ATOM   469  N N   . LEU A 1 79  ? -6.756  -5.668  -5.921  1.00 12.93  ? 1370 LEU A N   1 
ATOM   470  C CA  . LEU A 1 79  ? -6.843  -6.900  -5.103  1.00 13.58  ? 1370 LEU A CA  1 
ATOM   471  C C   . LEU A 1 79  ? -8.168  -7.635  -5.353  1.00 13.56  ? 1370 LEU A C   1 
ATOM   472  O O   . LEU A 1 79  ? -8.169  -8.904  -5.628  1.00 13.30  ? 1370 LEU A O   1 
ATOM   473  C CB  . LEU A 1 79  ? -6.649  -6.523  -3.635  1.00 13.60  ? 1370 LEU A CB  1 
ATOM   474  C CG  . LEU A 1 79  ? -6.488  -7.698  -2.648  1.00 13.19  ? 1370 LEU A CG  1 
ATOM   475  C CD1 . LEU A 1 79  ? -5.234  -8.534  -2.920  1.00 12.97  ? 1370 LEU A CD1 1 
ATOM   476  C CD2 . LEU A 1 79  ? -6.484  -7.187  -1.196  1.00 15.44  ? 1370 LEU A CD2 1 
ATOM   477  N N   . GLU A 1 80  ? -9.292  -6.908  -5.288  1.00 14.86  ? 1371 GLU A N   1 
ATOM   478  C CA  . GLU A 1 80  ? -10.650 -7.503  -5.372  1.00 16.50  ? 1371 GLU A CA  1 
ATOM   479  C C   . GLU A 1 80  ? -10.893 -8.010  -6.800  1.00 15.63  ? 1371 GLU A C   1 
ATOM   480  O O   . GLU A 1 80  ? -11.635 -9.005  -6.925  1.00 17.49  ? 1371 GLU A O   1 
ATOM   481  C CB  . GLU A 1 80  ? -11.690 -6.502  -4.850  1.00 17.32  ? 1371 GLU A CB  1 
ATOM   482  C CG  . GLU A 1 80  ? -11.479 -6.140  -3.376  1.00 19.86  ? 1371 GLU A CG  1 
ATOM   483  C CD  . GLU A 1 80  ? -11.423 -7.348  -2.442  1.00 23.45  ? 1371 GLU A CD  1 
ATOM   484  O OE1 . GLU A 1 80  ? -12.522 -7.813  -2.023  1.00 25.98  ? 1371 GLU A OE1 1 
ATOM   485  O OE2 . GLU A 1 80  ? -10.297 -7.887  -2.201  1.00 23.51  ? 1371 GLU A OE2 1 
ATOM   486  N N   . ALA A 1 81  ? -10.269 -7.419  -7.825  1.00 15.69  ? 1372 ALA A N   1 
ATOM   487  C CA  . ALA A 1 81  ? -10.328 -7.918  -9.224  1.00 16.73  ? 1372 ALA A CA  1 
ATOM   488  C C   . ALA A 1 81  ? -9.536  -9.217  -9.420  1.00 16.31  ? 1372 ALA A C   1 
ATOM   489  O O   . ALA A 1 81  ? -9.635  -9.862  -10.497 1.00 16.75  ? 1372 ALA A O   1 
ATOM   490  C CB  . ALA A 1 81  ? -9.795  -6.871  -10.165 1.00 18.40  ? 1372 ALA A CB  1 
ATOM   491  N N   . GLY A 1 82  ? -8.719  -9.652  -8.455  1.00 15.03  ? 1373 GLY A N   1 
ATOM   492  C CA  . GLY A 1 82  ? -7.837  -10.790 -8.693  1.00 14.12  ? 1373 GLY A CA  1 
ATOM   493  C C   . GLY A 1 82  ? -6.706  -10.402 -9.579  1.00 14.09  ? 1373 GLY A C   1 
ATOM   494  O O   . GLY A 1 82  ? -6.265  -11.216 -10.383 1.00 14.56  ? 1373 GLY A O   1 
ATOM   495  N N   . ASN A 1 83  ? -6.205  -9.163  -9.496  1.00 13.91  ? 1374 ASN A N   1 
ATOM   496  C CA  . ASN A 1 83  ? -5.101  -8.705  -10.380 1.00 13.14  ? 1374 ASN A CA  1 
ATOM   497  C C   . ASN A 1 83  ? -3.763  -8.456  -9.633  1.00 13.44  ? 1374 ASN A C   1 
ATOM   498  O O   . ASN A 1 83  ? -2.806  -7.951  -10.218 1.00 13.65  ? 1374 ASN A O   1 
ATOM   499  C CB  . ASN A 1 83  ? -5.524  -7.447  -11.135 1.00 14.03  ? 1374 ASN A CB  1 
ATOM   500  C CG  . ASN A 1 83  ? -6.599  -7.675  -12.186 1.00 16.01  ? 1374 ASN A CG  1 
ATOM   501  O OD1 . ASN A 1 83  ? -7.000  -6.694  -12.832 1.00 20.40  ? 1374 ASN A OD1 1 
ATOM   502  N ND2 . ASN A 1 83  ? -6.976  -8.902  -12.508 1.00 15.13  ? 1374 ASN A ND2 1 
ATOM   503  N N   . TYR A 1 84  ? -3.661  -8.945  -8.395  1.00 14.14  ? 1375 TYR A N   1 
ATOM   504  C CA  . TYR A 1 84  ? -2.352  -9.183  -7.748  1.00 13.93  ? 1375 TYR A CA  1 
ATOM   505  C C   . TYR A 1 84  ? -2.119  -10.704 -7.679  1.00 14.59  ? 1375 TYR A C   1 
ATOM   506  O O   . TYR A 1 84  ? -3.031  -11.424 -7.213  1.00 15.15  ? 1375 TYR A O   1 
ATOM   507  C CB  . TYR A 1 84  ? -2.274  -8.577  -6.330  1.00 13.66  ? 1375 TYR A CB  1 
ATOM   508  C CG  . TYR A 1 84  ? -2.259  -7.065  -6.271  1.00 11.69  ? 1375 TYR A CG  1 
ATOM   509  C CD1 . TYR A 1 84  ? -1.350  -6.319  -6.994  1.00 12.21  ? 1375 TYR A CD1 1 
ATOM   510  C CD2 . TYR A 1 84  ? -3.176  -6.373  -5.491  1.00 11.31  ? 1375 TYR A CD2 1 
ATOM   511  C CE1 . TYR A 1 84  ? -1.303  -4.934  -6.870  1.00 11.60  ? 1375 TYR A CE1 1 
ATOM   512  C CE2 . TYR A 1 84  ? -3.162  -5.000  -5.403  1.00 12.08  ? 1375 TYR A CE2 1 
ATOM   513  C CZ  . TYR A 1 84  ? -2.246  -4.272  -6.118  1.00 11.80  ? 1375 TYR A CZ  1 
ATOM   514  O OH  . TYR A 1 84  ? -2.293  -2.909  -5.993  1.00 13.80  ? 1375 TYR A OH  1 
ATOM   515  N N   . GLU A 1 85  ? -0.921  -11.135 -8.063  1.00 15.66  ? 1376 GLU A N   1 
ATOM   516  C CA  . GLU A 1 85  ? -0.495  -12.546 -7.914  1.00 15.65  ? 1376 GLU A CA  1 
ATOM   517  C C   . GLU A 1 85  ? 0.118   -12.803 -6.528  1.00 16.71  ? 1376 GLU A C   1 
ATOM   518  O O   . GLU A 1 85  ? 0.114   -13.967 -6.076  1.00 18.48  ? 1376 GLU A O   1 
ATOM   519  C CB  . GLU A 1 85  ? 0.503   -12.913 -8.991  1.00 18.25  ? 1376 GLU A CB  1 
ATOM   520  C CG  . GLU A 1 85  ? 0.864   -14.387 -8.877  1.00 26.30  ? 1376 GLU A CG  1 
ATOM   521  C CD  . GLU A 1 85  ? 1.580   -14.966 -10.070 1.00 32.49  ? 1376 GLU A CD  1 
ATOM   522  O OE1 . GLU A 1 85  ? 2.192   -14.151 -10.833 1.00 40.20  ? 1376 GLU A OE1 1 
ATOM   523  O OE2 . GLU A 1 85  ? 1.434   -16.244 -10.269 1.00 36.63  ? 1376 GLU A OE2 1 
ATOM   524  N N   . SER A 1 86  ? 0.600   -11.779 -5.802  1.00 14.64  ? 1377 SER A N   1 
ATOM   525  C CA  . SER A 1 86  ? 1.402   -11.957 -4.565  1.00 13.46  ? 1377 SER A CA  1 
ATOM   526  C C   . SER A 1 86  ? 1.263   -10.715 -3.700  1.00 13.06  ? 1377 SER A C   1 
ATOM   527  O O   . SER A 1 86  ? 0.942   -9.635  -4.198  1.00 13.83  ? 1377 SER A O   1 
ATOM   528  C CB  . SER A 1 86  ? 2.873   -12.218 -4.893  1.00 13.91  ? 1377 SER A CB  1 
ATOM   529  O OG  . SER A 1 86  ? 3.481   -11.036 -5.343  1.00 14.89  ? 1377 SER A OG  1 
ATOM   530  N N   . PRO A 1 87  ? 1.523   -10.844 -2.381  1.00 12.74  ? 1378 PRO A N   1 
ATOM   531  C CA  . PRO A 1 87  ? 1.490   -9.659  -1.524  1.00 13.56  ? 1378 PRO A CA  1 
ATOM   532  C C   . PRO A 1 87  ? 2.667   -8.728  -1.823  1.00 14.80  ? 1378 PRO A C   1 
ATOM   533  O O   . PRO A 1 87  ? 2.573   -7.563  -1.501  1.00 12.92  ? 1378 PRO A O   1 
ATOM   534  C CB  . PRO A 1 87  ? 1.599   -10.223 -0.111  1.00 13.78  ? 1378 PRO A CB  1 
ATOM   535  C CG  . PRO A 1 87  ? 2.323   -11.578 -0.321  1.00 13.58  ? 1378 PRO A CG  1 
ATOM   536  C CD  . PRO A 1 87  ? 1.756   -12.104 -1.639  1.00 14.02  ? 1378 PRO A CD  1 
ATOM   537  N N   . MET A 1 88  ? 3.754   -9.204  -2.444  1.00 12.93  ? 1379 MET A N   1 
ATOM   538  C CA  . MET A 1 88  ? 4.869   -8.340  -2.851  1.00 13.48  ? 1379 MET A CA  1 
ATOM   539  C C   . MET A 1 88  ? 4.397   -7.303  -3.877  1.00 12.87  ? 1379 MET A C   1 
ATOM   540  O O   . MET A 1 88  ? 4.823   -6.134  -3.814  1.00 12.55  ? 1379 MET A O   1 
ATOM   541  C CB  . MET A 1 88  ? 6.036   -9.165  -3.417  1.00 13.41  ? 1379 MET A CB  1 
ATOM   542  C CG  . MET A 1 88  ? 6.680   -10.086 -2.380  1.00 14.44  ? 1379 MET A CG  1 
ATOM   543  S SD  . MET A 1 88  ? 5.881   -11.710 -2.153  1.00 15.87  ? 1379 MET A SD  1 
ATOM   544  C CE  . MET A 1 88  ? 6.585   -12.526 -3.570  1.00 17.23  ? 1379 MET A CE  1 
ATOM   545  N N   . GLU A 1 89  ? 3.527   -7.708  -4.817  1.00 12.38  ? 1380 GLU A N   1 
ATOM   546  C CA  . GLU A 1 89  ? 3.053   -6.760  -5.823  1.00 12.32  ? 1380 GLU A CA  1 
ATOM   547  C C   . GLU A 1 89  ? 2.164   -5.721  -5.131  1.00 12.83  ? 1380 GLU A C   1 
ATOM   548  O O   . GLU A 1 89  ? 2.235   -4.503  -5.491  1.00 12.70  ? 1380 GLU A O   1 
ATOM   549  C CB  . GLU A 1 89  ? 2.223   -7.529  -6.865  1.00 14.07  ? 1380 GLU A CB  1 
ATOM   550  C CG  . GLU A 1 89  ? 3.024   -8.436  -7.749  1.00 15.30  ? 1380 GLU A CG  1 
ATOM   551  C CD  . GLU A 1 89  ? 2.174   -9.191  -8.764  1.00 16.51  ? 1380 GLU A CD  1 
ATOM   552  O OE1 . GLU A 1 89  ? 0.972   -9.090  -8.688  1.00 15.51  ? 1380 GLU A OE1 1 
ATOM   553  O OE2 . GLU A 1 89  ? 2.770   -9.721  -9.726  1.00 21.95  ? 1380 GLU A OE2 1 
ATOM   554  N N   . LEU A 1 90  ? 1.282   -6.111  -4.204  1.00 11.79  ? 1381 LEU A N   1 
ATOM   555  C CA  . LEU A 1 90  ? 0.420   -5.156  -3.455  1.00 12.24  ? 1381 LEU A CA  1 
ATOM   556  C C   . LEU A 1 90  ? 1.317   -4.163  -2.686  1.00 11.73  ? 1381 LEU A C   1 
ATOM   557  O O   . LEU A 1 90  ? 1.073   -2.925  -2.673  1.00 11.86  ? 1381 LEU A O   1 
ATOM   558  C CB  . LEU A 1 90  ? -0.518  -5.903  -2.502  1.00 13.59  ? 1381 LEU A CB  1 
ATOM   559  C CG  . LEU A 1 90  ? -1.430  -5.006  -1.664  1.00 13.18  ? 1381 LEU A CG  1 
ATOM   560  C CD1 . LEU A 1 90  ? -2.789  -5.611  -1.506  1.00 13.44  ? 1381 LEU A CD1 1 
ATOM   561  C CD2 . LEU A 1 90  ? -0.837  -4.660  -0.287  1.00 13.15  ? 1381 LEU A CD2 1 
ATOM   562  N N   A CYS A 1 91  ? 2.350   -4.703  -2.038  0.29 12.12  ? 1382 CYS A N   1 
ATOM   563  N N   B CYS A 1 91  ? 2.340   -4.686  -2.013  0.28 13.68  ? 1382 CYS A N   1 
ATOM   564  C CA  A CYS A 1 91  ? 3.317   -3.912  -1.235  0.29 11.71  ? 1382 CYS A CA  1 
ATOM   565  C CA  B CYS A 1 91  ? 3.326   -3.845  -1.289  0.28 14.28  ? 1382 CYS A CA  1 
ATOM   566  C C   A CYS A 1 91  ? 4.041   -2.882  -2.137  0.29 12.43  ? 1382 CYS A C   1 
ATOM   567  C C   B CYS A 1 91  ? 3.937   -2.799  -2.211  0.28 13.87  ? 1382 CYS A C   1 
ATOM   568  O O   A CYS A 1 91  ? 4.289   -1.750  -1.671  0.29 12.12  ? 1382 CYS A O   1 
ATOM   569  O O   B CYS A 1 91  ? 4.050   -1.629  -1.802  0.28 13.68  ? 1382 CYS A O   1 
ATOM   570  C CB  A CYS A 1 91  ? 4.261   -4.859  -0.492  0.29 11.32  ? 1382 CYS A CB  1 
ATOM   571  C CB  B CYS A 1 91  ? 4.477   -4.671  -0.751  0.28 16.12  ? 1382 CYS A CB  1 
ATOM   572  S SG  A CYS A 1 91  ? 5.316   -4.037  0.733   0.29 10.62  ? 1382 CYS A SG  1 
ATOM   573  S SG  B CYS A 1 91  ? 3.978   -5.502  0.757   0.28 18.97  ? 1382 CYS A SG  1 
ATOM   574  N N   . LYS A 1 92  ? 4.403   -3.231  -3.379  1.00 13.34  ? 1383 LYS A N   1 
ATOM   575  C CA  . LYS A 1 92  ? 5.081   -2.301  -4.274  1.00 14.14  ? 1383 LYS A CA  1 
ATOM   576  C C   . LYS A 1 92  ? 4.125   -1.142  -4.592  1.00 13.43  ? 1383 LYS A C   1 
ATOM   577  O O   . LYS A 1 92  ? 4.545   0.023   -4.550  1.00 14.17  ? 1383 LYS A O   1 
ATOM   578  C CB  . LYS A 1 92  ? 5.430   -3.048  -5.564  1.00 16.66  ? 1383 LYS A CB  1 
ATOM   579  C CG  . LYS A 1 92  ? 6.217   -2.215  -6.532  1.00 19.46  ? 1383 LYS A CG  1 
ATOM   580  C CD  . LYS A 1 92  ? 6.824   -3.036  -7.664  1.00 22.79  ? 1383 LYS A CD  1 
ATOM   581  C CE  . LYS A 1 92  ? 6.992   -2.218  -8.921  1.00 30.48  ? 1383 LYS A CE  1 
ATOM   582  N NZ  . LYS A 1 92  ? 7.608   -3.010  -10.025 1.00 33.94  ? 1383 LYS A NZ  1 
ATOM   583  N N   . ASP A 1 93  ? 2.840   -1.391  -4.839  1.00 11.98  ? 1384 ASP A N   1 
ATOM   584  C CA  . ASP A 1 93  ? 1.876   -0.291  -5.128  1.00 13.38  ? 1384 ASP A CA  1 
ATOM   585  C C   . ASP A 1 93  ? 1.655   0.573   -3.859  1.00 12.68  ? 1384 ASP A C   1 
ATOM   586  O O   . ASP A 1 93  ? 1.537   1.801   -3.949  1.00 12.67  ? 1384 ASP A O   1 
ATOM   587  C CB  . ASP A 1 93  ? 0.546   -0.832  -5.635  1.00 13.00  ? 1384 ASP A CB  1 
ATOM   588  C CG  . ASP A 1 93  ? 0.524   -1.194  -7.114  1.00 17.56  ? 1384 ASP A CG  1 
ATOM   589  O OD1 . ASP A 1 93  ? 1.529   -0.855  -7.790  1.00 19.71  ? 1384 ASP A OD1 1 
ATOM   590  O OD2 . ASP A 1 93  ? -0.474  -1.822  -7.580  1.00 15.24  ? 1384 ASP A OD2 1 
ATOM   591  N N   . VAL A 1 94  ? 1.530   -0.045  -2.677  1.00 11.68  ? 1385 VAL A N   1 
ATOM   592  C CA  . VAL A 1 94  ? 1.315   0.771   -1.437  1.00 12.17  ? 1385 VAL A CA  1 
ATOM   593  C C   . VAL A 1 94  ? 2.556   1.650   -1.215  1.00 12.66  ? 1385 VAL A C   1 
ATOM   594  O O   . VAL A 1 94  ? 2.414   2.846   -0.935  1.00 12.47  ? 1385 VAL A O   1 
ATOM   595  C CB  . VAL A 1 94  ? 1.027   -0.097  -0.206  1.00 12.67  ? 1385 VAL A CB  1 
ATOM   596  C CG1 . VAL A 1 94  ? 1.082   0.749   1.055   1.00 13.00  ? 1385 VAL A CG1 1 
ATOM   597  C CG2 . VAL A 1 94  ? -0.326  -0.781  -0.327  1.00 12.39  ? 1385 VAL A CG2 1 
ATOM   598  N N   . ARG A 1 95  ? 3.763   1.112   -1.443  1.00 12.04  ? 1386 ARG A N   1 
ATOM   599  C CA  . ARG A 1 95  ? 4.994   1.890   -1.265  1.00 12.09  ? 1386 ARG A CA  1 
ATOM   600  C C   . ARG A 1 95  ? 5.022   3.054   -2.262  1.00 12.69  ? 1386 ARG A C   1 
ATOM   601  O O   . ARG A 1 95  ? 5.543   4.115   -1.918  1.00 12.25  ? 1386 ARG A O   1 
ATOM   602  C CB  . ARG A 1 95  ? 6.197   0.952   -1.309  1.00 12.71  ? 1386 ARG A CB  1 
ATOM   603  C CG  . ARG A 1 95  ? 6.347   0.167   -0.020  1.00 13.54  ? 1386 ARG A CG  1 
ATOM   604  C CD  . ARG A 1 95  ? 7.384   -0.940  -0.141  1.00 16.13  ? 1386 ARG A CD  1 
ATOM   605  N NE  . ARG A 1 95  ? 7.539   -1.682  1.104   1.00 16.62  ? 1386 ARG A NE  1 
ATOM   606  C CZ  . ARG A 1 95  ? 8.347   -2.740  1.255   1.00 19.86  ? 1386 ARG A CZ  1 
ATOM   607  N NH1 . ARG A 1 95  ? 9.009   -3.229  0.212   1.00 21.30  ? 1386 ARG A NH1 1 
ATOM   608  N NH2 . ARG A 1 95  ? 8.517   -3.279  2.460   1.00 22.33  ? 1386 ARG A NH2 1 
ATOM   609  N N   . LEU A 1 96  ? 4.436   2.901   -3.444  1.00 12.76  ? 1387 LEU A N   1 
ATOM   610  C CA  . LEU A 1 96  ? 4.386   4.008   -4.447  1.00 12.82  ? 1387 LEU A CA  1 
ATOM   611  C C   . LEU A 1 96  ? 3.529   5.181   -3.938  1.00 12.68  ? 1387 LEU A C   1 
ATOM   612  O O   . LEU A 1 96  ? 3.903   6.355   -4.150  1.00 11.46  ? 1387 LEU A O   1 
ATOM   613  C CB  . LEU A 1 96  ? 3.876   3.435   -5.770  1.00 13.62  ? 1387 LEU A CB  1 
ATOM   614  C CG  . LEU A 1 96  ? 4.000   4.338   -6.989  1.00 14.68  ? 1387 LEU A CG  1 
ATOM   615  C CD1 . LEU A 1 96  ? 5.442   4.725   -7.249  1.00 14.87  ? 1387 LEU A CD1 1 
ATOM   616  C CD2 . LEU A 1 96  ? 3.416   3.638   -8.207  1.00 14.89  ? 1387 LEU A CD2 1 
ATOM   617  N N   . ILE A 1 97  ? 2.429   4.915   -3.236  1.00 12.22  ? 1388 ILE A N   1 
ATOM   618  C CA  . ILE A 1 97  ? 1.616   6.001   -2.609  1.00 11.78  ? 1388 ILE A CA  1 
ATOM   619  C C   . ILE A 1 97  ? 2.568   6.863   -1.782  1.00 11.70  ? 1388 ILE A C   1 
ATOM   620  O O   . ILE A 1 97  ? 2.507   8.081   -1.880  1.00 11.46  ? 1388 ILE A O   1 
ATOM   621  C CB  . ILE A 1 97  ? 0.473   5.438   -1.740  1.00 11.46  ? 1388 ILE A CB  1 
ATOM   622  C CG1 . ILE A 1 97  ? -0.486  4.596   -2.588  1.00 11.12  ? 1388 ILE A CG1 1 
ATOM   623  C CG2 . ILE A 1 97  ? -0.250  6.547   -0.982  1.00 11.83  ? 1388 ILE A CG2 1 
ATOM   624  C CD1 . ILE A 1 97  ? -1.506  3.833   -1.788  1.00 11.00  ? 1388 ILE A CD1 1 
ATOM   625  N N   . PHE A 1 98  ? 3.395   6.231   -0.961  1.00 11.91  ? 1389 PHE A N   1 
ATOM   626  C CA  . PHE A 1 98  ? 4.232   6.953   0.022   1.00 12.55  ? 1389 PHE A CA  1 
ATOM   627  C C   . PHE A 1 98  ? 5.391   7.625   -0.708  1.00 12.76  ? 1389 PHE A C   1 
ATOM   628  O O   . PHE A 1 98  ? 5.748   8.750   -0.333  1.00 12.17  ? 1389 PHE A O   1 
ATOM   629  C CB  . PHE A 1 98  ? 4.625   6.013   1.161   1.00 12.69  ? 1389 PHE A CB  1 
ATOM   630  C CG  . PHE A 1 98  ? 3.439   5.553   1.969   1.00 12.28  ? 1389 PHE A CG  1 
ATOM   631  C CD1 . PHE A 1 98  ? 2.534   6.462   2.492   1.00 13.45  ? 1389 PHE A CD1 1 
ATOM   632  C CD2 . PHE A 1 98  ? 3.221   4.205   2.213   1.00 12.85  ? 1389 PHE A CD2 1 
ATOM   633  C CE1 . PHE A 1 98  ? 1.435   6.042   3.227   1.00 13.21  ? 1389 PHE A CE1 1 
ATOM   634  C CE2 . PHE A 1 98  ? 2.135   3.790   2.969   1.00 12.35  ? 1389 PHE A CE2 1 
ATOM   635  C CZ  . PHE A 1 98  ? 1.237   4.703   3.462   1.00 12.81  ? 1389 PHE A CZ  1 
ATOM   636  N N   . SER A 1 99  ? 5.959   6.988   -1.736  1.00 13.09  ? 1390 SER A N   1 
ATOM   637  C CA  . SER A 1 99  ? 7.030   7.656   -2.513  1.00 13.32  ? 1390 SER A CA  1 
ATOM   638  C C   . SER A 1 99  ? 6.478   8.827   -3.316  1.00 14.05  ? 1390 SER A C   1 
ATOM   639  O O   . SER A 1 99  ? 7.184   9.863   -3.438  1.00 13.26  ? 1390 SER A O   1 
ATOM   640  C CB  . SER A 1 99  ? 7.836   6.696   -3.328  1.00 14.73  ? 1390 SER A CB  1 
ATOM   641  O OG  . SER A 1 99  ? 7.072   6.060   -4.325  1.00 15.76  ? 1390 SER A OG  1 
ATOM   642  N N   . ASN A 1 100 ? 5.255   8.707   -3.855  1.00 13.70  ? 1391 ASN A N   1 
ATOM   643  C CA  . ASN A 1 100 ? 4.626   9.819   -4.612  1.00 14.31  ? 1391 ASN A CA  1 
ATOM   644  C C   . ASN A 1 100 ? 4.410   11.011  -3.664  1.00 14.74  ? 1391 ASN A C   1 
ATOM   645  O O   . ASN A 1 100 ? 4.445   12.143  -4.124  1.00 14.75  ? 1391 ASN A O   1 
ATOM   646  C CB  . ASN A 1 100 ? 3.327   9.397   -5.297  1.00 14.23  ? 1391 ASN A CB  1 
ATOM   647  C CG  . ASN A 1 100 ? 3.517   8.503   -6.506  1.00 13.26  ? 1391 ASN A CG  1 
ATOM   648  O OD1 . ASN A 1 100 ? 4.613   8.409   -7.064  1.00 13.99  ? 1391 ASN A OD1 1 
ATOM   649  N ND2 . ASN A 1 100 ? 2.453   7.825   -6.915  1.00 14.29  ? 1391 ASN A ND2 1 
ATOM   650  N N   . SER A 1 101 ? 4.161   10.770  -2.376  1.00 15.58  ? 1392 SER A N   1 
ATOM   651  C CA  . SER A 1 101 ? 3.958   11.846  -1.372  1.00 15.31  ? 1392 SER A CA  1 
ATOM   652  C C   . SER A 1 101 ? 5.300   12.509  -1.027  1.00 16.06  ? 1392 SER A C   1 
ATOM   653  O O   . SER A 1 101 ? 5.357   13.751  -0.941  1.00 14.70  ? 1392 SER A O   1 
ATOM   654  C CB  . SER A 1 101 ? 3.243   11.312  -0.146  1.00 15.49  ? 1392 SER A CB  1 
ATOM   655  O OG  . SER A 1 101 ? 2.652   12.373  0.606   1.00 15.38  ? 1392 SER A OG  1 
ATOM   656  N N   . LYS A 1 102 ? 6.362   11.723  -0.867  1.00 16.52  ? 1393 LYS A N   1 
ATOM   657  C CA  . LYS A 1 102 ? 7.720   12.250  -0.575  1.00 18.75  ? 1393 LYS A CA  1 
ATOM   658  C C   . LYS A 1 102 ? 8.221   13.102  -1.745  1.00 20.46  ? 1393 LYS A C   1 
ATOM   659  O O   . LYS A 1 102 ? 9.026   14.026  -1.486  1.00 20.69  ? 1393 LYS A O   1 
ATOM   660  C CB  . LYS A 1 102 ? 8.675   11.087  -0.314  1.00 19.31  ? 1393 LYS A CB  1 
ATOM   661  C CG  . LYS A 1 102 ? 10.034  11.471  0.250   1.00 20.28  ? 1393 LYS A CG  1 
ATOM   662  C CD  . LYS A 1 102 ? 10.726  10.289  0.874   1.00 21.67  ? 1393 LYS A CD  1 
ATOM   663  C CE  . LYS A 1 102 ? 12.110  10.600  1.396   1.00 21.71  ? 1393 LYS A CE  1 
ATOM   664  N NZ  . LYS A 1 102 ? 12.753  9.368   1.924   1.00 23.14  ? 1393 LYS A NZ  1 
ATOM   665  N N   . ALA A 1 103 ? 7.726   12.833  -2.959  1.00 20.49  ? 1394 ALA A N   1 
ATOM   666  C CA  . ALA A 1 103 ? 8.123   13.514  -4.214  1.00 21.05  ? 1394 ALA A CA  1 
ATOM   667  C C   . ALA A 1 103 ? 7.294   14.785  -4.399  1.00 21.59  ? 1394 ALA A C   1 
ATOM   668  O O   . ALA A 1 103 ? 7.849   15.783  -4.899  1.00 22.65  ? 1394 ALA A O   1 
ATOM   669  C CB  . ALA A 1 103 ? 7.954   12.584  -5.393  1.00 20.95  ? 1394 ALA A CB  1 
ATOM   670  N N   . TYR A 1 104 ? 6.009   14.768  -4.053  1.00 20.82  ? 1395 TYR A N   1 
ATOM   671  C CA  . TYR A 1 104 ? 5.143   15.960  -4.228  1.00 22.53  ? 1395 TYR A CA  1 
ATOM   672  C C   . TYR A 1 104 ? 5.400   16.982  -3.107  1.00 23.37  ? 1395 TYR A C   1 
ATOM   673  O O   . TYR A 1 104 ? 5.215   18.176  -3.365  1.00 19.90  ? 1395 TYR A O   1 
ATOM   674  C CB  . TYR A 1 104 ? 3.666   15.586  -4.309  1.00 23.13  ? 1395 TYR A CB  1 
ATOM   675  C CG  . TYR A 1 104 ? 2.811   16.751  -4.726  1.00 25.03  ? 1395 TYR A CG  1 
ATOM   676  C CD1 . TYR A 1 104 ? 2.841   17.221  -6.028  1.00 24.30  ? 1395 TYR A CD1 1 
ATOM   677  C CD2 . TYR A 1 104 ? 2.029   17.422  -3.803  1.00 26.14  ? 1395 TYR A CD2 1 
ATOM   678  C CE1 . TYR A 1 104 ? 2.084   18.315  -6.415  1.00 26.21  ? 1395 TYR A CE1 1 
ATOM   679  C CE2 . TYR A 1 104 ? 1.263   18.514  -4.176  1.00 26.83  ? 1395 TYR A CE2 1 
ATOM   680  C CZ  . TYR A 1 104 ? 1.282   18.953  -5.488  1.00 26.15  ? 1395 TYR A CZ  1 
ATOM   681  O OH  . TYR A 1 104 ? 0.535   20.029  -5.851  1.00 27.00  ? 1395 TYR A OH  1 
ATOM   682  N N   . THR A 1 105 ? 5.787   16.534  -1.907  1.00 26.64  ? 1396 THR A N   1 
ATOM   683  C CA  . THR A 1 105 ? 5.993   17.383  -0.699  1.00 29.42  ? 1396 THR A CA  1 
ATOM   684  C C   . THR A 1 105 ? 7.106   18.406  -0.954  1.00 32.51  ? 1396 THR A C   1 
ATOM   685  O O   . THR A 1 105 ? 8.226   18.052  -1.312  1.00 32.09  ? 1396 THR A O   1 
ATOM   686  C CB  . THR A 1 105 ? 6.238   16.519  0.551   1.00 28.93  ? 1396 THR A CB  1 
ATOM   687  O OG1 . THR A 1 105 ? 6.209   17.362  1.703   1.00 30.83  ? 1396 THR A OG1 1 
ATOM   688  C CG2 . THR A 1 105 ? 7.545   15.760  0.517   1.00 31.81  ? 1396 THR A CG2 1 
ATOM   689  N N   . PRO A 1 106 ? 6.842   19.722  -0.773  1.00 35.19  ? 1397 PRO A N   1 
ATOM   690  C CA  . PRO A 1 106 ? 7.887   20.740  -0.883  1.00 36.26  ? 1397 PRO A CA  1 
ATOM   691  C C   . PRO A 1 106 ? 8.578   20.977  0.466   1.00 37.15  ? 1397 PRO A C   1 
ATOM   692  O O   . PRO A 1 106 ? 9.508   21.769  0.515   1.00 34.13  ? 1397 PRO A O   1 
ATOM   693  C CB  . PRO A 1 106 ? 7.075   21.961  -1.323  1.00 36.87  ? 1397 PRO A CB  1 
ATOM   694  C CG  . PRO A 1 106 ? 5.771   21.809  -0.559  1.00 37.78  ? 1397 PRO A CG  1 
ATOM   695  C CD  . PRO A 1 106 ? 5.534   20.313  -0.451  1.00 36.92  ? 1397 PRO A CD  1 
ATOM   696  N N   . SER A 1 107 ? 8.093   20.281  1.507   1.00 36.16  ? 1398 SER A N   1 
ATOM   697  C CA  . SER A 1 107 ? 8.485   20.421  2.932   1.00 36.90  ? 1398 SER A CA  1 
ATOM   698  C C   . SER A 1 107 ? 8.361   19.068  3.642   1.00 37.09  ? 1398 SER A C   1 
ATOM   699  O O   . SER A 1 107 ? 7.321   18.407  3.487   1.00 35.53  ? 1398 SER A O   1 
ATOM   700  C CB  . SER A 1 107 ? 7.626   21.440  3.620   1.00 35.10  ? 1398 SER A CB  1 
ATOM   701  O OG  . SER A 1 107 ? 7.660   21.238  5.020   1.00 35.38  ? 1398 SER A OG  1 
ATOM   702  N N   . LYS A 1 108 ? 9.349   18.710  4.458   1.00 39.84  ? 1399 LYS A N   1 
ATOM   703  C CA  . LYS A 1 108 ? 9.328   17.466  5.268   1.00 42.11  ? 1399 LYS A CA  1 
ATOM   704  C C   . LYS A 1 108 ? 8.709   17.771  6.640   1.00 43.78  ? 1399 LYS A C   1 
ATOM   705  O O   . LYS A 1 108 ? 8.726   16.867  7.503   1.00 44.32  ? 1399 LYS A O   1 
ATOM   706  C CB  . LYS A 1 108 ? 10.737  16.868  5.311   1.00 46.50  ? 1399 LYS A CB  1 
ATOM   707  C CG  . LYS A 1 108 ? 11.266  16.475  3.936   1.00 48.79  ? 1399 LYS A CG  1 
ATOM   708  C CD  . LYS A 1 108 ? 12.466  15.556  3.953   1.00 51.99  ? 1399 LYS A CD  1 
ATOM   709  C CE  . LYS A 1 108 ? 12.805  15.022  2.576   1.00 53.18  ? 1399 LYS A CE  1 
ATOM   710  N NZ  . LYS A 1 108 ? 14.116  14.330  2.568   1.00 55.37  ? 1399 LYS A NZ  1 
ATOM   711  N N   . ARG A 1 109 ? 8.148   18.977  6.808   1.00 41.79  ? 1400 ARG A N   1 
ATOM   712  C CA  . ARG A 1 109 ? 7.402   19.424  8.018   1.00 41.31  ? 1400 ARG A CA  1 
ATOM   713  C C   . ARG A 1 109 ? 5.978   19.827  7.601   1.00 37.00  ? 1400 ARG A C   1 
ATOM   714  O O   . ARG A 1 109 ? 5.401   20.731  8.245   1.00 39.61  ? 1400 ARG A O   1 
ATOM   715  C CB  . ARG A 1 109 ? 8.161   20.546  8.742   1.00 43.01  ? 1400 ARG A CB  1 
ATOM   716  C CG  . ARG A 1 109 ? 8.533   21.747  7.881   1.00 45.85  ? 1400 ARG A CG  1 
ATOM   717  C CD  . ARG A 1 109 ? 9.357   22.780  8.635   1.00 46.70  ? 1400 ARG A CD  1 
ATOM   718  N NE  . ARG A 1 109 ? 8.899   22.965  10.006  1.00 47.51  ? 1400 ARG A NE  1 
ATOM   719  C CZ  . ARG A 1 109 ? 7.780   23.596  10.375  1.00 48.50  ? 1400 ARG A CZ  1 
ATOM   720  N NH1 . ARG A 1 109 ? 6.968   24.135  9.478   1.00 48.17  ? 1400 ARG A NH1 1 
ATOM   721  N NH2 . ARG A 1 109 ? 7.478   23.689  11.661  1.00 49.41  ? 1400 ARG A NH2 1 
ATOM   722  N N   . SER A 1 110 ? 5.433   19.156  6.577   1.00 30.95  ? 1401 SER A N   1 
ATOM   723  C CA  . SER A 1 110 ? 4.098   19.422  5.974   1.00 26.32  ? 1401 SER A CA  1 
ATOM   724  C C   . SER A 1 110 ? 3.077   18.416  6.512   1.00 23.96  ? 1401 SER A C   1 
ATOM   725  O O   . SER A 1 110 ? 3.492   17.339  6.965   1.00 21.71  ? 1401 SER A O   1 
ATOM   726  C CB  . SER A 1 110 ? 4.160   19.398  4.468   1.00 26.09  ? 1401 SER A CB  1 
ATOM   727  O OG  . SER A 1 110 ? 4.328   18.081  3.969   1.00 26.58  ? 1401 SER A OG  1 
ATOM   728  N N   . ARG A 1 111 ? 1.800   18.790  6.484   1.00 21.94  ? 1402 ARG A N   1 
ATOM   729  C CA  . ARG A 1 111 ? 0.663   18.017  7.041   1.00 22.02  ? 1402 ARG A CA  1 
ATOM   730  C C   . ARG A 1 111 ? 0.595   16.645  6.351   1.00 21.46  ? 1402 ARG A C   1 
ATOM   731  O O   . ARG A 1 111 ? 0.635   15.625  7.058   1.00 21.03  ? 1402 ARG A O   1 
ATOM   732  C CB  . ARG A 1 111 ? -0.648  18.784  6.821   1.00 21.81  ? 1402 ARG A CB  1 
ATOM   733  C CG  . ARG A 1 111 ? -1.885  18.089  7.364   1.00 22.63  ? 1402 ARG A CG  1 
ATOM   734  C CD  . ARG A 1 111 ? -1.930  18.126  8.879   1.00 22.88  ? 1402 ARG A CD  1 
ATOM   735  N NE  . ARG A 1 111 ? -2.738  17.068  9.467   1.00 23.94  ? 1402 ARG A NE  1 
ATOM   736  C CZ  . ARG A 1 111 ? -4.051  17.102  9.678   1.00 23.36  ? 1402 ARG A CZ  1 
ATOM   737  N NH1 . ARG A 1 111 ? -4.773  18.155  9.339   1.00 24.08  ? 1402 ARG A NH1 1 
ATOM   738  N NH2 . ARG A 1 111 ? -4.643  16.060  10.233  1.00 25.86  ? 1402 ARG A NH2 1 
ATOM   739  N N   . ILE A 1 112 ? 0.477   16.638  5.024   1.00 20.57  ? 1403 ILE A N   1 
ATOM   740  C CA  . ILE A 1 112 ? 0.243   15.403  4.207   1.00 20.05  ? 1403 ILE A CA  1 
ATOM   741  C C   . ILE A 1 112 ? 1.474   14.499  4.279   1.00 20.76  ? 1403 ILE A C   1 
ATOM   742  O O   . ILE A 1 112 ? 1.330   13.304  4.582   1.00 16.50  ? 1403 ILE A O   1 
ATOM   743  C CB  . ILE A 1 112 ? -0.127  15.758  2.755   1.00 21.21  ? 1403 ILE A CB  1 
ATOM   744  C CG1 . ILE A 1 112 ? -1.457  16.508  2.709   1.00 22.93  ? 1403 ILE A CG1 1 
ATOM   745  C CG2 . ILE A 1 112 ? -0.161  14.503  1.888   1.00 22.12  ? 1403 ILE A CG2 1 
ATOM   746  C CD1 . ILE A 1 112 ? -1.641  17.335  1.472   1.00 23.41  ? 1403 ILE A CD1 1 
ATOM   747  N N   . TYR A 1 113 ? 2.662   15.025  4.000   1.00 20.60  ? 1404 TYR A N   1 
ATOM   748  C CA  . TYR A 1 113 ? 3.887   14.196  4.053   1.00 20.52  ? 1404 TYR A CA  1 
ATOM   749  C C   . TYR A 1 113 ? 4.002   13.609  5.461   1.00 19.93  ? 1404 TYR A C   1 
ATOM   750  O O   . TYR A 1 113 ? 4.364   12.433  5.605   1.00 18.63  ? 1404 TYR A O   1 
ATOM   751  C CB  . TYR A 1 113 ? 5.129   14.984  3.645   1.00 22.06  ? 1404 TYR A CB  1 
ATOM   752  C CG  . TYR A 1 113 ? 6.399   14.172  3.661   1.00 22.71  ? 1404 TYR A CG  1 
ATOM   753  C CD1 . TYR A 1 113 ? 6.563   13.057  2.851   1.00 23.96  ? 1404 TYR A CD1 1 
ATOM   754  C CD2 . TYR A 1 113 ? 7.448   14.524  4.493   1.00 23.07  ? 1404 TYR A CD2 1 
ATOM   755  C CE1 . TYR A 1 113 ? 7.737   12.317  2.877   1.00 24.86  ? 1404 TYR A CE1 1 
ATOM   756  C CE2 . TYR A 1 113 ? 8.627   13.800  4.524   1.00 24.83  ? 1404 TYR A CE2 1 
ATOM   757  C CZ  . TYR A 1 113 ? 8.775   12.695  3.711   1.00 24.80  ? 1404 TYR A CZ  1 
ATOM   758  O OH  . TYR A 1 113 ? 9.944   11.995  3.765   1.00 26.37  ? 1404 TYR A OH  1 
ATOM   759  N N   A SER A 1 114 ? 3.636   14.371  6.493   0.29 18.96  ? 1405 SER A N   1 
ATOM   760  N N   B SER A 1 114 ? 3.635   14.345  6.502   0.28 18.60  ? 1405 SER A N   1 
ATOM   761  C CA  A SER A 1 114 ? 3.686   13.882  7.895   0.29 19.51  ? 1405 SER A CA  1 
ATOM   762  C CA  B SER A 1 114 ? 3.708   13.828  7.894   0.28 19.01  ? 1405 SER A CA  1 
ATOM   763  C C   A SER A 1 114 ? 2.696   12.719  8.099   0.29 18.05  ? 1405 SER A C   1 
ATOM   764  C C   B SER A 1 114 ? 2.679   12.705  8.129   0.28 17.71  ? 1405 SER A C   1 
ATOM   765  O O   A SER A 1 114 ? 3.058   11.729  8.774   0.29 18.80  ? 1405 SER A O   1 
ATOM   766  O O   B SER A 1 114 ? 2.998   11.732  8.857   0.28 18.07  ? 1405 SER A O   1 
ATOM   767  C CB  A SER A 1 114 ? 3.426   14.995  8.881   0.29 21.15  ? 1405 SER A CB  1 
ATOM   768  C CB  B SER A 1 114 ? 3.539   14.937  8.890   0.28 20.37  ? 1405 SER A CB  1 
ATOM   769  O OG  A SER A 1 114 ? 2.044   15.315  8.939   0.29 22.18  ? 1405 SER A OG  1 
ATOM   770  O OG  B SER A 1 114 ? 4.664   15.793  8.846   0.28 20.69  ? 1405 SER A OG  1 
ATOM   771  N N   . MET A 1 115 ? 1.457   12.857  7.613   1.00 16.20  ? 1406 MET A N   1 
ATOM   772  C CA  . MET A 1 115 ? 0.413   11.793  7.632   1.00 15.66  ? 1406 MET A CA  1 
ATOM   773  C C   . MET A 1 115 ? 0.961   10.555  6.889   1.00 15.18  ? 1406 MET A C   1 
ATOM   774  O O   . MET A 1 115 ? 0.855   9.420   7.428   1.00 14.14  ? 1406 MET A O   1 
ATOM   775  C CB  . MET A 1 115 ? -0.891  12.274  6.983   1.00 15.83  ? 1406 MET A CB  1 
ATOM   776  C CG  . MET A 1 115 ? -1.714  13.240  7.830   1.00 16.25  ? 1406 MET A CG  1 
ATOM   777  S SD  . MET A 1 115 ? -3.056  14.053  6.903   1.00 18.50  ? 1406 MET A SD  1 
ATOM   778  C CE  . MET A 1 115 ? -4.457  13.022  7.323   1.00 18.93  ? 1406 MET A CE  1 
ATOM   779  N N   . SER A 1 116 ? 1.606   10.755  5.735   1.00 15.09  ? 1407 SER A N   1 
ATOM   780  C CA  . SER A 1 116 ? 2.162   9.639   4.920   1.00 14.90  ? 1407 SER A CA  1 
ATOM   781  C C   . SER A 1 116 ? 3.212   8.855   5.747   1.00 14.37  ? 1407 SER A C   1 
ATOM   782  O O   . SER A 1 116 ? 3.210   7.633   5.705   1.00 13.75  ? 1407 SER A O   1 
ATOM   783  C CB  . SER A 1 116 ? 2.710   10.097  3.569   1.00 17.24  ? 1407 SER A CB  1 
ATOM   784  O OG  . SER A 1 116 ? 4.051   10.444  3.624   1.00 18.14  ? 1407 SER A OG  1 
ATOM   785  N N   . LEU A 1 117 ? 4.084   9.512   6.521   1.00 14.48  ? 1408 LEU A N   1 
ATOM   786  C CA  . LEU A 1 117 ? 5.141   8.808   7.261   1.00 15.58  ? 1408 LEU A CA  1 
ATOM   787  C C   . LEU A 1 117 ? 4.522   7.988   8.386   1.00 13.92  ? 1408 LEU A C   1 
ATOM   788  O O   . LEU A 1 117 ? 4.988   6.839   8.595   1.00 15.04  ? 1408 LEU A O   1 
ATOM   789  C CB  . LEU A 1 117 ? 6.136   9.840   7.788   1.00 16.56  ? 1408 LEU A CB  1 
ATOM   790  C CG  . LEU A 1 117 ? 6.963   10.560  6.740   1.00 18.37  ? 1408 LEU A CG  1 
ATOM   791  C CD1 . LEU A 1 117 ? 7.909   11.546  7.411   1.00 21.48  ? 1408 LEU A CD1 1 
ATOM   792  C CD2 . LEU A 1 117 ? 7.742   9.614   5.863   1.00 22.65  ? 1408 LEU A CD2 1 
ATOM   793  N N   . ARG A 1 118 ? 3.467   8.497   9.067   1.00 13.39  ? 1409 ARG A N   1 
ATOM   794  C CA  . ARG A 1 118 ? 2.870   7.679   10.146  1.00 15.02  ? 1409 ARG A CA  1 
ATOM   795  C C   . ARG A 1 118 ? 2.141   6.464   9.518   1.00 13.49  ? 1409 ARG A C   1 
ATOM   796  O O   . ARG A 1 118 ? 2.249   5.300   10.003  1.00 13.84  ? 1409 ARG A O   1 
ATOM   797  C CB  . ARG A 1 118 ? 1.881   8.505   10.969  1.00 14.97  ? 1409 ARG A CB  1 
ATOM   798  C CG  . ARG A 1 118 ? 2.548   9.564   11.868  1.00 14.78  ? 1409 ARG A CG  1 
ATOM   799  C CD  . ARG A 1 118 ? 1.506   10.194  12.769  1.00 15.19  ? 1409 ARG A CD  1 
ATOM   800  N NE  . ARG A 1 118 ? 0.455   10.907  12.097  1.00 16.10  ? 1409 ARG A NE  1 
ATOM   801  C CZ  . ARG A 1 118 ? 0.371   12.228  11.924  1.00 17.41  ? 1409 ARG A CZ  1 
ATOM   802  N NH1 . ARG A 1 118 ? 1.351   13.010  12.317  1.00 18.93  ? 1409 ARG A NH1 1 
ATOM   803  N NH2 . ARG A 1 118 ? -0.684  12.738  11.279  1.00 18.73  ? 1409 ARG A NH2 1 
ATOM   804  N N   . LEU A 1 119 ? 1.408   6.692   8.439   1.00 13.55  ? 1410 LEU A N   1 
ATOM   805  C CA  . LEU A 1 119 ? 0.655   5.593   7.796   1.00 13.22  ? 1410 LEU A CA  1 
ATOM   806  C C   . LEU A 1 119 ? 1.615   4.543   7.247   1.00 13.51  ? 1410 LEU A C   1 
ATOM   807  O O   . LEU A 1 119 ? 1.290   3.330   7.334   1.00 14.07  ? 1410 LEU A O   1 
ATOM   808  C CB  . LEU A 1 119 ? -0.246  6.137   6.695   1.00 14.09  ? 1410 LEU A CB  1 
ATOM   809  C CG  . LEU A 1 119 ? -1.344  5.188   6.248   1.00 14.38  ? 1410 LEU A CG  1 
ATOM   810  C CD1 . LEU A 1 119 ? -2.384  4.938   7.358   1.00 16.91  ? 1410 LEU A CD1 1 
ATOM   811  C CD2 . LEU A 1 119 ? -2.028  5.808   5.028   1.00 14.59  ? 1410 LEU A CD2 1 
ATOM   812  N N   . SER A 1 120 ? 2.744   4.947   6.664   1.00 11.96  ? 1411 SER A N   1 
ATOM   813  C CA  . SER A 1 120 ? 3.796   4.063   6.135   1.00 13.73  ? 1411 SER A CA  1 
ATOM   814  C C   . SER A 1 120 ? 4.327   3.197   7.273   1.00 14.38  ? 1411 SER A C   1 
ATOM   815  O O   . SER A 1 120 ? 4.499   1.981   7.087   1.00 13.62  ? 1411 SER A O   1 
ATOM   816  C CB  . SER A 1 120 ? 4.889   4.893   5.527   1.00 15.02  ? 1411 SER A CB  1 
ATOM   817  O OG  . SER A 1 120 ? 5.969   4.031   5.134   1.00 15.77  ? 1411 SER A OG  1 
ATOM   818  N N   . ALA A 1 121 ? 4.626   3.785   8.448   1.00 13.69  ? 1412 ALA A N   1 
ATOM   819  C CA  . ALA A 1 121 ? 5.109   2.982   9.582   1.00 12.90  ? 1412 ALA A CA  1 
ATOM   820  C C   . ALA A 1 121 ? 4.074   1.935   9.968   1.00 12.74  ? 1412 ALA A C   1 
ATOM   821  O O   . ALA A 1 121 ? 4.417   0.766   10.292  1.00 13.78  ? 1412 ALA A O   1 
ATOM   822  C CB  . ALA A 1 121 ? 5.423   3.879   10.753  1.00 14.62  ? 1412 ALA A CB  1 
ATOM   823  N N   . PHE A 1 122 ? 2.787   2.305   10.057  1.00 12.62  ? 1413 PHE A N   1 
ATOM   824  C CA  . PHE A 1 122 ? 1.703   1.373   10.410  1.00 13.54  ? 1413 PHE A CA  1 
ATOM   825  C C   . PHE A 1 122 ? 1.649   0.225   9.393   1.00 12.57  ? 1413 PHE A C   1 
ATOM   826  O O   . PHE A 1 122 ? 1.583   -0.948  9.762   1.00 13.52  ? 1413 PHE A O   1 
ATOM   827  C CB  . PHE A 1 122 ? 0.410   2.161   10.519  1.00 12.46  ? 1413 PHE A CB  1 
ATOM   828  C CG  . PHE A 1 122 ? -0.786  1.300   10.785  1.00 15.13  ? 1413 PHE A CG  1 
ATOM   829  C CD1 . PHE A 1 122 ? -1.078  0.861   12.058  1.00 17.37  ? 1413 PHE A CD1 1 
ATOM   830  C CD2 . PHE A 1 122 ? -1.613  0.878   9.758   1.00 15.87  ? 1413 PHE A CD2 1 
ATOM   831  C CE1 . PHE A 1 122 ? -2.165  0.027   12.279  1.00 18.54  ? 1413 PHE A CE1 1 
ATOM   832  C CE2 . PHE A 1 122 ? -2.713  0.069   9.995   1.00 17.06  ? 1413 PHE A CE2 1 
ATOM   833  C CZ  . PHE A 1 122 ? -3.000  -0.345  11.268  1.00 17.60  ? 1413 PHE A CZ  1 
ATOM   834  N N   . PHE A 1 123 ? 1.645   0.578   8.103   1.00 12.95  ? 1414 PHE A N   1 
ATOM   835  C CA  . PHE A 1 123 ? 1.598   -0.402  7.004   1.00 13.10  ? 1414 PHE A CA  1 
ATOM   836  C C   . PHE A 1 123 ? 2.785   -1.355  7.124   1.00 12.26  ? 1414 PHE A C   1 
ATOM   837  O O   . PHE A 1 123 ? 2.603   -2.602  7.092   1.00 12.56  ? 1414 PHE A O   1 
ATOM   838  C CB  . PHE A 1 123 ? 1.575   0.285   5.620   1.00 12.73  ? 1414 PHE A CB  1 
ATOM   839  C CG  . PHE A 1 123 ? 1.701   -0.689  4.453   1.00 13.28  ? 1414 PHE A CG  1 
ATOM   840  C CD1 . PHE A 1 123 ? 0.626   -1.496  4.107   1.00 14.11  ? 1414 PHE A CD1 1 
ATOM   841  C CD2 . PHE A 1 123 ? 2.937   -0.886  3.817   1.00 12.83  ? 1414 PHE A CD2 1 
ATOM   842  C CE1 . PHE A 1 123 ? 0.750   -2.417  3.066   1.00 13.68  ? 1414 PHE A CE1 1 
ATOM   843  C CE2 . PHE A 1 123 ? 3.030   -1.815  2.780   1.00 14.59  ? 1414 PHE A CE2 1 
ATOM   844  C CZ  . PHE A 1 123 ? 1.962   -2.593  2.451   1.00 13.92  ? 1414 PHE A CZ  1 
ATOM   845  N N   . GLU A 1 124 ? 4.002   -0.865  7.249   1.00 11.26  ? 1415 GLU A N   1 
ATOM   846  C CA  . GLU A 1 124 ? 5.204   -1.742  7.272   1.00 13.76  ? 1415 GLU A CA  1 
ATOM   847  C C   . GLU A 1 124 ? 5.177   -2.657  8.494   1.00 14.00  ? 1415 GLU A C   1 
ATOM   848  O O   . GLU A 1 124 ? 5.563   -3.832  8.389   1.00 15.40  ? 1415 GLU A O   1 
ATOM   849  C CB  . GLU A 1 124 ? 6.493   -0.930  7.240   1.00 15.04  ? 1415 GLU A CB  1 
ATOM   850  C CG  . GLU A 1 124 ? 6.684   -0.152  5.930   1.00 15.78  ? 1415 GLU A CG  1 
ATOM   851  C CD  . GLU A 1 124 ? 6.890   -1.015  4.682   1.00 17.66  ? 1415 GLU A CD  1 
ATOM   852  O OE1 . GLU A 1 124 ? 7.377   -2.156  4.828   1.00 18.35  ? 1415 GLU A OE1 1 
ATOM   853  O OE2 . GLU A 1 124 ? 6.589   -0.539  3.569   1.00 16.83  ? 1415 GLU A OE2 1 
ATOM   854  N N   . GLU A 1 125 ? 4.695   -2.155  9.639   1.00 13.42  ? 1416 GLU A N   1 
ATOM   855  C CA  . GLU A 1 125 ? 4.553   -2.987  10.871  1.00 13.62  ? 1416 GLU A CA  1 
ATOM   856  C C   . GLU A 1 125 ? 3.637   -4.177  10.628  1.00 13.35  ? 1416 GLU A C   1 
ATOM   857  O O   . GLU A 1 125 ? 3.928   -5.291  11.150  1.00 16.03  ? 1416 GLU A O   1 
ATOM   858  C CB  . GLU A 1 125 ? 3.992   -2.081  11.961  1.00 13.22  ? 1416 GLU A CB  1 
ATOM   859  C CG  . GLU A 1 125 ? 3.731   -2.739  13.294  1.00 15.52  ? 1416 GLU A CG  1 
ATOM   860  C CD  . GLU A 1 125 ? 3.203   -1.703  14.274  1.00 16.12  ? 1416 GLU A CD  1 
ATOM   861  O OE1 . GLU A 1 125 ? 4.006   -0.813  14.635  1.00 17.06  ? 1416 GLU A OE1 1 
ATOM   862  O OE2 . GLU A 1 125 ? 1.977   -1.703  14.611  1.00 18.12  ? 1416 GLU A OE2 1 
ATOM   863  N N   . HIS A 1 126 ? 2.563   -4.000  9.895   1.00 12.84  ? 1417 HIS A N   1 
ATOM   864  C CA  . HIS A 1 126 ? 1.537   -5.039  9.643   1.00 14.64  ? 1417 HIS A CA  1 
ATOM   865  C C   . HIS A 1 126 ? 1.844   -5.942  8.447   1.00 15.77  ? 1417 HIS A C   1 
ATOM   866  O O   . HIS A 1 126 ? 1.471   -7.123  8.518   1.00 16.08  ? 1417 HIS A O   1 
ATOM   867  C CB  . HIS A 1 126 ? 0.157   -4.377  9.558   1.00 16.04  ? 1417 HIS A CB  1 
ATOM   868  C CG  . HIS A 1 126 ? -0.365  -3.944  10.884  1.00 20.05  ? 1417 HIS A CG  1 
ATOM   869  N ND1 . HIS A 1 126 ? 0.132   -2.858  11.563  1.00 22.41  ? 1417 HIS A ND1 1 
ATOM   870  C CD2 . HIS A 1 126 ? -1.396  -4.412  11.623  1.00 25.53  ? 1417 HIS A CD2 1 
ATOM   871  C CE1 . HIS A 1 126 ? -0.452  -2.799  12.759  1.00 21.44  ? 1417 HIS A CE1 1 
ATOM   872  N NE2 . HIS A 1 126 ? -1.456  -3.627  12.758  1.00 28.73  ? 1417 HIS A NE2 1 
ATOM   873  N N   . ILE A 1 127 ? 2.504   -5.448  7.395   1.00 14.34  ? 1418 ILE A N   1 
ATOM   874  C CA  . ILE A 1 127 ? 2.752   -6.236  6.160   1.00 14.04  ? 1418 ILE A CA  1 
ATOM   875  C C   . ILE A 1 127 ? 3.880   -7.252  6.339   1.00 13.31  ? 1418 ILE A C   1 
ATOM   876  O O   . ILE A 1 127 ? 3.925   -8.236  5.600   1.00 13.77  ? 1418 ILE A O   1 
ATOM   877  C CB  . ILE A 1 127 ? 2.993   -5.318  4.944   1.00 13.22  ? 1418 ILE A CB  1 
ATOM   878  C CG1 . ILE A 1 127 ? 2.664   -6.015  3.609   1.00 14.86  ? 1418 ILE A CG1 1 
ATOM   879  C CG2 . ILE A 1 127 ? 4.397   -4.767  4.920   1.00 14.91  ? 1418 ILE A CG2 1 
ATOM   880  C CD1 . ILE A 1 127 ? 1.257   -6.419  3.409   1.00 14.99  ? 1418 ILE A CD1 1 
ATOM   881  N N   A SER A 1 128 ? 4.784   -7.012  7.290   0.24 13.67  ? 1419 SER A N   1 
ATOM   882  N N   B SER A 1 128 ? 4.782   -7.018  7.298   0.22 14.13  ? 1419 SER A N   1 
ATOM   883  C CA  A SER A 1 128 ? 5.981   -7.861  7.523   0.24 14.29  ? 1419 SER A CA  1 
ATOM   884  C CA  B SER A 1 128 ? 5.976   -7.874  7.524   0.22 14.99  ? 1419 SER A CA  1 
ATOM   885  C C   A SER A 1 128 ? 5.588   -9.342  7.658   0.24 14.54  ? 1419 SER A C   1 
ATOM   886  C C   B SER A 1 128 ? 5.570   -9.350  7.636   0.22 14.96  ? 1419 SER A C   1 
ATOM   887  O O   A SER A 1 128 ? 6.181   -10.158 6.944   0.24 14.95  ? 1419 SER A O   1 
ATOM   888  O O   B SER A 1 128 ? 6.145   -10.166 6.902   0.22 15.50  ? 1419 SER A O   1 
ATOM   889  C CB  A SER A 1 128 ? 6.749   -7.347  8.712   0.24 15.22  ? 1419 SER A CB  1 
ATOM   890  C CB  B SER A 1 128 ? 6.771   -7.432  8.725   0.22 16.49  ? 1419 SER A CB  1 
ATOM   891  O OG  A SER A 1 128 ? 5.921   -7.318  9.856   0.24 16.36  ? 1419 SER A OG  1 
ATOM   892  O OG  B SER A 1 128 ? 7.953   -8.222  8.829   0.22 18.44  ? 1419 SER A OG  1 
ATOM   893  N N   . SER A 1 129 ? 4.607   -9.667  8.505   1.00 14.28  ? 1420 SER A N   1 
ATOM   894  C CA  . SER A 1 129 ? 4.214   -11.071 8.781   1.00 15.23  ? 1420 SER A CA  1 
ATOM   895  C C   . SER A 1 129 ? 3.510   -11.633 7.529   1.00 15.12  ? 1420 SER A C   1 
ATOM   896  O O   . SER A 1 129 ? 3.620   -12.831 7.266   1.00 14.25  ? 1420 SER A O   1 
ATOM   897  C CB  . SER A 1 129 ? 3.376   -11.211 9.999   1.00 17.71  ? 1420 SER A CB  1 
ATOM   898  O OG  . SER A 1 129 ? 2.147   -10.539 9.893   1.00 21.89  ? 1420 SER A OG  1 
ATOM   899  N N   . VAL A 1 130 ? 2.745   -10.784 6.839   1.00 13.60  ? 1421 VAL A N   1 
ATOM   900  C CA  . VAL A 1 130 ? 2.032   -11.237 5.601   1.00 14.01  ? 1421 VAL A CA  1 
ATOM   901  C C   . VAL A 1 130 ? 3.063   -11.717 4.581   1.00 13.47  ? 1421 VAL A C   1 
ATOM   902  O O   . VAL A 1 130 ? 2.902   -12.845 3.984   1.00 13.21  ? 1421 VAL A O   1 
ATOM   903  C CB  . VAL A 1 130 ? 1.160   -10.120 5.043   1.00 12.56  ? 1421 VAL A CB  1 
ATOM   904  C CG1 . VAL A 1 130 ? 0.467   -10.584 3.762   1.00 13.63  ? 1421 VAL A CG1 1 
ATOM   905  C CG2 . VAL A 1 130 ? 0.103   -9.680  6.049   1.00 13.67  ? 1421 VAL A CG2 1 
ATOM   906  N N   . LEU A 1 131 ? 4.103   -10.940 4.306   1.00 13.16  ? 1422 LEU A N   1 
ATOM   907  C CA  . LEU A 1 131 ? 5.172   -11.297 3.360   1.00 12.59  ? 1422 LEU A CA  1 
ATOM   908  C C   . LEU A 1 131 ? 5.905   -12.539 3.848   1.00 13.39  ? 1422 LEU A C   1 
ATOM   909  O O   . LEU A 1 131 ? 6.144   -13.464 3.050   1.00 13.16  ? 1422 LEU A O   1 
ATOM   910  C CB  . LEU A 1 131 ? 6.128   -10.120 3.169   1.00 13.33  ? 1422 LEU A CB  1 
ATOM   911  C CG  . LEU A 1 131 ? 5.536   -8.858  2.534   1.00 13.89  ? 1422 LEU A CG  1 
ATOM   912  C CD1 . LEU A 1 131 ? 6.454   -7.673  2.726   1.00 16.54  ? 1422 LEU A CD1 1 
ATOM   913  C CD2 . LEU A 1 131 ? 5.215   -9.041  1.075   1.00 14.65  ? 1422 LEU A CD2 1 
ATOM   914  N N   . SER A 1 132 ? 6.263   -12.571 5.129   1.00 13.08  ? 1423 SER A N   1 
ATOM   915  C CA  . SER A 1 132 ? 7.024   -13.703 5.719   1.00 13.52  ? 1423 SER A CA  1 
ATOM   916  C C   . SER A 1 132 ? 6.227   -14.997 5.534   1.00 13.16  ? 1423 SER A C   1 
ATOM   917  O O   . SER A 1 132 ? 6.805   -15.982 5.018   1.00 13.65  ? 1423 SER A O   1 
ATOM   918  C CB  . SER A 1 132 ? 7.351   -13.444 7.168   1.00 13.94  ? 1423 SER A CB  1 
ATOM   919  O OG  . SER A 1 132 ? 8.375   -12.467 7.253   1.00 14.84  ? 1423 SER A OG  1 
ATOM   920  N N   . ASP A 1 133 ? 4.949   -14.976 5.924   1.00 12.63  ? 1424 ASP A N   1 
ATOM   921  C CA  . ASP A 1 133 ? 4.086   -16.193 5.891   1.00 13.36  ? 1424 ASP A CA  1 
ATOM   922  C C   . ASP A 1 133 ? 3.942   -16.650 4.435   1.00 13.52  ? 1424 ASP A C   1 
ATOM   923  O O   . ASP A 1 133 ? 4.013   -17.848 4.165   1.00 15.17  ? 1424 ASP A O   1 
ATOM   924  C CB  . ASP A 1 133 ? 2.736   -15.949 6.589   1.00 14.88  ? 1424 ASP A CB  1 
ATOM   925  C CG  . ASP A 1 133 ? 2.785   -15.839 8.104   1.00 17.95  ? 1424 ASP A CG  1 
ATOM   926  O OD1 . ASP A 1 133 ? 3.872   -15.992 8.684   1.00 18.52  ? 1424 ASP A OD1 1 
ATOM   927  O OD2 . ASP A 1 133 ? 1.717   -15.584 8.671   1.00 25.82  ? 1424 ASP A OD2 1 
ATOM   928  N N   . TYR A 1 134 ? 3.747   -15.728 3.481   1.00 12.46  ? 1425 TYR A N   1 
ATOM   929  C CA  . TYR A 1 134 ? 3.565   -16.090 2.068   1.00 12.82  ? 1425 TYR A CA  1 
ATOM   930  C C   . TYR A 1 134 ? 4.840   -16.767 1.553   1.00 12.96  ? 1425 TYR A C   1 
ATOM   931  O O   . TYR A 1 134 ? 4.819   -17.829 0.870   1.00 13.53  ? 1425 TYR A O   1 
ATOM   932  C CB  . TYR A 1 134 ? 3.194   -14.868 1.217   1.00 12.25  ? 1425 TYR A CB  1 
ATOM   933  C CG  . TYR A 1 134 ? 3.090   -15.146 -0.253  1.00 13.07  ? 1425 TYR A CG  1 
ATOM   934  C CD1 . TYR A 1 134 ? 2.020   -15.871 -0.747  1.00 14.94  ? 1425 TYR A CD1 1 
ATOM   935  C CD2 . TYR A 1 134 ? 4.138   -14.858 -1.105  1.00 15.68  ? 1425 TYR A CD2 1 
ATOM   936  C CE1 . TYR A 1 134 ? 1.897   -16.143 -2.085  1.00 16.14  ? 1425 TYR A CE1 1 
ATOM   937  C CE2 . TYR A 1 134 ? 4.036   -15.110 -2.448  1.00 15.49  ? 1425 TYR A CE2 1 
ATOM   938  C CZ  . TYR A 1 134 ? 2.933   -15.783 -2.927  1.00 15.25  ? 1425 TYR A CZ  1 
ATOM   939  O OH  . TYR A 1 134 ? 2.845   -16.043 -4.277  1.00 19.93  ? 1425 TYR A OH  1 
ATOM   940  N N   . LYS A 1 135 ? 6.003   -16.145 1.772   1.00 13.93  ? 1426 LYS A N   1 
ATOM   941  C CA  . LYS A 1 135 ? 7.268   -16.668 1.221   1.00 13.34  ? 1426 LYS A CA  1 
ATOM   942  C C   . LYS A 1 135 ? 7.562   -18.047 1.835   1.00 13.85  ? 1426 LYS A C   1 
ATOM   943  O O   . LYS A 1 135 ? 8.024   -18.930 1.106   1.00 12.94  ? 1426 LYS A O   1 
ATOM   944  C CB  . LYS A 1 135 ? 8.377   -15.622 1.429   1.00 15.17  ? 1426 LYS A CB  1 
ATOM   945  C CG  . LYS A 1 135 ? 8.105   -14.337 0.626   1.00 14.92  ? 1426 LYS A CG  1 
ATOM   946  C CD  . LYS A 1 135 ? 9.232   -13.314 0.801   1.00 17.71  ? 1426 LYS A CD  1 
ATOM   947  C CE  . LYS A 1 135 ? 9.061   -12.082 -0.044  1.00 21.46  ? 1426 LYS A CE  1 
ATOM   948  N NZ  . LYS A 1 135 ? 10.331  -11.311 -0.148  1.00 25.93  ? 1426 LYS A NZ  1 
ATOM   949  N N   A SER A 1 136 ? 7.247   -18.208 3.121   0.24 12.68  ? 1427 SER A N   1 
ATOM   950  N N   B SER A 1 136 ? 7.215   -18.237 3.105   0.22 13.44  ? 1427 SER A N   1 
ATOM   951  C CA  A SER A 1 136 ? 7.389   -19.487 3.869   0.24 13.47  ? 1427 SER A CA  1 
ATOM   952  C CA  B SER A 1 136 ? 7.453   -19.518 3.823   0.22 14.75  ? 1427 SER A CA  1 
ATOM   953  C C   A SER A 1 136 ? 6.506   -20.548 3.203   0.24 14.13  ? 1427 SER A C   1 
ATOM   954  C C   B SER A 1 136 ? 6.471   -20.589 3.317   0.22 15.00  ? 1427 SER A C   1 
ATOM   955  O O   A SER A 1 136 ? 7.011   -21.635 2.873   0.24 13.23  ? 1427 SER A O   1 
ATOM   956  O O   B SER A 1 136 ? 6.879   -21.753 3.216   0.22 14.87  ? 1427 SER A O   1 
ATOM   957  C CB  A SER A 1 136 ? 7.021   -19.296 5.300   0.24 13.75  ? 1427 SER A CB  1 
ATOM   958  C CB  B SER A 1 136 ? 7.403   -19.323 5.302   0.22 15.73  ? 1427 SER A CB  1 
ATOM   959  O OG  A SER A 1 136 ? 6.931   -20.542 5.979   0.24 15.34  ? 1427 SER A OG  1 
ATOM   960  O OG  B SER A 1 136 ? 6.094   -19.027 5.739   0.22 19.27  ? 1427 SER A OG  1 
ATOM   961  N N   . ALA A 1 137 ? 5.234   -20.213 2.965   1.00 15.31  ? 1428 ALA A N   1 
ATOM   962  C CA  . ALA A 1 137 ? 4.244   -21.138 2.341   1.00 15.38  ? 1428 ALA A CA  1 
ATOM   963  C C   . ALA A 1 137 ? 4.735   -21.531 0.960   1.00 15.55  ? 1428 ALA A C   1 
ATOM   964  O O   . ALA A 1 137 ? 4.619   -22.721 0.581   1.00 16.04  ? 1428 ALA A O   1 
ATOM   965  C CB  . ALA A 1 137 ? 2.880   -20.498 2.205   1.00 16.98  ? 1428 ALA A CB  1 
ATOM   966  N N   . LEU A 1 138 ? 5.307   -20.654 0.140   1.00 14.98  ? 1429 LEU A N   1 
ATOM   967  C CA  . LEU A 1 138 ? 5.811   -21.017 -1.194  1.00 16.77  ? 1429 LEU A CA  1 
ATOM   968  C C   . LEU A 1 138 ? 7.039   -21.912 -1.094  1.00 16.52  ? 1429 LEU A C   1 
ATOM   969  O O   . LEU A 1 138 ? 7.136   -22.911 -1.863  1.00 15.46  ? 1429 LEU A O   1 
ATOM   970  C CB  . LEU A 1 138 ? 6.094   -19.739 -1.972  1.00 20.39  ? 1429 LEU A CB  1 
ATOM   971  C CG  . LEU A 1 138 ? 5.505   -19.591 -3.348  1.00 25.90  ? 1429 LEU A CG  1 
ATOM   972  C CD1 . LEU A 1 138 ? 4.042   -19.994 -3.479  1.00 25.00  ? 1429 LEU A CD1 1 
ATOM   973  C CD2 . LEU A 1 138 ? 5.764   -18.160 -3.751  1.00 23.76  ? 1429 LEU A CD2 1 
ATOM   974  N N   . ARG A 1 139 ? 7.916   -21.651 -0.108  1.00 13.63  ? 1430 ARG A N   1 
ATOM   975  C CA  . ARG A 1 139 ? 9.077   -22.532 0.063   1.00 14.10  ? 1430 ARG A CA  1 
ATOM   976  C C   . ARG A 1 139 ? 8.582   -23.937 0.465   1.00 13.51  ? 1430 ARG A C   1 
ATOM   977  O O   . ARG A 1 139 ? 9.135   -24.925 -0.060  1.00 14.64  ? 1430 ARG A O   1 
ATOM   978  C CB  . ARG A 1 139 ? 10.071  -22.001 1.096   1.00 13.91  ? 1430 ARG A CB  1 
ATOM   979  C CG  . ARG A 1 139 ? 10.814  -20.747 0.655   1.00 14.69  ? 1430 ARG A CG  1 
ATOM   980  C CD  . ARG A 1 139 ? 11.887  -20.322 1.655   1.00 14.70  ? 1430 ARG A CD  1 
ATOM   981  N NE  . ARG A 1 139 ? 11.452  -19.939 2.952   1.00 15.30  ? 1430 ARG A NE  1 
ATOM   982  C CZ  . ARG A 1 139 ? 11.214  -18.680 3.343   1.00 13.52  ? 1430 ARG A CZ  1 
ATOM   983  N NH1 . ARG A 1 139 ? 11.227  -17.687 2.483   1.00 14.31  ? 1430 ARG A NH1 1 
ATOM   984  N NH2 . ARG A 1 139 ? 10.873  -18.459 4.599   1.00 14.60  ? 1430 ARG A NH2 1 
ATOM   985  N N   . PHE A 1 140 ? 7.592   -24.040 1.349   1.00 13.07  ? 1431 PHE A N   1 
ATOM   986  C CA  . PHE A 1 140 ? 7.048   -25.337 1.813   1.00 14.31  ? 1431 PHE A CA  1 
ATOM   987  C C   . PHE A 1 140 ? 6.457   -26.085 0.604   1.00 14.28  ? 1431 PHE A C   1 
ATOM   988  O O   . PHE A 1 140 ? 6.712   -27.267 0.358   1.00 16.61  ? 1431 PHE A O   1 
ATOM   989  C CB  . PHE A 1 140 ? 6.054   -25.208 2.945   1.00 14.68  ? 1431 PHE A CB  1 
ATOM   990  C CG  . PHE A 1 140 ? 5.639   -26.532 3.514   1.00 16.78  ? 1431 PHE A CG  1 
ATOM   991  C CD1 . PHE A 1 140 ? 6.457   -27.218 4.411   1.00 19.87  ? 1431 PHE A CD1 1 
ATOM   992  C CD2 . PHE A 1 140 ? 4.432   -27.070 3.127   1.00 18.60  ? 1431 PHE A CD2 1 
ATOM   993  C CE1 . PHE A 1 140 ? 6.024   -28.417 4.974   1.00 19.46  ? 1431 PHE A CE1 1 
ATOM   994  C CE2 . PHE A 1 140 ? 4.010   -28.284 3.668   1.00 20.45  ? 1431 PHE A CE2 1 
ATOM   995  C CZ  . PHE A 1 140 ? 4.795   -28.929 4.610   1.00 19.26  ? 1431 PHE A CZ  1 
ATOM   996  N N   . HIS A 1 141 ? 5.764   -25.340 -0.251  1.00 15.75  ? 1432 HIS A N   1 
ATOM   997  C CA  . HIS A 1 141 ? 5.139   -25.938 -1.476  1.00 18.70  ? 1432 HIS A CA  1 
ATOM   998  C C   . HIS A 1 141 ? 6.200   -26.580 -2.395  1.00 20.10  ? 1432 HIS A C   1 
ATOM   999  O O   . HIS A 1 141 ? 5.938   -27.653 -3.007  1.00 20.00  ? 1432 HIS A O   1 
ATOM   1000 C CB  . HIS A 1 141 ? 4.302   -24.874 -2.190  1.00 17.69  ? 1432 HIS A CB  1 
ATOM   1001 C CG  . HIS A 1 141 ? 3.478   -25.459 -3.306  1.00 17.78  ? 1432 HIS A CG  1 
ATOM   1002 N ND1 . HIS A 1 141 ? 2.333   -26.197 -3.045  1.00 19.38  ? 1432 HIS A ND1 1 
ATOM   1003 C CD2 . HIS A 1 141 ? 3.650   -25.457 -4.649  1.00 19.63  ? 1432 HIS A CD2 1 
ATOM   1004 C CE1 . HIS A 1 141 ? 1.805   -26.608 -4.204  1.00 17.51  ? 1432 HIS A CE1 1 
ATOM   1005 N NE2 . HIS A 1 141 ? 2.604   -26.169 -5.223  1.00 18.43  ? 1432 HIS A NE2 1 
ATOM   1006 N N   . LYS A 1 142 ? 7.371   -25.954 -2.511  1.00 20.80  ? 1433 LYS A N   1 
ATOM   1007 C CA  . LYS A 1 142 ? 8.492   -26.427 -3.370  1.00 23.14  ? 1433 LYS A CA  1 
ATOM   1008 C C   . LYS A 1 142 ? 9.551   -27.162 -2.534  1.00 24.15  ? 1433 LYS A C   1 
ATOM   1009 O O   . LYS A 1 142 ? 10.717  -27.203 -2.974  1.00 27.47  ? 1433 LYS A O   1 
ATOM   1010 C CB  . LYS A 1 142 ? 9.077   -25.218 -4.105  1.00 25.87  ? 1433 LYS A CB  1 
ATOM   1011 C CG  . LYS A 1 142 ? 8.037   -24.323 -4.771  1.00 26.79  ? 1433 LYS A CG  1 
ATOM   1012 C CD  . LYS A 1 142 ? 8.603   -23.064 -5.392  1.00 27.93  ? 1433 LYS A CD  1 
ATOM   1013 C CE  . LYS A 1 142 ? 7.656   -21.888 -5.305  1.00 28.06  ? 1433 LYS A CE  1 
ATOM   1014 N NZ  . LYS A 1 142 ? 8.343   -20.607 -5.607  1.00 27.20  ? 1433 LYS A NZ  1 
ATOM   1015 N N   . ARG A 1 143 ? 9.186   -27.738 -1.388  1.00 23.37  ? 1434 ARG A N   1 
ATOM   1016 C CA  . ARG A 1 143 ? 10.173  -28.416 -0.498  1.00 25.79  ? 1434 ARG A CA  1 
ATOM   1017 C C   . ARG A 1 143 ? 10.764  -29.719 -1.071  1.00 36.73  ? 1434 ARG A C   1 
ATOM   1018 O O   . ARG A 1 143 ? 11.922  -30.042 -0.728  1.00 41.69  ? 1434 ARG A O   1 
ATOM   1019 C CB  . ARG A 1 143 ? 9.578   -28.638 0.893   1.00 21.97  ? 1434 ARG A CB  1 
ATOM   1020 C CG  . ARG A 1 143 ? 8.534   -29.733 0.940   1.00 22.73  ? 1434 ARG A CG  1 
ATOM   1021 C CD  . ARG A 1 143 ? 7.806   -29.736 2.250   1.00 24.91  ? 1434 ARG A CD  1 
ATOM   1022 N NE  . ARG A 1 143 ? 6.820   -30.797 2.348   1.00 26.88  ? 1434 ARG A NE  1 
ATOM   1023 C CZ  . ARG A 1 143 ? 5.632   -30.784 1.770   1.00 28.10  ? 1434 ARG A CZ  1 
ATOM   1024 N NH1 . ARG A 1 143 ? 5.285   -29.769 0.980   1.00 23.03  ? 1434 ARG A NH1 1 
ATOM   1025 N NH2 . ARG A 1 143 ? 4.809   -31.821 1.923   1.00 26.82  ? 1434 ARG A NH2 1 
ATOM   1026 N N   . ASN A 1 144 ? 9.980   -30.489 -1.828  1.00 33.09  ? 1435 ASN A N   1 
ATOM   1027 C CA  . ASN A 1 144 ? 10.358  -31.853 -2.306  1.00 33.63  ? 1435 ASN A CA  1 
ATOM   1028 C C   . ASN A 1 144 ? 10.655  -31.805 -3.808  1.00 32.83  ? 1435 ASN A C   1 
ATOM   1029 O O   . ASN A 1 144 ? 11.082  -32.855 -4.323  1.00 32.43  ? 1435 ASN A O   1 
ATOM   1030 C CB  . ASN A 1 144 ? 9.267   -32.896 -2.037  1.00 32.94  ? 1435 ASN A CB  1 
ATOM   1031 C CG  . ASN A 1 144 ? 9.112   -33.239 -0.569  1.00 32.14  ? 1435 ASN A CG  1 
ATOM   1032 O OD1 . ASN A 1 144 ? 10.096  -33.503 0.122   1.00 32.00  ? 1435 ASN A OD1 1 
ATOM   1033 N ND2 . ASN A 1 144 ? 7.880   -33.244 -0.089  1.00 30.16  ? 1435 ASN A ND2 1 
HETATM 1034 N N1  . ZMW B 2 .   ? -5.461  13.695  -2.546  0.57 28.93  ? 1901 ZMW A N1  1 
HETATM 1035 N N3  . ZMW B 2 .   ? -0.556  14.589  -2.221  0.57 23.12  ? 1901 ZMW A N3  1 
HETATM 1036 C C4  . ZMW B 2 .   ? -8.972  13.695  -1.259  0.57 33.02  ? 1901 ZMW A C4  1 
HETATM 1037 C C5  . ZMW B 2 .   ? -9.634  13.958  -0.069  0.57 33.49  ? 1901 ZMW A C5  1 
HETATM 1038 C C6  . ZMW B 2 .   ? -8.961  14.522  0.986   0.57 35.11  ? 1901 ZMW A C6  1 
HETATM 1039 C C7  . ZMW B 2 .   ? -7.638  14.845  0.855   0.57 33.43  ? 1901 ZMW A C7  1 
HETATM 1040 C C8  . ZMW B 2 .   ? -6.972  14.598  -0.337  0.57 33.11  ? 1901 ZMW A C8  1 
HETATM 1041 C C10 . ZMW B 2 .   ? -1.326  13.389  -2.539  0.57 23.93  ? 1901 ZMW A C10 1 
HETATM 1042 C C13 . ZMW B 2 .   ? 0.541   14.545  -1.440  0.57 22.51  ? 1901 ZMW A C13 1 
HETATM 1043 C C15 . ZMW B 2 .   ? 2.408   15.922  -0.382  0.57 22.26  ? 1901 ZMW A C15 1 
HETATM 1044 C C17 . ZMW B 2 .   ? 1.304   17.854  -0.366  0.57 22.30  ? 1901 ZMW A C17 1 
HETATM 1045 C C1  . ZMW B 2 .   ? -4.700  14.807  -2.643  0.57 26.25  ? 1901 ZMW A C1  1 
HETATM 1046 C C11 . ZMW B 2 .   ? -1.200  15.773  -2.802  0.57 23.20  ? 1901 ZMW A C11 1 
HETATM 1047 C C12 . ZMW B 2 .   ? -2.581  15.953  -2.199  0.57 23.91  ? 1901 ZMW A C12 1 
HETATM 1048 C C14 . ZMW B 2 .   ? 1.184   15.733  -0.923  0.57 22.10  ? 1901 ZMW A C14 1 
HETATM 1049 C C16 . ZMW B 2 .   ? 2.503   17.292  -0.043  0.57 20.87  ? 1901 ZMW A C16 1 
HETATM 1050 C C2  . ZMW B 2 .   ? -6.910  13.717  -2.696  0.57 29.63  ? 1901 ZMW A C2  1 
HETATM 1051 C C3  . ZMW B 2 .   ? -7.631  14.012  -1.404  0.57 32.00  ? 1901 ZMW A C3  1 
HETATM 1052 C C9  . ZMW B 2 .   ? -2.689  13.512  -1.887  0.57 23.75  ? 1901 ZMW A C9  1 
HETATM 1053 N N2  . ZMW B 2 .   ? -3.389  14.731  -2.301  0.57 23.30  ? 1901 ZMW A N2  1 
HETATM 1054 O O1  . ZMW B 2 .   ? -5.200  15.890  -2.986  0.57 23.71  ? 1901 ZMW A O1  1 
HETATM 1055 O O2  . ZMW B 2 .   ? 1.005   13.461  -1.094  0.57 23.05  ? 1901 ZMW A O2  1 
HETATM 1056 O O3  . ZMW B 2 .   ? 0.481   16.914  -0.910  0.57 21.29  ? 1901 ZMW A O3  1 
HETATM 1057 O O   . HOH C 3 .   ? 11.437  22.139  1.255   1.00 31.30  ? 2001 HOH A O   1 
HETATM 1058 O O   . HOH C 3 .   ? 3.124   11.883  -15.821 1.00 40.61  ? 2002 HOH A O   1 
HETATM 1059 O O   . HOH C 3 .   ? -0.513  9.243   -5.979  0.57 7.62   ? 2003 HOH A O   1 
HETATM 1060 O O   . HOH C 3 .   ? -0.056  15.539  10.071  1.00 34.10  ? 2004 HOH A O   1 
HETATM 1061 O O   . HOH C 3 .   ? 8.718   14.944  8.958   0.57 23.95  ? 2005 HOH A O   1 
HETATM 1062 O O   . HOH C 3 .   ? 2.693   -17.666 -11.816 1.00 37.54  ? 2006 HOH A O   1 
HETATM 1063 O O   . HOH C 3 .   ? 5.437   17.652  10.264  1.00 49.81  ? 2007 HOH A O   1 
HETATM 1064 O O   . HOH C 3 .   ? 11.488  -32.643 1.985   1.00 50.07  ? 2008 HOH A O   1 
HETATM 1065 O O   . HOH C 3 .   ? 10.008  16.910  -2.678  1.00 30.05  ? 2009 HOH A O   1 
HETATM 1066 O O   . HOH C 3 .   ? -0.092  -8.463  9.981   1.00 30.59  ? 2010 HOH A O   1 
HETATM 1067 O O   . HOH C 3 .   ? 5.418   -11.592 -6.892  1.00 31.66  ? 2011 HOH A O   1 
HETATM 1068 O O   . HOH C 3 .   ? -0.728  -2.536  -10.010 1.00 39.17  ? 2012 HOH A O   1 
HETATM 1069 O O   . HOH C 3 .   ? 11.299  12.462  5.886   1.00 35.47  ? 2013 HOH A O   1 
HETATM 1070 O O   . HOH C 3 .   ? 8.809   -21.871 7.119   1.00 30.08  ? 2014 HOH A O   1 
HETATM 1071 O O   . HOH C 3 .   ? 6.887   -30.073 -2.952  1.00 39.39  ? 2015 HOH A O   1 
HETATM 1072 O O   . HOH C 3 .   ? 3.984   -29.152 -3.854  1.00 40.08  ? 2016 HOH A O   1 
HETATM 1073 O O   . HOH C 3 .   ? -7.217  23.063  -13.593 0.57 28.43  ? 2017 HOH A O   1 
HETATM 1074 O O   . HOH C 3 .   ? -11.084 -11.522 -6.456  1.00 19.91  ? 2018 HOH A O   1 
HETATM 1075 O O   . HOH C 3 .   ? -11.863 13.986  2.090   0.57 36.36  ? 2019 HOH A O   1 
HETATM 1076 O O   . HOH C 3 .   ? 5.934   1.983   3.156   1.00 20.57  ? 2020 HOH A O   1 
HETATM 1077 O O   . HOH C 3 .   ? 3.622   -8.087  10.906  1.00 21.12  ? 2021 HOH A O   1 
HETATM 1078 O O   . HOH C 3 .   ? 8.474   25.512  7.795   0.57 40.97  ? 2022 HOH A O   1 
HETATM 1079 O O   . HOH C 3 .   ? 7.132   7.788   -6.512  1.00 17.25  ? 2023 HOH A O   1 
HETATM 1080 O O   . HOH C 3 .   ? 9.822   15.745  -6.675  0.57 20.08  ? 2024 HOH A O   1 
HETATM 1081 O O   . HOH C 3 .   ? -9.597  3.808   -7.944  1.00 36.21  ? 2025 HOH A O   1 
HETATM 1082 O O   . HOH C 3 .   ? -7.035  15.838  -4.941  0.57 22.86  ? 2026 HOH A O   1 
HETATM 1083 O O   . HOH C 3 .   ? 4.910   23.193  7.290   0.57 34.75  ? 2027 HOH A O   1 
HETATM 1084 O O   . HOH C 3 .   ? 0.972   -17.665 -5.321  1.00 33.75  ? 2028 HOH A O   1 
HETATM 1085 O O   . HOH C 3 .   ? 6.073   9.223   2.316   1.00 18.30  ? 2029 HOH A O   1 
HETATM 1086 O O   . HOH C 3 .   ? -12.231 -4.724  -8.429  0.57 24.47  ? 2030 HOH A O   1 
HETATM 1087 O O   . HOH C 3 .   ? -1.993  9.150   -3.453  0.57 17.22  ? 2031 HOH A O   1 
HETATM 1088 O O   . HOH C 3 .   ? 2.631   -24.444 1.205   1.00 16.56  ? 2032 HOH A O   1 
HETATM 1089 O O   . HOH C 3 .   ? 1.852   -26.586 -0.412  1.00 15.93  ? 2033 HOH A O   1 
HETATM 1090 O O   . HOH C 3 .   ? -5.580  -20.089 6.281   1.00 38.51  ? 2034 HOH A O   1 
HETATM 1091 O O   . HOH C 3 .   ? 6.515   -16.085 9.298   1.00 34.97  ? 2035 HOH A O   1 
HETATM 1092 O O   . HOH C 3 .   ? 1.450   -4.028  15.917  1.00 30.00  ? 2036 HOH A O   1 
HETATM 1093 O O   . HOH C 3 .   ? -11.521 5.958   -6.661  0.57 27.98  ? 2037 HOH A O   1 
HETATM 1094 O O   . HOH C 3 .   ? 8.030   -11.372 9.719   1.00 22.51  ? 2038 HOH A O   1 
HETATM 1095 O O   . HOH C 3 .   ? -1.580  4.801   -11.991 1.00 28.09  ? 2039 HOH A O   1 
HETATM 1096 O O   . HOH C 3 .   ? 11.777  -24.901 -0.717  1.00 31.68  ? 2040 HOH A O   1 
HETATM 1097 O O   . HOH C 3 .   ? -4.845  -15.420 8.080   1.00 40.64  ? 2041 HOH A O   1 
HETATM 1098 O O   . HOH C 3 .   ? 10.523  -10.132 2.303   1.00 35.62  ? 2042 HOH A O   1 
HETATM 1099 O O   . HOH C 3 .   ? 1.200   0.901   14.840  1.00 16.15  ? 2043 HOH A O   1 
HETATM 1100 O O   . HOH C 3 .   ? 10.304  -7.973  10.187  1.00 41.14  ? 2044 HOH A O   1 
HETATM 1101 O O   . HOH C 3 .   ? -3.436  -1.453  -10.324 1.00 39.82  ? 2045 HOH A O   1 
HETATM 1102 O O   . HOH C 3 .   ? 7.556   6.022   8.166   1.00 26.69  ? 2046 HOH A O   1 
HETATM 1103 O O   . HOH C 3 .   ? 7.588   -4.295  6.513   1.00 17.84  ? 2047 HOH A O   1 
HETATM 1104 O O   . HOH C 3 .   ? 6.700   -1.260  14.563  1.00 26.72  ? 2048 HOH A O   1 
HETATM 1105 O O   . HOH C 3 .   ? -9.277  -6.839  -14.349 1.00 32.12  ? 2049 HOH A O   1 
HETATM 1106 O O   . HOH C 3 .   ? -6.849  14.452  10.005  1.00 37.43  ? 2050 HOH A O   1 
HETATM 1107 O O   . HOH C 3 .   ? -11.641 -9.275  -12.275 1.00 34.04  ? 2051 HOH A O   1 
HETATM 1108 O O   . HOH C 3 .   ? -10.778 -12.826 -0.569  1.00 33.24  ? 2052 HOH A O   1 
HETATM 1109 O O   . HOH C 3 .   ? 3.366   7.796   -16.843 1.00 46.40  ? 2053 HOH A O   1 
HETATM 1110 O O   . HOH C 3 .   ? -1.758  8.691   13.698  0.64 19.46  ? 2054 HOH A O   1 
HETATM 1111 O O   . HOH C 3 .   ? -3.995  11.217  -9.371  0.57 26.09  ? 2055 HOH A O   1 
HETATM 1112 O O   . HOH C 3 .   ? 8.002   3.485   -4.723  1.00 20.42  ? 2056 HOH A O   1 
HETATM 1113 O O   . HOH C 3 .   ? -7.099  -15.245 1.550   1.00 14.46  ? 2057 HOH A O   1 
HETATM 1114 O O   . HOH C 3 .   ? 4.082   -0.097  -8.595  1.00 29.57  ? 2058 HOH A O   1 
HETATM 1115 O O   . HOH C 3 .   ? 7.040   1.057   -5.220  1.00 15.89  ? 2059 HOH A O   1 
HETATM 1116 O O   . HOH C 3 .   ? 1.424   5.084   12.651  1.00 20.23  ? 2060 HOH A O   1 
HETATM 1117 O O   . HOH C 3 .   ? 7.398   -5.569  -2.916  1.00 21.00  ? 2061 HOH A O   1 
HETATM 1118 O O   . HOH C 3 .   ? -6.117  -15.262 5.511   1.00 22.94  ? 2062 HOH A O   1 
HETATM 1119 O O   . HOH C 3 .   ? -6.617  4.030   -10.708 1.00 30.32  ? 2063 HOH A O   1 
HETATM 1120 O O   . HOH C 3 .   ? 9.970   9.792   -3.489  1.00 22.55  ? 2064 HOH A O   1 
HETATM 1121 O O   . HOH C 3 .   ? -7.538  7.555   13.115  1.00 34.58  ? 2065 HOH A O   1 
HETATM 1122 O O   . HOH C 3 .   ? 0.536   -14.504 4.136   1.00 14.00  ? 2066 HOH A O   1 
HETATM 1123 O O   . HOH C 3 .   ? -10.173 -14.862 -4.170  1.00 17.41  ? 2067 HOH A O   1 
HETATM 1124 O O   . HOH C 3 .   ? 4.905   -15.478 -6.082  1.00 26.05  ? 2068 HOH A O   1 
HETATM 1125 O O   . HOH C 3 .   ? 8.069   5.517   4.031   1.00 31.71  ? 2069 HOH A O   1 
HETATM 1126 O O   . HOH C 3 .   ? 8.816   -23.283 4.542   1.00 18.20  ? 2070 HOH A O   1 
HETATM 1127 O O   . HOH C 3 .   ? 8.750   -9.514  6.029   1.00 20.23  ? 2071 HOH A O   1 
HETATM 1128 O O   . HOH C 3 .   ? 5.113   11.975  10.681  1.00 23.50  ? 2072 HOH A O   1 
HETATM 1129 O O   . HOH C 3 .   ? 9.948   -5.837  0.641   1.00 34.61  ? 2073 HOH A O   1 
HETATM 1130 O O   . HOH C 3 .   ? 7.940   4.218   -0.461  1.00 15.31  ? 2074 HOH A O   1 
HETATM 1131 O O   . HOH C 3 .   ? 11.323  -22.243 4.556   1.00 21.05  ? 2075 HOH A O   1 
HETATM 1132 O O   . HOH C 3 .   ? 2.663   -3.885  -8.199  1.00 22.78  ? 2076 HOH A O   1 
HETATM 1133 O O   . HOH C 3 .   ? -4.308  13.171  10.600  1.00 38.20  ? 2077 HOH A O   1 
HETATM 1134 O O   . HOH C 3 .   ? 9.206   -18.011 -1.279  1.00 17.88  ? 2078 HOH A O   1 
HETATM 1135 O O   . HOH C 3 .   ? 10.730  8.692   3.769   1.00 30.80  ? 2079 HOH A O   1 
HETATM 1136 O O   . HOH C 3 .   ? -5.613  -9.923  -6.252  1.00 14.19  ? 2080 HOH A O   1 
HETATM 1137 O O   . HOH C 3 .   ? -4.214  -8.281  8.356   1.00 27.45  ? 2081 HOH A O   1 
HETATM 1138 O O   . HOH C 3 .   ? 5.245   7.939   -9.783  1.00 20.43  ? 2082 HOH A O   1 
HETATM 1139 O O   . HOH C 3 .   ? -11.923 -9.619  4.260   1.00 38.49  ? 2083 HOH A O   1 
HETATM 1140 O O   . HOH C 3 .   ? -14.345 -9.058  -7.769  1.00 45.92  ? 2084 HOH A O   1 
HETATM 1141 O O   . HOH C 3 .   ? 10.086  -9.193  -2.023  1.00 33.92  ? 2085 HOH A O   1 
HETATM 1142 O O   . HOH C 3 .   ? -10.407 -4.063  2.216   1.00 32.99  ? 2086 HOH A O   1 
HETATM 1143 O O   . HOH C 3 .   ? 0.345   -18.474 5.079   1.00 20.08  ? 2087 HOH A O   1 
HETATM 1144 O O   . HOH C 3 .   ? 7.826   3.369   7.196   1.00 21.84  ? 2088 HOH A O   1 
HETATM 1145 O O   . HOH C 3 .   ? -12.804 10.493  12.108  1.00 25.30  ? 2089 HOH A O   1 
HETATM 1146 O O   . HOH C 3 .   ? 2.620   -29.167 0.130   1.00 22.56  ? 2090 HOH A O   1 
HETATM 1147 O O   . HOH C 3 .   ? 7.180   0.383   10.948  1.00 23.04  ? 2091 HOH A O   1 
HETATM 1148 O O   . HOH C 3 .   ? -7.623  -4.257  -11.457 1.00 31.77  ? 2092 HOH A O   1 
HETATM 1149 O O   . HOH C 3 .   ? -1.236  -5.580  -10.583 1.00 26.17  ? 2093 HOH A O   1 
HETATM 1150 O O   . HOH C 3 .   ? 1.384   12.461  -3.758  0.57 17.41  ? 2094 HOH A O   1 
HETATM 1151 O O   . HOH C 3 .   ? -12.583 0.372   7.117   1.00 28.51  ? 2095 HOH A O   1 
HETATM 1152 O O   . HOH C 3 .   ? 4.028   12.521  13.230  1.00 20.13  ? 2096 HOH A O   1 
HETATM 1153 O O   . HOH C 3 .   ? -7.159  18.043  10.933  0.57 21.81  ? 2097 HOH A O   1 
HETATM 1154 O O   . HOH C 3 .   ? 0.540   10.054  -2.594  0.57 15.96  ? 2098 HOH A O   1 
HETATM 1155 O O   . HOH C 3 .   ? -12.759 5.469   5.328   0.57 19.78  ? 2099 HOH A O   1 
HETATM 1156 O O   . HOH C 3 .   ? 7.430   -5.281  11.218  1.00 30.62  ? 2100 HOH A O   1 
HETATM 1157 O O   . HOH C 3 .   ? 6.208   -5.767  12.865  1.00 28.47  ? 2101 HOH A O   1 
HETATM 1158 O O   . HOH C 3 .   ? -9.814  -5.071  9.380   1.00 36.60  ? 2102 HOH A O   1 
HETATM 1159 O O   . HOH C 3 .   ? -6.483  -18.572 2.180   1.00 19.11  ? 2103 HOH A O   1 
HETATM 1160 O O   . HOH C 3 .   ? 1.517   0.189   -10.505 1.00 53.27  ? 2104 HOH A O   1 
HETATM 1161 O O   . HOH C 3 .   ? 9.669   -20.109 -3.065  1.00 29.39  ? 2105 HOH A O   1 
HETATM 1162 O O   . HOH C 3 .   ? 6.558   -9.472  11.714  1.00 30.11  ? 2106 HOH A O   1 
HETATM 1163 O O   . HOH C 3 .   ? -4.334  10.532  -3.211  0.57 18.40  ? 2107 HOH A O   1 
HETATM 1164 O O   . HOH C 3 .   ? 7.648   16.396  -16.498 1.00 44.08  ? 2108 HOH A O   1 
HETATM 1165 O O   . HOH C 3 .   ? -13.999 2.128   2.601   1.00 39.11  ? 2109 HOH A O   1 
HETATM 1166 O O   . HOH C 3 .   ? 5.479   21.856  -10.794 1.00 34.27  ? 2110 HOH A O   1 
HETATM 1167 O O   . HOH C 3 .   ? -12.038 0.468   -3.561  1.00 38.72  ? 2111 HOH A O   1 
HETATM 1168 O O   . HOH C 3 .   ? 11.848  20.214  4.800   0.57 26.19  ? 2112 HOH A O   1 
HETATM 1169 O O   . HOH C 3 .   ? -3.361  9.576   -7.358  0.57 14.71  ? 2113 HOH A O   1 
HETATM 1170 O O   . HOH C 3 .   ? -0.976  6.188   10.952  1.00 24.60  ? 2114 HOH A O   1 
HETATM 1171 O O   . HOH C 3 .   ? -0.187  -16.391 2.153   1.00 13.85  ? 2115 HOH A O   1 
HETATM 1172 O O   . HOH C 3 .   ? -4.088  7.215   -8.057  1.00 19.86  ? 2116 HOH A O   1 
HETATM 1173 O O   . HOH C 3 .   ? -2.216  -19.339 -5.446  1.00 24.89  ? 2117 HOH A O   1 
HETATM 1174 O O   . HOH C 3 .   ? -8.260  10.941  -1.054  0.57 19.02  ? 2118 HOH A O   1 
HETATM 1175 O O   . HOH C 3 .   ? 11.766  -17.474 -0.441  1.00 21.23  ? 2119 HOH A O   1 
HETATM 1176 O O   . HOH C 3 .   ? -13.722 3.981   -1.495  0.57 29.17  ? 2120 HOH A O   1 
HETATM 1177 O O   . HOH C 3 .   ? -5.244  -15.703 -2.532  1.00 17.29  ? 2121 HOH A O   1 
HETATM 1178 O O   . HOH C 3 .   ? -3.068  -16.544 -3.976  1.00 22.00  ? 2122 HOH A O   1 
HETATM 1179 O O   . HOH C 3 .   ? 10.591  -7.106  7.953   1.00 39.83  ? 2123 HOH A O   1 
HETATM 1180 O O   . HOH C 3 .   ? -13.140 0.535   4.629   1.00 35.02  ? 2124 HOH A O   1 
HETATM 1181 O O   . HOH C 3 .   ? 9.946   -5.856  3.133   1.00 26.63  ? 2125 HOH A O   1 
HETATM 1182 O O   . HOH C 3 .   ? 4.315   -12.328 -9.611  1.00 34.73  ? 2126 HOH A O   1 
HETATM 1183 O O   . HOH C 3 .   ? -6.911  1.551   12.233  1.00 33.66  ? 2127 HOH A O   1 
HETATM 1184 O O   . HOH C 3 .   ? 0.365   -12.864 8.421   1.00 29.87  ? 2128 HOH A O   1 
HETATM 1185 O O   . HOH C 3 .   ? -11.753 7.531   11.129  1.00 29.84  ? 2129 HOH A O   1 
HETATM 1186 O O   . HOH C 3 .   ? -0.552  -16.908 7.001   1.00 21.11  ? 2130 HOH A O   1 
HETATM 1187 O O   . HOH C 3 .   ? 8.337   -2.983  -2.784  1.00 19.51  ? 2131 HOH A O   1 
HETATM 1188 O O   . HOH C 3 .   ? -11.762 8.485   8.864   1.00 35.95  ? 2132 HOH A O   1 
HETATM 1189 O O   . HOH C 3 .   ? -1.356  -20.760 6.940   1.00 26.69  ? 2133 HOH A O   1 
HETATM 1190 O O   . HOH C 3 .   ? -12.505 1.779   -1.497  1.00 35.94  ? 2134 HOH A O   1 
HETATM 1191 O O   . HOH C 3 .   ? -13.168 9.285   2.972   1.00 36.19  ? 2135 HOH A O   1 
HETATM 1192 O O   . HOH C 3 .   ? 5.422   22.052  -13.298 1.00 31.95  ? 2136 HOH A O   1 
HETATM 1193 O O   . HOH C 3 .   ? 8.756   3.399   -2.425  1.00 161.80 ? 2137 HOH A O   1 
HETATM 1194 O O   . HOH C 3 .   ? 13.687  11.679  4.568   1.00 50.01  ? 2138 HOH A O   1 
HETATM 1195 O O   . HOH C 3 .   ? 7.303   9.793   -10.317 1.00 28.57  ? 2139 HOH A O   1 
HETATM 1196 O O   . HOH C 3 .   ? 6.476   -7.228  -6.665  1.00 31.31  ? 2140 HOH A O   1 
HETATM 1197 O O   . HOH C 3 .   ? 7.024   13.876  10.568  1.00 28.92  ? 2141 HOH A O   1 
HETATM 1198 O O   . HOH C 3 .   ? 8.266   -2.840  10.382  1.00 52.50  ? 2142 HOH A O   1 
HETATM 1199 O O   . HOH C 3 .   ? -5.546  17.138  -19.504 1.00 38.63  ? 2143 HOH A O   1 
HETATM 1200 O O   . HOH C 3 .   ? 9.774   -25.823 3.551   1.00 18.97  ? 2144 HOH A O   1 
HETATM 1201 O O   . HOH C 3 .   ? -11.251 -8.613  7.436   1.00 51.96  ? 2145 HOH A O   1 
HETATM 1202 O O   . HOH C 3 .   ? 9.012   6.785   0.183   1.00 18.74  ? 2146 HOH A O   1 
HETATM 1203 O O   . HOH C 3 .   ? 7.972   -17.627 8.503   1.00 42.95  ? 2147 HOH A O   1 
HETATM 1204 O O   . HOH C 3 .   ? 8.818   -6.682  5.626   1.00 19.69  ? 2148 HOH A O   1 
HETATM 1205 O O   . HOH C 3 .   ? 11.722  -25.943 2.332   1.00 55.71  ? 2149 HOH A O   1 
HETATM 1206 O O   . HOH C 3 .   ? -14.018 7.137   7.068   1.00 27.22  ? 2150 HOH A O   1 
HETATM 1207 O O   . HOH C 3 .   ? 11.513  12.095  -3.436  1.00 26.02  ? 2151 HOH A O   1 
HETATM 1208 O O   . HOH C 3 .   ? 6.164   7.217   12.104  1.00 29.21  ? 2152 HOH A O   1 
HETATM 1209 O O   . HOH C 3 .   ? 4.307   -19.307 10.428  1.00 41.30  ? 2153 HOH A O   1 
HETATM 1210 O O   . HOH C 3 .   ? 10.273  -13.909 -2.966  1.00 35.73  ? 2154 HOH A O   1 
HETATM 1211 O O   . HOH C 3 .   ? -4.625  9.644   13.619  1.00 38.54  ? 2155 HOH A O   1 
HETATM 1212 O O   . HOH C 3 .   ? 6.801   5.548   -10.459 1.00 39.42  ? 2156 HOH A O   1 
HETATM 1213 O O   . HOH C 3 .   ? -15.096 8.939   5.393   1.00 24.65  ? 2157 HOH A O   1 
HETATM 1214 O O   . HOH C 3 .   ? -12.407 -5.925  1.480   0.57 31.71  ? 2158 HOH A O   1 
HETATM 1215 O O   . HOH C 3 .   ? -14.706 -3.493  8.399   1.00 34.53  ? 2159 HOH A O   1 
HETATM 1216 O O   . HOH C 3 .   ? -16.156 -12.850 8.302   1.00 26.44  ? 2160 HOH A O   1 
HETATM 1217 O O   . HOH C 3 .   ? 8.180   2.911   1.941   1.00 24.30  ? 2161 HOH A O   1 
HETATM 1218 O O   . HOH C 3 .   ? 2.023   -10.676 13.951  1.00 40.46  ? 2162 HOH A O   1 
HETATM 1219 O O   . HOH C 3 .   ? -2.443  -6.716  9.714   1.00 32.66  ? 2163 HOH A O   1 
HETATM 1220 O O   . HOH C 3 .   ? 8.345   7.755   2.698   1.00 20.55  ? 2164 HOH A O   1 
HETATM 1221 O O   . HOH C 3 .   ? 9.534   0.525   -9.172  1.00 36.98  ? 2165 HOH A O   1 
HETATM 1222 O O   . HOH C 3 .   ? 11.066  13.533  8.124   1.00 39.94  ? 2166 HOH A O   1 
HETATM 1223 O O   . HOH C 3 .   ? 11.708  -0.037  0.038   1.00 59.75  ? 2167 HOH A O   1 
HETATM 1224 O O   . HOH C 3 .   ? -8.330  -6.353  11.156  1.00 43.96  ? 2168 HOH A O   1 
HETATM 1225 O O   . HOH C 3 .   ? -13.851 -7.287  8.850   1.00 46.78  ? 2169 HOH A O   1 
HETATM 1226 O O   . HOH C 3 .   ? 8.009   -7.190  -0.908  1.00 28.04  ? 2170 HOH A O   1 
HETATM 1227 O O   . HOH C 3 .   ? -9.177  -14.976 -0.193  1.00 22.64  ? 2171 HOH A O   1 
HETATM 1228 O O   . HOH C 3 .   ? -7.869  -16.668 3.919   1.00 26.46  ? 2172 HOH A O   1 
HETATM 1229 O O   . HOH C 3 .   ? -4.795  6.720   -10.712 1.00 35.45  ? 2173 HOH A O   1 
HETATM 1230 O O   . HOH C 3 .   ? 7.081   9.691   11.143  1.00 44.16  ? 2174 HOH A O   1 
HETATM 1231 O O   . HOH C 3 .   ? 11.409  8.617   6.092   1.00 49.15  ? 2175 HOH A O   1 
HETATM 1232 O O   . HOH C 3 .   ? 6.983   1.096   -8.022  1.00 28.67  ? 2176 HOH A O   1 
HETATM 1233 O O   . HOH C 3 .   ? 11.567  -21.892 -2.699  1.00 41.83  ? 2177 HOH A O   1 
HETATM 1234 O O   . HOH C 3 .   ? -0.208  20.708  1.386   0.57 28.13  ? 2178 HOH A O   1 
HETATM 1235 O O   . HOH C 3 .   ? 8.061   -1.329  12.509  1.00 32.08  ? 2179 HOH A O   1 
HETATM 1236 O O   . HOH C 3 .   ? 7.302   -14.165 11.301  1.00 28.35  ? 2180 HOH A O   1 
HETATM 1237 O O   . HOH C 3 .   ? 9.088   -0.458  -4.088  1.00 31.46  ? 2181 HOH A O   1 
HETATM 1238 O O   . HOH C 3 .   ? -10.199 0.095   12.485  1.00 56.05  ? 2182 HOH A O   1 
HETATM 1239 O O   . HOH C 3 .   ? -8.032  -16.921 -2.757  0.50 11.64  ? 2183 HOH A O   1 
HETATM 1240 O O   . HOH C 3 .   ? 8.901   1.529   8.637   1.00 33.53  ? 2184 HOH A O   1 
HETATM 1241 O O   . HOH C 3 .   ? 13.630  -19.281 -1.345  1.00 35.61  ? 2185 HOH A O   1 
HETATM 1242 O O   . HOH C 3 .   ? 5.213   -10.600 13.585  1.00 41.28  ? 2186 HOH A O   1 
HETATM 1243 O O   . HOH C 3 .   ? -11.962 11.504  -3.318  0.57 39.30  ? 2187 HOH A O   1 
HETATM 1244 O O   . HOH C 3 .   ? 8.274   -15.626 -2.780  1.00 22.52  ? 2188 HOH A O   1 
# 
